data_7MVU
#
_entry.id   7MVU
#
_cell.length_a   1.00
_cell.length_b   1.00
_cell.length_c   1.00
_cell.angle_alpha   90.00
_cell.angle_beta   90.00
_cell.angle_gamma   90.00
#
_symmetry.space_group_name_H-M   'P 1'
#
loop_
_entity.id
_entity.type
_entity.pdbx_description
1 polymer 'Nucleoporin NUP192'
2 polymer 'Nucleoporin NIC96'
#
loop_
_entity_poly.entity_id
_entity_poly.type
_entity_poly.pdbx_seq_one_letter_code
_entity_poly.pdbx_strand_id
1 'polypeptide(L)'
;GPLMSGLNDIFEAQKIEWHEGSAGGSGHMTDLRKLEALQALHAELVAVRQHRFEGLQVLETLLEEQTDAFKALIAKPARD
TKDREALGKEPKKLKIGEEEYSLNEDFVNDCLKLADELDLNEKESARILIDCDAEGDVETQSRPLWECGVIRFHQERKYL
LDCMRLILEIAADEDIDAGLQESFGVAAEDKIFGIPPPWERNKENQPTQVKKFIPRCMEAMKGVRSMLQCMADKANARNM
LQQASLVRPLDNQETLDFSRLSLVEQHECLASILHAAVQRHHATIADFQDFIKILRKWDKYDHFLIHLIPVLAAYITEFG
SPEGMGDLQQARRLNDFICKGGDEDSWALPVLGAAVRAWWIAEHNGFYLDDTVQDLRGINLDEEDEQRTKQFLDALKEGA
FDFILSVAADCKAQEWQDPSQLGARQWLQRKIPSLPSEPFPFSHFLQHSLMVHLEGFVDATISNLPDVLRKLRTEEDEQR
QLRPNHEQDMDLERFLIIISYAYEGRPDAAMSFWEDPDSNLAGFLQWASRRASTPLVSAFCEMLRCLADNEECATAAHNF
LLDEGHQASGKMKRSQSLTWSQIFKELEYFTTKVCSERPNPPQASMHRPGRPGADPAEIEPESALMLECYLRLIAKLATE
SEIARKRLIMDEDFNLVDTILKLSVGVIPHRLRACIFYVLKALMIRKTHEELDAMWRWVEAWMTNPFSSLPGSQGAPQRI
SFLGQTPGPQECMEMMFREFGTGFEQSNAFIQLLTTLLVPPEGLNSLNDSVPFPEWLGSSIRTLGIEPYVDFVFDVFANR
TKDISDPSQLRILRLSCLDFVMVCLVTFNEDLIVLGHESNISIDDAMAATNLATYVRLHPFSRVMEWLFNEKVITSLINT
IHQDPISLGSASPDSPLVVSILRAIQVMIKALELQETYLHLVRPEVLRYQGEAGVRRKPVANAAYSAFEDGILSHLSLVV
DLGKYCNLGHAELTLACLKLLEKISTSSRILSAWSPDSGRLGHRNKAIVQLERNGEGETISASLSASIMATLDPALAASG
ENYRVKLAILDFLYACLRATPDQPTIAHQLLGFHCELSKLGIEPKGPFDMQKSLFHSLLNVLITLTVSEEEQGMRGYLVT
LKYRVLRILQLLWKSPLSASLVMDELRATNFLFHMLLREVQIQPQLPWDGQLVTGCEFLLSDASLAYIDYLASRAAIFEY
IGKELCSVSQNRIPSIKRQIFDALNGQIFVDEEAPLTIPSIFDFFDFINTDYKWEEIPSPHFTYLKDLDLGPCILEHKYA
GVHYDIRKAQEILALKRKEYEHSQLATPEFLETVELEEKVLIEWLTVRNRANLLLTARLNLLQAWANLLLVMIESNDFKS
TPKMAFLLQALQAILPTLEAFSSLKSDEAFELARVAKVLLWKLDFSQDSDAGLDREQFTVGNLIGDKLFQLFQLCLSAIS
QCSGTPELRSLYYSICYRYLTAVVDNDATVAATPASSTIGPTRSVTNARARTLKAITLYGDRLLNVICDDAYGSDTTCQT
AAMILLNALVHTSRASSAAGVSPADVDCPIIDALNRLNFIGVLVDSLKEILNEWLAPSSTFDPSLSTNASPSLPIPASPS
QQYTSAKLALLLQLCQTRQGAKYVLQANLFRALEQSGVFAADPELVEVDSESGVPRVVALERHYALLVALARVVGAAVTA
RGAHNIVQGRKFLTQHRGLVVHVLKKNAGIGGGVVGNSLASSINGGSTATMTRRDEILAQQALEERIEELAEAFMLLITA
TGFLEYESEQVPSEQPRAHTTFFH
;
A
2 'polypeptide(L)' SGTGLGEVDVDTYLSNLQTKTTLSMIADGLERSARDFDAFLEENVTLEWEAQRKRIYQHFGIK B
#
# COMPACT_ATOMS: atom_id res chain seq x y z
N MET A 29 -26.81 -3.78 -9.97
CA MET A 29 -27.94 -4.50 -10.62
C MET A 29 -29.04 -3.52 -11.02
N THR A 30 -30.14 -4.05 -11.55
CA THR A 30 -31.28 -3.24 -11.96
C THR A 30 -32.60 -3.67 -11.32
N ASP A 31 -32.77 -4.96 -11.03
CA ASP A 31 -33.98 -5.44 -10.35
C ASP A 31 -33.78 -5.44 -8.85
N LEU A 32 -33.57 -4.23 -8.31
CA LEU A 32 -33.33 -4.04 -6.89
C LEU A 32 -34.66 -4.01 -6.12
N ARG A 33 -34.62 -4.54 -4.91
CA ARG A 33 -35.80 -4.56 -4.04
C ARG A 33 -35.99 -3.16 -3.43
N LYS A 34 -36.94 -3.06 -2.49
CA LYS A 34 -37.21 -1.76 -1.87
C LYS A 34 -35.99 -1.26 -1.11
N LEU A 35 -35.39 -2.12 -0.28
CA LEU A 35 -34.23 -1.68 0.51
C LEU A 35 -33.08 -1.26 -0.38
N GLU A 36 -32.74 -2.08 -1.37
CA GLU A 36 -31.62 -1.76 -2.25
C GLU A 36 -31.91 -0.52 -3.08
N ALA A 37 -33.15 -0.37 -3.55
CA ALA A 37 -33.51 0.82 -4.32
C ALA A 37 -33.38 2.08 -3.47
N LEU A 38 -33.87 2.02 -2.24
CA LEU A 38 -33.76 3.18 -1.35
C LEU A 38 -32.31 3.49 -1.02
N GLN A 39 -31.48 2.45 -0.84
CA GLN A 39 -30.07 2.67 -0.57
C GLN A 39 -29.38 3.33 -1.75
N ALA A 40 -29.67 2.85 -2.97
CA ALA A 40 -29.09 3.46 -4.16
C ALA A 40 -29.54 4.91 -4.32
N LEU A 41 -30.81 5.19 -4.04
CA LEU A 41 -31.31 6.56 -4.14
C LEU A 41 -30.63 7.46 -3.11
N HIS A 42 -30.45 6.95 -1.88
CA HIS A 42 -29.76 7.73 -0.86
C HIS A 42 -28.32 8.01 -1.27
N ALA A 43 -27.64 6.99 -1.82
CA ALA A 43 -26.27 7.19 -2.26
C ALA A 43 -26.19 8.23 -3.36
N GLU A 44 -27.11 8.18 -4.33
CA GLU A 44 -27.10 9.15 -5.41
C GLU A 44 -27.38 10.56 -4.89
N LEU A 45 -28.31 10.69 -3.94
CA LEU A 45 -28.60 12.00 -3.36
C LEU A 45 -27.40 12.54 -2.61
N VAL A 46 -26.71 11.69 -1.85
CA VAL A 46 -25.51 12.12 -1.14
C VAL A 46 -24.44 12.55 -2.13
N ALA A 47 -24.28 11.81 -3.23
CA ALA A 47 -23.30 12.18 -4.23
C ALA A 47 -23.63 13.54 -4.84
N VAL A 48 -24.89 13.76 -5.20
CA VAL A 48 -25.29 15.05 -5.76
C VAL A 48 -25.09 16.16 -4.74
N ARG A 49 -25.26 15.86 -3.45
CA ARG A 49 -25.07 16.87 -2.43
C ARG A 49 -23.61 17.28 -2.30
N GLN A 50 -22.68 16.40 -2.71
CA GLN A 50 -21.25 16.67 -2.63
C GLN A 50 -20.69 17.19 -3.95
N HIS A 51 -21.50 17.91 -4.73
CA HIS A 51 -21.07 18.52 -5.98
C HIS A 51 -20.60 17.45 -6.98
N ARG A 52 -21.49 16.50 -7.24
CA ARG A 52 -21.24 15.45 -8.23
C ARG A 52 -22.56 15.15 -8.93
N PHE A 53 -22.72 15.67 -10.14
CA PHE A 53 -23.95 15.55 -10.90
C PHE A 53 -23.89 14.43 -11.95
N GLU A 54 -23.19 13.35 -11.64
CA GLU A 54 -23.06 12.22 -12.56
C GLU A 54 -24.22 11.25 -12.45
N GLY A 55 -25.28 11.61 -11.73
CA GLY A 55 -26.43 10.73 -11.58
C GLY A 55 -27.75 11.44 -11.71
N LEU A 56 -27.80 12.48 -12.55
CA LEU A 56 -29.05 13.22 -12.73
C LEU A 56 -30.11 12.34 -13.38
N GLN A 57 -29.77 11.68 -14.49
CA GLN A 57 -30.72 10.80 -15.14
C GLN A 57 -31.07 9.61 -14.26
N VAL A 58 -30.11 9.11 -13.48
CA VAL A 58 -30.41 8.01 -12.58
C VAL A 58 -31.43 8.43 -11.54
N LEU A 59 -31.27 9.64 -10.98
CA LEU A 59 -32.24 10.12 -10.01
C LEU A 59 -33.60 10.36 -10.66
N GLU A 60 -33.61 10.90 -11.88
CA GLU A 60 -34.87 11.13 -12.58
C GLU A 60 -35.60 9.82 -12.84
N THR A 61 -34.86 8.74 -13.13
CA THR A 61 -35.49 7.44 -13.36
C THR A 61 -35.91 6.77 -12.06
N LEU A 62 -35.18 7.01 -10.97
CA LEU A 62 -35.52 6.37 -9.70
C LEU A 62 -36.72 7.03 -9.04
N LEU A 63 -36.79 8.37 -9.09
CA LEU A 63 -37.90 9.07 -8.45
C LEU A 63 -39.25 8.68 -9.05
N GLU A 64 -39.28 8.19 -10.29
CA GLU A 64 -40.53 7.79 -10.91
C GLU A 64 -40.98 6.40 -10.47
N GLU A 65 -40.03 5.54 -10.08
CA GLU A 65 -40.39 4.20 -9.66
C GLU A 65 -40.91 4.15 -8.23
N GLN A 66 -40.46 5.07 -7.37
CA GLN A 66 -40.85 5.10 -5.97
C GLN A 66 -41.87 6.20 -5.67
N THR A 67 -42.65 6.63 -6.67
CA THR A 67 -43.63 7.67 -6.44
C THR A 67 -44.62 7.26 -5.36
N ASP A 68 -45.09 6.00 -5.40
CA ASP A 68 -46.02 5.53 -4.38
C ASP A 68 -45.38 5.51 -3.01
N ALA A 69 -44.05 5.34 -2.94
CA ALA A 69 -43.36 5.35 -1.66
C ALA A 69 -43.27 6.77 -1.10
N PHE A 70 -42.94 7.74 -1.94
CA PHE A 70 -42.86 9.13 -1.49
C PHE A 70 -44.24 9.73 -1.24
N LYS A 71 -45.29 9.16 -1.82
CA LYS A 71 -46.63 9.67 -1.58
C LYS A 71 -46.96 9.65 -0.09
N ALA A 72 -46.85 8.49 0.53
CA ALA A 72 -47.10 8.32 1.95
C ALA A 72 -45.78 8.18 2.70
N LEU A 73 -45.60 9.00 3.73
CA LEU A 73 -44.36 8.96 4.50
C LEU A 73 -44.14 7.59 5.11
N ILE A 74 -45.02 7.17 6.02
CA ILE A 74 -44.94 5.87 6.65
C ILE A 74 -46.35 5.42 7.00
N ALA A 75 -46.66 4.15 6.68
CA ALA A 75 -47.98 3.61 6.96
C ALA A 75 -47.89 2.10 6.96
N LYS A 76 -48.23 1.48 8.10
CA LYS A 76 -48.20 0.03 8.23
C LYS A 76 -49.62 -0.51 8.19
N PRO A 77 -49.96 -1.40 7.25
CA PRO A 77 -51.33 -1.94 7.23
C PRO A 77 -51.67 -2.64 8.54
N ALA A 78 -52.90 -2.41 9.00
CA ALA A 78 -53.34 -3.02 10.25
C ALA A 78 -53.38 -4.53 10.12
N ARG A 79 -53.10 -5.21 11.24
CA ARG A 79 -53.11 -6.66 11.26
C ARG A 79 -54.49 -7.20 10.95
N ASP A 80 -54.64 -7.83 9.79
CA ASP A 80 -55.93 -8.36 9.36
C ASP A 80 -56.09 -9.80 9.83
N THR A 81 -57.33 -10.15 10.23
CA THR A 81 -57.61 -11.50 10.68
C THR A 81 -57.76 -12.47 9.52
N LYS A 82 -58.24 -12.00 8.36
CA LYS A 82 -58.39 -12.87 7.20
C LYS A 82 -57.03 -13.42 6.76
N ASP A 83 -56.03 -12.53 6.63
CA ASP A 83 -54.71 -12.98 6.23
C ASP A 83 -54.11 -13.90 7.29
N ARG A 84 -54.33 -13.59 8.56
CA ARG A 84 -53.83 -14.45 9.63
C ARG A 84 -54.40 -15.86 9.51
N GLU A 85 -55.72 -15.97 9.32
CA GLU A 85 -56.34 -17.28 9.20
C GLU A 85 -55.87 -18.00 7.94
N ALA A 86 -55.72 -17.26 6.83
CA ALA A 86 -55.26 -17.89 5.60
C ALA A 86 -53.84 -18.42 5.73
N LEU A 87 -52.99 -17.69 6.46
CA LEU A 87 -51.62 -18.16 6.64
C LEU A 87 -51.55 -19.32 7.61
N GLY A 88 -52.39 -19.31 8.65
CA GLY A 88 -52.39 -20.39 9.62
C GLY A 88 -53.10 -21.64 9.17
N LYS A 89 -53.93 -21.55 8.12
CA LYS A 89 -54.68 -22.71 7.66
C LYS A 89 -53.86 -23.54 6.69
N GLU A 90 -53.32 -22.92 5.64
CA GLU A 90 -52.55 -23.62 4.61
C GLU A 90 -51.21 -22.92 4.42
N PRO A 91 -50.29 -23.07 5.38
CA PRO A 91 -48.94 -22.49 5.24
C PRO A 91 -48.04 -23.32 4.33
N LYS A 92 -48.48 -23.53 3.09
CA LYS A 92 -47.76 -24.34 2.12
C LYS A 92 -47.22 -23.52 0.96
N LYS A 93 -48.08 -22.75 0.28
CA LYS A 93 -47.68 -21.95 -0.86
C LYS A 93 -48.22 -20.54 -0.70
N LEU A 94 -47.40 -19.55 -1.03
CA LEU A 94 -47.77 -18.14 -0.97
C LEU A 94 -47.52 -17.49 -2.32
N LYS A 95 -48.42 -16.57 -2.68
CA LYS A 95 -48.35 -15.86 -3.95
C LYS A 95 -48.31 -14.36 -3.67
N ILE A 96 -47.19 -13.72 -3.99
CA ILE A 96 -46.99 -12.29 -3.78
C ILE A 96 -46.83 -11.65 -5.14
N GLY A 97 -47.81 -10.84 -5.54
CA GLY A 97 -47.78 -10.20 -6.83
C GLY A 97 -47.69 -11.20 -7.97
N GLU A 98 -46.52 -11.28 -8.60
CA GLU A 98 -46.29 -12.23 -9.69
C GLU A 98 -45.45 -13.42 -9.26
N GLU A 99 -44.79 -13.36 -8.10
CA GLU A 99 -43.92 -14.42 -7.65
C GLU A 99 -44.65 -15.37 -6.72
N GLU A 100 -44.13 -16.59 -6.60
CA GLU A 100 -44.68 -17.62 -5.74
C GLU A 100 -43.55 -18.25 -4.93
N TYR A 101 -43.86 -18.61 -3.69
CA TYR A 101 -42.89 -19.20 -2.78
C TYR A 101 -43.54 -20.31 -1.98
N SER A 102 -42.71 -21.14 -1.35
CA SER A 102 -43.16 -22.25 -0.53
C SER A 102 -42.90 -21.93 0.94
N LEU A 103 -43.95 -22.05 1.75
CA LEU A 103 -43.86 -21.77 3.18
C LEU A 103 -43.64 -23.05 3.96
N ASN A 104 -42.85 -22.96 5.03
CA ASN A 104 -42.57 -24.08 5.92
C ASN A 104 -42.91 -23.69 7.36
N GLU A 105 -42.82 -24.68 8.24
CA GLU A 105 -43.18 -24.46 9.65
C GLU A 105 -42.31 -23.40 10.30
N ASP A 106 -41.10 -23.15 9.79
CA ASP A 106 -40.24 -22.14 10.39
C ASP A 106 -40.55 -20.74 9.86
N PHE A 107 -40.76 -20.62 8.55
CA PHE A 107 -41.02 -19.31 7.98
C PHE A 107 -42.37 -18.77 8.44
N VAL A 108 -43.37 -19.64 8.61
CA VAL A 108 -44.67 -19.19 9.11
C VAL A 108 -44.54 -18.69 10.54
N ASN A 109 -43.76 -19.40 11.36
CA ASN A 109 -43.54 -18.95 12.73
C ASN A 109 -42.82 -17.61 12.75
N ASP A 110 -41.85 -17.44 11.86
CA ASP A 110 -41.14 -16.16 11.77
C ASP A 110 -42.09 -15.04 11.38
N CYS A 111 -42.97 -15.30 10.40
CA CYS A 111 -43.94 -14.31 9.98
C CYS A 111 -44.86 -13.92 11.14
N LEU A 112 -45.35 -14.93 11.87
CA LEU A 112 -46.24 -14.65 13.00
C LEU A 112 -45.52 -13.85 14.07
N LYS A 113 -44.27 -14.19 14.37
CA LYS A 113 -43.52 -13.46 15.37
C LYS A 113 -43.31 -12.01 14.94
N LEU A 114 -42.95 -11.79 13.67
CA LEU A 114 -42.76 -10.42 13.20
C LEU A 114 -44.06 -9.63 13.26
N ALA A 115 -45.17 -10.25 12.85
CA ALA A 115 -46.46 -9.55 12.87
C ALA A 115 -46.88 -9.23 14.30
N ASP A 116 -46.58 -10.11 15.25
CA ASP A 116 -46.95 -9.86 16.64
C ASP A 116 -46.05 -8.80 17.27
N GLU A 117 -44.78 -8.73 16.85
CA GLU A 117 -43.88 -7.74 17.41
C GLU A 117 -44.16 -6.35 16.86
N LEU A 118 -44.36 -6.25 15.55
CA LEU A 118 -44.56 -4.96 14.90
C LEU A 118 -46.04 -4.67 14.59
N ASP A 119 -46.95 -5.58 14.93
CA ASP A 119 -48.36 -5.39 14.66
C ASP A 119 -48.60 -5.10 13.17
N LEU A 120 -47.80 -5.75 12.34
CA LEU A 120 -47.85 -5.56 10.90
C LEU A 120 -48.67 -6.65 10.23
N ASN A 121 -49.28 -6.31 9.09
CA ASN A 121 -50.07 -7.28 8.35
C ASN A 121 -49.23 -8.49 8.00
N GLU A 122 -49.90 -9.65 7.92
CA GLU A 122 -49.17 -10.89 7.63
C GLU A 122 -48.55 -10.85 6.24
N LYS A 123 -49.24 -10.24 5.27
CA LYS A 123 -48.71 -10.20 3.91
C LYS A 123 -47.44 -9.35 3.83
N GLU A 124 -47.46 -8.17 4.46
CA GLU A 124 -46.29 -7.30 4.42
C GLU A 124 -45.12 -7.93 5.16
N SER A 125 -45.38 -8.57 6.31
CA SER A 125 -44.31 -9.24 7.04
C SER A 125 -43.73 -10.39 6.23
N ALA A 126 -44.60 -11.15 5.56
CA ALA A 126 -44.12 -12.25 4.72
C ALA A 126 -43.26 -11.72 3.57
N ARG A 127 -43.69 -10.62 2.95
CA ARG A 127 -42.90 -10.03 1.88
C ARG A 127 -41.53 -9.57 2.39
N ILE A 128 -41.51 -8.92 3.55
CA ILE A 128 -40.25 -8.44 4.11
C ILE A 128 -39.33 -9.61 4.41
N LEU A 129 -39.86 -10.68 4.98
CA LEU A 129 -39.02 -11.84 5.30
C LEU A 129 -38.55 -12.55 4.05
N ILE A 130 -39.37 -12.61 3.01
CA ILE A 130 -38.94 -13.20 1.74
C ILE A 130 -37.81 -12.37 1.14
N ASP A 131 -37.93 -11.03 1.21
CA ASP A 131 -36.84 -10.18 0.73
C ASP A 131 -35.57 -10.40 1.51
N CYS A 132 -35.68 -10.50 2.84
CA CYS A 132 -34.49 -10.76 3.67
C CYS A 132 -33.86 -12.09 3.29
N ASP A 133 -34.66 -13.12 3.10
CA ASP A 133 -34.12 -14.43 2.74
C ASP A 133 -33.44 -14.39 1.37
N ALA A 134 -34.07 -13.71 0.40
CA ALA A 134 -33.47 -13.61 -0.93
C ALA A 134 -32.14 -12.87 -0.88
N GLU A 135 -32.11 -11.72 -0.22
CA GLU A 135 -30.87 -10.96 -0.12
C GLU A 135 -29.80 -11.74 0.65
N GLY A 136 -30.21 -12.66 1.52
CA GLY A 136 -29.28 -13.45 2.27
C GLY A 136 -28.52 -12.66 3.31
N ASP A 137 -29.24 -11.86 4.10
CA ASP A 137 -28.65 -11.05 5.15
C ASP A 137 -28.51 -11.80 6.46
N VAL A 138 -28.99 -13.04 6.54
CA VAL A 138 -28.90 -13.80 7.79
C VAL A 138 -27.45 -14.14 8.09
N GLU A 139 -26.66 -14.45 7.05
CA GLU A 139 -25.26 -14.79 7.26
C GLU A 139 -24.39 -13.55 7.44
N THR A 140 -24.76 -12.43 6.81
CA THR A 140 -23.96 -11.21 6.95
C THR A 140 -24.02 -10.66 8.37
N GLN A 141 -25.12 -10.90 9.08
CA GLN A 141 -25.29 -10.44 10.45
C GLN A 141 -25.34 -11.56 11.48
N SER A 142 -25.67 -12.77 11.07
CA SER A 142 -25.77 -13.92 11.98
C SER A 142 -26.76 -13.63 13.11
N ARG A 143 -28.00 -13.39 12.72
CA ARG A 143 -29.08 -13.08 13.64
C ARG A 143 -30.34 -13.79 13.19
N PRO A 144 -31.33 -13.93 14.07
CA PRO A 144 -32.59 -14.56 13.67
C PRO A 144 -33.22 -13.84 12.48
N LEU A 145 -34.02 -14.58 11.71
CA LEU A 145 -34.62 -14.03 10.50
C LEU A 145 -35.60 -12.90 10.85
N TRP A 146 -36.31 -13.04 11.97
CA TRP A 146 -37.27 -12.00 12.35
C TRP A 146 -36.57 -10.71 12.76
N GLU A 147 -35.42 -10.81 13.43
CA GLU A 147 -34.65 -9.61 13.76
C GLU A 147 -34.15 -8.90 12.50
N CYS A 148 -33.68 -9.67 11.52
CA CYS A 148 -33.29 -9.07 10.25
C CYS A 148 -34.48 -8.43 9.55
N GLY A 149 -35.65 -9.06 9.63
CA GLY A 149 -36.84 -8.45 9.05
C GLY A 149 -37.19 -7.14 9.70
N VAL A 150 -37.10 -7.07 11.03
CA VAL A 150 -37.37 -5.83 11.73
C VAL A 150 -36.34 -4.76 11.34
N ILE A 151 -35.07 -5.16 11.23
CA ILE A 151 -34.02 -4.22 10.84
C ILE A 151 -34.31 -3.66 9.46
N ARG A 152 -34.72 -4.53 8.53
CA ARG A 152 -35.06 -4.07 7.19
C ARG A 152 -36.27 -3.16 7.19
N PHE A 153 -37.28 -3.47 8.00
CA PHE A 153 -38.45 -2.63 8.09
C PHE A 153 -38.09 -1.24 8.61
N HIS A 154 -37.17 -1.17 9.58
CA HIS A 154 -36.75 0.13 10.08
C HIS A 154 -35.92 0.88 9.03
N GLN A 155 -35.00 0.17 8.36
CA GLN A 155 -34.17 0.80 7.34
C GLN A 155 -35.02 1.36 6.21
N GLU A 156 -36.13 0.69 5.88
CA GLU A 156 -37.03 1.20 4.85
C GLU A 156 -37.44 2.64 5.15
N ARG A 157 -38.06 2.85 6.30
CA ARG A 157 -38.49 4.19 6.68
C ARG A 157 -37.31 5.13 6.83
N LYS A 158 -36.21 4.64 7.41
CA LYS A 158 -35.03 5.48 7.58
C LYS A 158 -34.59 6.09 6.26
N TYR A 159 -34.38 5.25 5.24
CA TYR A 159 -33.93 5.75 3.95
C TYR A 159 -35.02 6.55 3.25
N LEU A 160 -36.28 6.12 3.39
CA LEU A 160 -37.37 6.85 2.74
C LEU A 160 -37.46 8.28 3.25
N LEU A 161 -37.16 8.51 4.52
CA LEU A 161 -37.18 9.86 5.07
C LEU A 161 -35.87 10.60 4.83
N ASP A 162 -34.73 9.90 4.86
CA ASP A 162 -33.46 10.57 4.57
C ASP A 162 -33.41 11.07 3.14
N CYS A 163 -34.01 10.34 2.20
CA CYS A 163 -34.06 10.79 0.82
C CYS A 163 -34.83 12.11 0.71
N MET A 164 -36.00 12.17 1.34
CA MET A 164 -36.78 13.41 1.34
C MET A 164 -36.01 14.54 1.99
N ARG A 165 -35.33 14.26 3.09
CA ARG A 165 -34.55 15.29 3.77
C ARG A 165 -33.46 15.84 2.85
N LEU A 166 -32.70 14.94 2.21
CA LEU A 166 -31.64 15.40 1.33
C LEU A 166 -32.20 16.14 0.12
N ILE A 167 -33.36 15.71 -0.39
CA ILE A 167 -33.97 16.40 -1.52
C ILE A 167 -34.34 17.82 -1.13
N LEU A 168 -35.01 17.99 0.01
CA LEU A 168 -35.38 19.33 0.45
C LEU A 168 -34.16 20.17 0.77
N GLU A 169 -33.08 19.55 1.24
CA GLU A 169 -31.87 20.30 1.52
C GLU A 169 -31.20 20.79 0.24
N ILE A 170 -31.14 19.94 -0.78
CA ILE A 170 -30.55 20.34 -2.05
C ILE A 170 -31.43 21.36 -2.76
N ALA A 171 -32.75 21.28 -2.56
CA ALA A 171 -33.65 22.22 -3.21
C ALA A 171 -33.44 23.65 -2.73
N ALA A 172 -32.83 23.83 -1.56
CA ALA A 172 -32.57 25.16 -1.01
C ALA A 172 -31.11 25.56 -1.09
N ASP A 173 -30.26 24.74 -1.71
CA ASP A 173 -28.84 25.07 -1.81
C ASP A 173 -28.63 26.22 -2.79
N GLU A 174 -27.91 27.25 -2.35
CA GLU A 174 -27.64 28.42 -3.16
C GLU A 174 -26.37 28.29 -3.99
N ASP A 175 -25.51 27.32 -3.68
CA ASP A 175 -24.25 27.14 -4.38
C ASP A 175 -24.34 26.12 -5.51
N ILE A 176 -25.50 25.98 -6.14
CA ILE A 176 -25.71 25.08 -7.25
C ILE A 176 -26.48 25.82 -8.35
N ASP A 177 -26.66 25.16 -9.48
CA ASP A 177 -27.36 25.76 -10.60
C ASP A 177 -28.83 25.98 -10.24
N ALA A 178 -29.38 27.10 -10.76
CA ALA A 178 -30.78 27.42 -10.49
C ALA A 178 -31.71 26.40 -11.13
N GLY A 179 -31.33 25.87 -12.30
CA GLY A 179 -32.16 24.88 -12.96
C GLY A 179 -32.40 23.65 -12.10
N LEU A 180 -31.31 23.08 -11.59
CA LEU A 180 -31.44 21.90 -10.73
C LEU A 180 -32.11 22.26 -9.41
N GLN A 181 -31.81 23.45 -8.88
CA GLN A 181 -32.45 23.87 -7.63
C GLN A 181 -33.96 23.96 -7.77
N GLU A 182 -34.45 24.36 -8.94
CA GLU A 182 -35.89 24.41 -9.17
C GLU A 182 -36.45 23.04 -9.54
N SER A 183 -35.68 22.22 -10.23
CA SER A 183 -36.14 20.88 -10.58
C SER A 183 -36.37 20.05 -9.32
N PHE A 184 -35.39 20.05 -8.41
CA PHE A 184 -35.57 19.32 -7.15
C PHE A 184 -36.72 19.91 -6.34
N GLY A 185 -36.89 21.22 -6.38
CA GLY A 185 -37.99 21.82 -5.65
C GLY A 185 -39.35 21.36 -6.15
N VAL A 186 -39.54 21.40 -7.47
CA VAL A 186 -40.82 20.96 -8.04
C VAL A 186 -41.01 19.46 -7.83
N ALA A 187 -39.92 18.69 -7.89
CA ALA A 187 -40.03 17.26 -7.64
C ALA A 187 -40.50 16.98 -6.22
N ALA A 188 -39.95 17.71 -5.24
CA ALA A 188 -40.40 17.55 -3.86
C ALA A 188 -41.83 18.02 -3.69
N GLU A 189 -42.21 19.12 -4.34
CA GLU A 189 -43.58 19.60 -4.25
C GLU A 189 -44.56 18.59 -4.81
N ASP A 190 -44.18 17.89 -5.89
CA ASP A 190 -45.09 16.94 -6.52
C ASP A 190 -45.14 15.62 -5.79
N LYS A 191 -43.99 15.14 -5.30
CA LYS A 191 -43.91 13.82 -4.68
C LYS A 191 -44.18 13.87 -3.19
N ILE A 192 -43.43 14.70 -2.45
CA ILE A 192 -43.54 14.71 -0.99
C ILE A 192 -44.86 15.36 -0.58
N PHE A 193 -45.05 16.64 -0.95
CA PHE A 193 -46.25 17.37 -0.56
C PHE A 193 -47.47 17.01 -1.40
N GLY A 194 -47.30 16.20 -2.45
CA GLY A 194 -48.44 15.80 -3.27
C GLY A 194 -49.16 16.95 -3.93
N ILE A 195 -48.47 18.09 -4.11
CA ILE A 195 -49.06 19.25 -4.77
C ILE A 195 -48.63 19.22 -6.23
N PRO A 196 -49.56 19.12 -7.18
CA PRO A 196 -49.16 19.03 -8.59
C PRO A 196 -48.44 20.28 -9.05
N PRO A 197 -47.69 20.21 -10.13
CA PRO A 197 -46.96 21.38 -10.61
C PRO A 197 -47.89 22.40 -11.24
N PRO A 198 -47.40 23.59 -11.58
CA PRO A 198 -48.29 24.62 -12.14
C PRO A 198 -48.87 24.27 -13.50
N TRP A 199 -48.27 23.34 -14.23
CA TRP A 199 -48.72 23.01 -15.59
C TRP A 199 -49.77 21.90 -15.61
N GLU A 200 -50.48 21.69 -14.51
CA GLU A 200 -51.57 20.72 -14.47
C GLU A 200 -52.30 20.85 -13.15
N ARG A 201 -53.60 20.58 -13.18
CA ARG A 201 -54.44 20.67 -11.98
C ARG A 201 -54.34 22.05 -11.35
N GLN A 209 -60.82 16.04 -1.36
CA GLN A 209 -60.70 14.59 -1.42
C GLN A 209 -59.37 14.12 -0.84
N VAL A 210 -58.28 14.70 -1.35
CA VAL A 210 -56.96 14.34 -0.87
C VAL A 210 -56.66 15.06 0.44
N LYS A 211 -55.73 14.50 1.21
CA LYS A 211 -55.33 15.05 2.50
C LYS A 211 -54.02 15.82 2.35
N LYS A 212 -53.87 16.84 3.18
CA LYS A 212 -52.67 17.66 3.16
C LYS A 212 -51.47 16.88 3.70
N PHE A 213 -50.30 17.50 3.67
CA PHE A 213 -49.07 16.86 4.11
C PHE A 213 -48.82 17.05 5.60
N ILE A 214 -49.16 18.22 6.15
CA ILE A 214 -48.96 18.45 7.58
C ILE A 214 -49.72 17.45 8.43
N PRO A 215 -51.02 17.19 8.20
CA PRO A 215 -51.71 16.20 9.03
C PRO A 215 -51.13 14.80 8.89
N ARG A 216 -50.73 14.41 7.69
CA ARG A 216 -50.10 13.09 7.52
C ARG A 216 -48.81 13.00 8.30
N CYS A 217 -47.99 14.06 8.25
CA CYS A 217 -46.73 14.05 9.00
C CYS A 217 -46.99 14.00 10.50
N MET A 218 -48.00 14.74 10.97
CA MET A 218 -48.33 14.73 12.39
C MET A 218 -48.79 13.35 12.83
N GLU A 219 -49.64 12.70 12.01
CA GLU A 219 -50.10 11.36 12.34
C GLU A 219 -48.93 10.37 12.33
N ALA A 220 -48.00 10.54 11.39
CA ALA A 220 -46.84 9.66 11.34
C ALA A 220 -45.98 9.82 12.59
N MET A 221 -45.74 11.07 13.02
CA MET A 221 -44.95 11.29 14.23
C MET A 221 -45.67 10.73 15.46
N LYS A 222 -46.99 10.89 15.53
CA LYS A 222 -47.74 10.33 16.65
C LYS A 222 -47.64 8.81 16.67
N GLY A 223 -47.75 8.19 15.50
CA GLY A 223 -47.61 6.74 15.43
C GLY A 223 -46.22 6.28 15.84
N VAL A 224 -45.19 7.02 15.43
CA VAL A 224 -43.82 6.68 15.82
C VAL A 224 -43.66 6.79 17.33
N ARG A 225 -44.21 7.85 17.93
CA ARG A 225 -44.13 8.00 19.37
C ARG A 225 -44.84 6.86 20.09
N SER A 226 -46.04 6.51 19.62
CA SER A 226 -46.78 5.41 20.25
C SER A 226 -46.04 4.09 20.11
N MET A 227 -45.43 3.85 18.94
CA MET A 227 -44.67 2.63 18.73
C MET A 227 -43.47 2.57 19.66
N LEU A 228 -42.76 3.69 19.80
CA LEU A 228 -41.62 3.73 20.71
C LEU A 228 -42.06 3.48 22.14
N GLN A 229 -43.18 4.08 22.56
CA GLN A 229 -43.68 3.87 23.91
C GLN A 229 -44.03 2.40 24.14
N CYS A 230 -44.73 1.79 23.19
CA CYS A 230 -45.11 0.39 23.34
C CYS A 230 -43.88 -0.51 23.36
N MET A 231 -42.88 -0.21 22.52
CA MET A 231 -41.65 -0.99 22.51
C MET A 231 -40.94 -0.90 23.86
N ALA A 232 -40.82 0.32 24.40
CA ALA A 232 -40.18 0.49 25.69
C ALA A 232 -40.93 -0.26 26.79
N ASP A 233 -42.25 -0.17 26.77
CA ASP A 233 -43.05 -0.87 27.78
C ASP A 233 -42.86 -2.37 27.69
N LYS A 234 -42.92 -2.93 26.48
CA LYS A 234 -42.77 -4.36 26.32
C LYS A 234 -41.36 -4.83 26.71
N ALA A 235 -40.35 -4.03 26.37
CA ALA A 235 -38.99 -4.38 26.74
C ALA A 235 -38.80 -4.36 28.25
N ASN A 236 -39.34 -3.34 28.92
CA ASN A 236 -39.23 -3.27 30.37
C ASN A 236 -40.00 -4.43 31.03
N ALA A 237 -41.12 -4.83 30.43
CA ALA A 237 -41.90 -5.93 30.98
C ALA A 237 -41.16 -7.26 30.84
N ARG A 238 -40.61 -7.52 29.65
CA ARG A 238 -39.95 -8.79 29.40
C ARG A 238 -38.60 -8.88 30.14
N ASN A 239 -37.90 -7.76 30.27
CA ASN A 239 -36.59 -7.79 30.93
C ASN A 239 -36.74 -7.81 32.45
N MET A 240 -37.76 -7.13 32.98
CA MET A 240 -37.97 -7.08 34.42
C MET A 240 -38.37 -8.45 34.94
N LEU A 250 -29.77 -10.20 26.86
CA LEU A 250 -30.06 -11.14 25.77
C LEU A 250 -29.30 -10.75 24.52
N ASP A 251 -29.40 -11.59 23.49
CA ASP A 251 -28.71 -11.36 22.22
C ASP A 251 -29.46 -10.40 21.31
N ASN A 252 -30.49 -9.72 21.81
CA ASN A 252 -31.27 -8.77 21.02
C ASN A 252 -31.13 -7.34 21.51
N GLN A 253 -30.25 -7.09 22.49
CA GLN A 253 -30.10 -5.74 23.01
C GLN A 253 -29.61 -4.79 21.93
N GLU A 254 -28.58 -5.21 21.18
CA GLU A 254 -28.04 -4.34 20.13
C GLU A 254 -29.08 -4.07 19.06
N THR A 255 -29.93 -5.05 18.75
CA THR A 255 -30.97 -4.83 17.75
C THR A 255 -31.99 -3.81 18.24
N LEU A 256 -32.39 -3.90 19.51
CA LEU A 256 -33.31 -2.92 20.06
C LEU A 256 -32.69 -1.52 20.06
N ASP A 257 -31.40 -1.43 20.40
CA ASP A 257 -30.72 -0.14 20.39
C ASP A 257 -30.68 0.44 18.98
N PHE A 258 -30.37 -0.39 17.99
CA PHE A 258 -30.33 0.09 16.61
C PHE A 258 -31.72 0.52 16.15
N SER A 259 -32.76 -0.21 16.57
CA SER A 259 -34.11 0.18 16.21
C SER A 259 -34.49 1.52 16.84
N ARG A 260 -34.11 1.73 18.10
CA ARG A 260 -34.37 3.03 18.73
C ARG A 260 -33.62 4.14 18.02
N LEU A 261 -32.37 3.89 17.64
CA LEU A 261 -31.61 4.89 16.88
C LEU A 261 -32.30 5.22 15.57
N SER A 262 -32.76 4.19 14.84
CA SER A 262 -33.46 4.43 13.59
C SER A 262 -34.75 5.21 13.82
N LEU A 263 -35.46 4.91 14.89
CA LEU A 263 -36.71 5.62 15.18
C LEU A 263 -36.45 7.09 15.47
N VAL A 264 -35.44 7.38 16.29
CA VAL A 264 -35.16 8.78 16.61
C VAL A 264 -34.65 9.52 15.38
N GLU A 265 -33.89 8.83 14.52
CA GLU A 265 -33.44 9.46 13.28
C GLU A 265 -34.63 9.76 12.36
N GLN A 266 -35.57 8.83 12.27
CA GLN A 266 -36.76 9.06 11.46
C GLN A 266 -37.57 10.23 12.02
N HIS A 267 -37.67 10.32 13.35
CA HIS A 267 -38.38 11.44 13.96
C HIS A 267 -37.69 12.76 13.65
N GLU A 268 -36.37 12.79 13.72
CA GLU A 268 -35.64 14.01 13.38
C GLU A 268 -35.84 14.38 11.92
N CYS A 269 -35.85 13.37 11.03
CA CYS A 269 -36.08 13.65 9.61
C CYS A 269 -37.48 14.22 9.39
N LEU A 270 -38.49 13.64 10.06
CA LEU A 270 -39.84 14.16 9.93
C LEU A 270 -39.93 15.59 10.45
N ALA A 271 -39.24 15.88 11.57
CA ALA A 271 -39.24 17.23 12.10
C ALA A 271 -38.60 18.20 11.12
N SER A 272 -37.51 17.80 10.49
CA SER A 272 -36.86 18.68 9.51
C SER A 272 -37.75 18.90 8.29
N ILE A 273 -38.43 17.85 7.84
CA ILE A 273 -39.35 17.99 6.71
C ILE A 273 -40.47 18.96 7.06
N LEU A 274 -41.02 18.84 8.28
CA LEU A 274 -42.08 19.74 8.71
C LEU A 274 -41.57 21.17 8.81
N HIS A 275 -40.34 21.35 9.31
CA HIS A 275 -39.76 22.69 9.38
C HIS A 275 -39.62 23.29 8.00
N ALA A 276 -39.15 22.50 7.02
CA ALA A 276 -39.02 22.99 5.66
C ALA A 276 -40.39 23.36 5.08
N ALA A 277 -41.39 22.50 5.30
CA ALA A 277 -42.73 22.78 4.79
C ALA A 277 -43.27 24.07 5.39
N VAL A 278 -43.03 24.31 6.68
CA VAL A 278 -43.48 25.54 7.31
C VAL A 278 -42.74 26.73 6.75
N GLN A 279 -41.44 26.59 6.50
CA GLN A 279 -40.67 27.68 5.92
C GLN A 279 -41.15 27.99 4.50
N ARG A 280 -41.70 27.01 3.81
CA ARG A 280 -42.27 27.23 2.48
C ARG A 280 -43.64 27.88 2.51
N HIS A 281 -44.10 28.33 3.69
CA HIS A 281 -45.38 29.03 3.82
C HIS A 281 -46.54 28.13 3.37
N HIS A 282 -46.60 26.94 3.93
CA HIS A 282 -47.64 25.97 3.65
C HIS A 282 -48.35 25.55 4.93
N ALA A 283 -48.54 26.49 5.85
CA ALA A 283 -49.16 26.24 7.15
C ALA A 283 -50.41 27.09 7.29
N THR A 284 -51.08 26.94 8.43
CA THR A 284 -52.31 27.67 8.72
C THR A 284 -52.41 27.85 10.23
N ILE A 285 -53.55 28.36 10.69
CA ILE A 285 -53.74 28.59 12.12
C ILE A 285 -54.16 27.31 12.82
N ALA A 286 -54.86 26.41 12.14
CA ALA A 286 -55.29 25.16 12.75
C ALA A 286 -54.09 24.32 13.17
N ASP A 287 -53.11 24.18 12.27
CA ASP A 287 -51.91 23.42 12.59
C ASP A 287 -51.13 24.07 13.71
N PHE A 288 -51.08 25.41 13.72
CA PHE A 288 -50.39 26.12 14.81
C PHE A 288 -51.04 25.84 16.15
N GLN A 289 -52.38 25.91 16.19
CA GLN A 289 -53.09 25.64 17.44
C GLN A 289 -52.90 24.19 17.87
N ASP A 290 -52.93 23.26 16.92
CA ASP A 290 -52.71 21.86 17.26
C ASP A 290 -51.32 21.64 17.84
N PHE A 291 -50.30 22.27 17.25
CA PHE A 291 -48.95 22.12 17.75
C PHE A 291 -48.80 22.75 19.13
N ILE A 292 -49.44 23.91 19.36
CA ILE A 292 -49.38 24.53 20.67
C ILE A 292 -50.05 23.64 21.71
N LYS A 293 -51.18 23.03 21.36
CA LYS A 293 -51.85 22.14 22.29
C LYS A 293 -50.99 20.92 22.60
N ILE A 294 -50.36 20.34 21.57
CA ILE A 294 -49.47 19.20 21.79
C ILE A 294 -48.33 19.59 22.72
N LEU A 295 -47.79 20.80 22.55
CA LEU A 295 -46.73 21.28 23.42
C LEU A 295 -47.22 21.43 24.85
N ARG A 296 -48.40 21.99 25.04
CA ARG A 296 -48.94 22.17 26.39
C ARG A 296 -49.11 20.83 27.11
N LYS A 297 -49.39 19.77 26.36
CA LYS A 297 -49.56 18.44 26.93
C LYS A 297 -48.26 17.64 26.99
N TRP A 298 -47.12 18.33 27.02
CA TRP A 298 -45.83 17.65 27.08
C TRP A 298 -45.58 17.14 28.50
N ASP A 299 -45.10 15.90 28.60
CA ASP A 299 -44.91 15.23 29.89
C ASP A 299 -43.47 15.28 30.37
N LYS A 300 -42.53 14.81 29.55
CA LYS A 300 -41.13 14.69 29.95
C LYS A 300 -40.23 15.42 28.96
N TYR A 301 -39.12 15.95 29.48
CA TYR A 301 -38.13 16.64 28.66
C TYR A 301 -37.18 15.62 28.06
N ASP A 302 -37.07 15.62 26.73
CA ASP A 302 -36.20 14.67 26.03
C ASP A 302 -35.78 15.30 24.71
N HIS A 303 -35.15 14.50 23.85
CA HIS A 303 -34.67 15.00 22.57
C HIS A 303 -35.79 15.40 21.64
N PHE A 304 -37.01 14.89 21.86
CA PHE A 304 -38.13 15.24 21.00
C PHE A 304 -38.41 16.74 21.07
N LEU A 305 -38.31 17.33 22.26
CA LEU A 305 -38.52 18.77 22.38
C LEU A 305 -37.42 19.54 21.67
N ILE A 306 -36.18 19.06 21.77
CA ILE A 306 -35.07 19.74 21.09
C ILE A 306 -35.22 19.62 19.58
N HIS A 307 -35.91 18.58 19.10
CA HIS A 307 -36.14 18.44 17.67
C HIS A 307 -37.35 19.24 17.20
N LEU A 308 -38.33 19.45 18.08
CA LEU A 308 -39.54 20.18 17.71
C LEU A 308 -39.43 21.68 17.93
N ILE A 309 -38.47 22.15 18.74
CA ILE A 309 -38.34 23.59 18.98
C ILE A 309 -38.15 24.36 17.68
N PRO A 310 -37.38 23.88 16.68
CA PRO A 310 -37.32 24.64 15.42
C PRO A 310 -38.67 24.75 14.72
N VAL A 311 -39.54 23.75 14.87
CA VAL A 311 -40.85 23.81 14.24
C VAL A 311 -41.64 25.02 14.76
N LEU A 312 -41.79 25.10 16.09
CA LEU A 312 -42.53 26.22 16.65
C LEU A 312 -41.79 27.54 16.45
N ALA A 313 -40.46 27.51 16.42
CA ALA A 313 -39.71 28.73 16.12
C ALA A 313 -40.06 29.27 14.74
N ALA A 314 -40.06 28.39 13.74
CA ALA A 314 -40.43 28.81 12.38
C ALA A 314 -41.89 29.23 12.32
N TYR A 315 -42.76 28.54 13.05
CA TYR A 315 -44.17 28.93 13.08
C TYR A 315 -44.32 30.36 13.60
N ILE A 316 -43.63 30.68 14.68
CA ILE A 316 -43.73 32.03 15.25
C ILE A 316 -43.07 33.05 14.33
N THR A 317 -41.99 32.67 13.66
CA THR A 317 -41.34 33.59 12.73
C THR A 317 -42.21 33.89 11.53
N GLU A 318 -43.00 32.91 11.09
CA GLU A 318 -43.88 33.13 9.94
C GLU A 318 -45.13 33.90 10.33
N PHE A 319 -45.79 33.48 11.41
CA PHE A 319 -47.02 34.13 11.85
C PHE A 319 -46.77 35.29 12.80
N GLY A 320 -45.86 35.13 13.75
CA GLY A 320 -45.57 36.18 14.71
C GLY A 320 -44.82 37.35 14.12
N SER A 321 -43.64 37.10 13.57
CA SER A 321 -42.83 38.16 12.99
C SER A 321 -43.39 38.57 11.62
N PRO A 322 -43.24 39.84 11.24
CA PRO A 322 -43.74 40.27 9.93
C PRO A 322 -42.90 39.76 8.77
N GLU A 323 -42.83 38.44 8.63
CA GLU A 323 -42.10 37.78 7.56
C GLU A 323 -42.96 36.69 6.93
N GLY A 324 -44.21 37.03 6.65
CA GLY A 324 -45.16 36.08 6.11
C GLY A 324 -46.59 36.59 6.14
N MET A 325 -47.49 35.77 6.66
CA MET A 325 -48.91 36.15 6.77
C MET A 325 -49.06 37.21 7.87
N GLY A 326 -48.60 38.41 7.55
CA GLY A 326 -48.62 39.51 8.49
C GLY A 326 -49.99 40.11 8.69
N ASP A 327 -50.91 39.33 9.24
CA ASP A 327 -52.28 39.79 9.50
C ASP A 327 -52.34 40.25 10.95
N LEU A 328 -52.42 41.57 11.15
CA LEU A 328 -52.47 42.11 12.50
C LEU A 328 -53.73 41.67 13.24
N GLN A 329 -54.85 41.56 12.52
CA GLN A 329 -56.08 41.10 13.15
C GLN A 329 -55.92 39.69 13.70
N GLN A 330 -55.26 38.81 12.93
CA GLN A 330 -54.99 37.47 13.43
C GLN A 330 -53.87 37.47 14.45
N ALA A 331 -52.91 38.40 14.33
CA ALA A 331 -51.81 38.46 15.29
C ALA A 331 -52.31 38.80 16.68
N ARG A 332 -53.27 39.73 16.78
CA ARG A 332 -53.81 40.09 18.08
C ARG A 332 -54.54 38.91 18.72
N ARG A 333 -55.30 38.16 17.92
CA ARG A 333 -56.00 37.00 18.45
C ARG A 333 -55.01 35.92 18.90
N LEU A 334 -53.95 35.70 18.12
CA LEU A 334 -52.94 34.72 18.52
C LEU A 334 -52.25 35.15 19.81
N ASN A 335 -51.99 36.45 19.95
CA ASN A 335 -51.37 36.95 21.18
C ASN A 335 -52.29 36.74 22.38
N ASP A 336 -53.58 37.06 22.22
CA ASP A 336 -54.52 36.88 23.31
C ASP A 336 -54.71 35.40 23.65
N PHE A 337 -54.56 34.51 22.66
CA PHE A 337 -54.72 33.08 22.91
C PHE A 337 -53.51 32.51 23.62
N ILE A 338 -52.30 32.81 23.13
CA ILE A 338 -51.09 32.28 23.73
C ILE A 338 -50.88 32.87 25.12
N CYS A 339 -51.13 34.17 25.27
CA CYS A 339 -50.97 34.84 26.56
C CYS A 339 -52.21 34.66 27.43
N SER A 346 -52.83 24.67 32.70
CA SER A 346 -52.78 24.00 31.41
C SER A 346 -51.37 23.57 31.07
N TRP A 347 -50.43 24.50 31.14
CA TRP A 347 -49.03 24.20 30.84
C TRP A 347 -48.48 23.23 31.87
N ALA A 348 -48.05 22.05 31.41
CA ALA A 348 -47.47 21.06 32.29
C ALA A 348 -46.01 21.35 32.63
N LEU A 349 -45.42 22.39 32.02
CA LEU A 349 -44.02 22.75 32.28
C LEU A 349 -43.91 24.26 32.05
N PRO A 350 -43.85 25.05 33.13
CA PRO A 350 -43.96 26.51 32.95
C PRO A 350 -42.83 27.13 32.15
N VAL A 351 -41.63 26.54 32.17
CA VAL A 351 -40.51 27.13 31.44
C VAL A 351 -40.80 27.13 29.93
N LEU A 352 -41.49 26.10 29.45
CA LEU A 352 -41.85 26.05 28.04
C LEU A 352 -42.76 27.21 27.66
N GLY A 353 -43.82 27.42 28.45
CA GLY A 353 -44.71 28.53 28.18
C GLY A 353 -44.01 29.87 28.29
N ALA A 354 -43.11 30.00 29.26
CA ALA A 354 -42.36 31.25 29.42
C ALA A 354 -41.51 31.52 28.19
N ALA A 355 -40.78 30.51 27.70
CA ALA A 355 -39.97 30.69 26.51
C ALA A 355 -40.82 31.01 25.29
N VAL A 356 -41.97 30.34 25.16
CA VAL A 356 -42.84 30.59 24.02
C VAL A 356 -43.35 32.02 24.05
N ARG A 357 -43.80 32.48 25.22
CA ARG A 357 -44.30 33.86 25.33
C ARG A 357 -43.19 34.86 25.07
N ALA A 358 -41.99 34.62 25.58
CA ALA A 358 -40.87 35.53 25.33
C ALA A 358 -40.55 35.60 23.84
N TRP A 359 -40.51 34.45 23.16
CA TRP A 359 -40.25 34.45 21.73
C TRP A 359 -41.34 35.19 20.96
N TRP A 360 -42.61 34.94 21.32
CA TRP A 360 -43.71 35.61 20.63
C TRP A 360 -43.63 37.12 20.83
N ILE A 361 -43.32 37.57 22.05
CA ILE A 361 -43.22 39.01 22.30
C ILE A 361 -42.06 39.59 21.50
N ALA A 362 -40.91 38.93 21.52
CA ALA A 362 -39.75 39.43 20.80
C ALA A 362 -40.02 39.53 19.30
N GLU A 363 -40.78 38.58 18.75
CA GLU A 363 -41.07 38.59 17.32
C GLU A 363 -42.23 39.50 16.96
N HIS A 364 -43.08 39.85 17.93
CA HIS A 364 -44.24 40.69 17.65
C HIS A 364 -43.96 42.18 17.79
N ASN A 365 -42.87 42.56 18.47
CA ASN A 365 -42.56 43.97 18.66
C ASN A 365 -42.24 44.67 17.34
N GLY A 366 -42.02 43.93 16.25
CA GLY A 366 -41.70 44.56 14.97
C GLY A 366 -42.84 45.38 14.39
N PHE A 367 -44.06 45.17 14.86
CA PHE A 367 -45.20 45.92 14.34
C PHE A 367 -45.33 47.28 15.00
N TYR A 368 -45.06 47.36 16.30
CA TYR A 368 -45.18 48.60 17.06
C TYR A 368 -43.87 49.39 17.02
N LEU A 369 -43.44 49.68 15.80
CA LEU A 369 -42.23 50.47 15.55
C LEU A 369 -42.54 51.81 14.90
N ASP A 370 -43.28 51.81 13.78
CA ASP A 370 -43.66 53.01 13.08
C ASP A 370 -45.16 53.00 12.83
N ASP A 371 -45.66 54.07 12.24
CA ASP A 371 -47.09 54.24 11.94
C ASP A 371 -47.29 54.65 10.49
N THR A 372 -46.48 54.10 9.60
CA THR A 372 -46.57 54.41 8.18
C THR A 372 -46.74 53.15 7.35
N VAL A 373 -46.17 52.03 7.83
CA VAL A 373 -46.29 50.77 7.10
C VAL A 373 -47.59 50.05 7.38
N GLN A 374 -48.23 50.32 8.52
CA GLN A 374 -49.50 49.70 8.87
C GLN A 374 -50.36 50.72 9.59
N ASP A 375 -51.60 50.33 9.88
CA ASP A 375 -52.57 51.19 10.56
C ASP A 375 -52.57 50.90 12.04
N LEU A 376 -52.41 51.94 12.85
CA LEU A 376 -52.39 51.83 14.30
C LEU A 376 -53.32 52.87 14.92
N ARG A 377 -54.47 53.10 14.29
CA ARG A 377 -55.44 54.08 14.77
C ARG A 377 -56.40 53.43 15.76
N GLY A 378 -56.81 54.21 16.76
CA GLY A 378 -57.73 53.71 17.76
C GLY A 378 -57.17 52.60 18.62
N ILE A 379 -55.86 52.57 18.83
CA ILE A 379 -55.21 51.56 19.65
C ILE A 379 -54.19 52.26 20.55
N ASN A 380 -54.16 51.85 21.81
CA ASN A 380 -53.24 52.42 22.78
C ASN A 380 -51.90 51.70 22.73
N LEU A 381 -50.84 52.42 23.08
CA LEU A 381 -49.47 51.91 23.02
C LEU A 381 -48.87 51.65 24.40
N ASP A 382 -48.93 52.64 25.29
CA ASP A 382 -48.27 52.48 26.59
C ASP A 382 -48.83 51.30 27.37
N GLU A 383 -50.15 51.09 27.30
CA GLU A 383 -50.75 49.97 28.00
C GLU A 383 -50.20 48.64 27.49
N GLU A 384 -50.23 48.46 26.16
CA GLU A 384 -49.71 47.22 25.59
C GLU A 384 -48.21 47.07 25.85
N ASP A 385 -47.48 48.18 25.84
CA ASP A 385 -46.05 48.13 26.13
C ASP A 385 -45.80 47.62 27.55
N GLU A 386 -46.53 48.17 28.52
CA GLU A 386 -46.38 47.71 29.91
C GLU A 386 -46.80 46.27 30.05
N GLN A 387 -47.87 45.87 29.35
CA GLN A 387 -48.31 44.48 29.42
C GLN A 387 -47.23 43.54 28.91
N ARG A 388 -46.66 43.85 27.74
CA ARG A 388 -45.59 43.00 27.19
C ARG A 388 -44.38 43.00 28.12
N THR A 389 -44.07 44.16 28.73
CA THR A 389 -42.92 44.23 29.62
C THR A 389 -43.11 43.32 30.83
N LYS A 390 -44.29 43.38 31.46
CA LYS A 390 -44.53 42.53 32.62
C LYS A 390 -44.57 41.07 32.23
N GLN A 391 -45.13 40.74 31.06
CA GLN A 391 -45.14 39.36 30.61
C GLN A 391 -43.73 38.85 30.38
N PHE A 392 -42.86 39.67 29.79
CA PHE A 392 -41.48 39.26 29.56
C PHE A 392 -40.74 39.10 30.89
N LEU A 393 -40.98 40.00 31.84
CA LEU A 393 -40.35 39.87 33.14
C LEU A 393 -40.79 38.60 33.85
N ASP A 394 -42.08 38.26 33.76
CA ASP A 394 -42.56 37.01 34.33
C ASP A 394 -41.92 35.81 33.66
N ALA A 395 -41.83 35.83 32.32
CA ALA A 395 -41.18 34.74 31.60
C ALA A 395 -39.74 34.58 32.06
N LEU A 396 -39.01 35.68 32.21
CA LEU A 396 -37.64 35.61 32.70
C LEU A 396 -37.60 34.99 34.09
N LYS A 397 -38.45 35.49 35.01
CA LYS A 397 -38.46 34.95 36.37
C LYS A 397 -38.80 33.47 36.39
N GLU A 398 -39.53 32.99 35.39
CA GLU A 398 -39.89 31.58 35.33
C GLU A 398 -38.77 30.70 34.79
N GLY A 399 -37.73 31.27 34.20
CA GLY A 399 -36.60 30.50 33.74
C GLY A 399 -36.59 30.25 32.25
N ALA A 400 -36.89 31.28 31.45
CA ALA A 400 -36.89 31.12 30.00
C ALA A 400 -35.47 31.02 29.46
N PHE A 401 -34.65 32.04 29.72
CA PHE A 401 -33.27 32.00 29.24
C PHE A 401 -32.50 30.82 29.82
N ASP A 402 -32.81 30.42 31.05
CA ASP A 402 -32.14 29.26 31.63
C ASP A 402 -32.46 28.00 30.82
N PHE A 403 -33.73 27.81 30.47
CA PHE A 403 -34.11 26.65 29.66
C PHE A 403 -33.46 26.73 28.28
N ILE A 404 -33.44 27.91 27.67
CA ILE A 404 -32.82 28.04 26.36
C ILE A 404 -31.35 27.68 26.42
N LEU A 405 -30.65 28.14 27.47
CA LEU A 405 -29.22 27.84 27.60
C LEU A 405 -29.01 26.35 27.85
N SER A 406 -29.85 25.73 28.68
CA SER A 406 -29.71 24.30 28.92
C SER A 406 -29.93 23.51 27.63
N VAL A 407 -30.90 23.91 26.83
CA VAL A 407 -31.15 23.22 25.56
C VAL A 407 -29.96 23.40 24.62
N ALA A 408 -29.45 24.64 24.52
CA ALA A 408 -28.30 24.89 23.66
C ALA A 408 -27.10 24.08 24.09
N ALA A 409 -26.91 23.90 25.40
CA ALA A 409 -25.77 23.13 25.89
C ALA A 409 -25.96 21.64 25.60
N ASP A 410 -27.15 21.10 25.89
CA ASP A 410 -27.41 19.70 25.63
C ASP A 410 -27.41 19.37 24.14
N CYS A 411 -27.62 20.36 23.28
CA CYS A 411 -27.64 20.10 21.84
C CYS A 411 -26.25 19.74 21.33
N LYS A 412 -25.24 20.53 21.68
CA LYS A 412 -23.87 20.30 21.25
C LYS A 412 -23.09 19.43 22.23
N ALA A 413 -23.77 18.59 23.01
CA ALA A 413 -23.09 17.71 23.94
C ALA A 413 -22.13 16.78 23.21
N GLN A 414 -20.84 16.96 23.44
CA GLN A 414 -19.80 16.17 22.79
C GLN A 414 -19.20 15.17 23.76
N GLU A 415 -18.84 14.00 23.24
CA GLU A 415 -18.25 12.96 24.09
C GLU A 415 -16.95 13.43 24.72
N TRP A 416 -16.13 14.16 23.96
CA TRP A 416 -14.87 14.71 24.45
C TRP A 416 -14.79 16.18 24.12
N GLN A 417 -14.14 16.94 24.99
CA GLN A 417 -13.97 18.37 24.82
C GLN A 417 -12.51 18.74 25.04
N ASP A 418 -12.08 19.80 24.37
CA ASP A 418 -10.70 20.27 24.50
C ASP A 418 -10.45 20.69 25.94
N PRO A 419 -9.35 20.25 26.57
CA PRO A 419 -9.07 20.67 27.95
C PRO A 419 -8.71 22.14 28.09
N SER A 420 -8.63 22.89 27.00
CA SER A 420 -8.30 24.31 27.07
C SER A 420 -9.48 25.17 27.50
N GLN A 421 -10.68 24.60 27.59
CA GLN A 421 -11.89 25.35 27.94
C GLN A 421 -12.70 24.57 28.98
N LEU A 422 -12.02 24.06 30.00
CA LEU A 422 -12.68 23.34 31.07
C LEU A 422 -13.36 24.31 32.03
N GLY A 423 -14.55 23.95 32.47
CA GLY A 423 -15.31 24.78 33.38
C GLY A 423 -15.85 26.06 32.79
N ALA A 424 -15.65 26.30 31.49
CA ALA A 424 -16.13 27.50 30.85
C ALA A 424 -17.61 27.36 30.53
N ARG A 425 -18.40 28.38 30.86
CA ARG A 425 -19.84 28.38 30.60
C ARG A 425 -20.54 27.25 31.34
N GLN A 426 -20.00 26.86 32.50
CA GLN A 426 -20.58 25.80 33.31
C GLN A 426 -20.55 26.16 34.80
N TRP A 427 -20.66 27.45 35.12
CA TRP A 427 -20.59 27.93 36.49
C TRP A 427 -21.92 28.55 36.94
N LEU A 428 -23.01 28.24 36.26
CA LEU A 428 -24.32 28.79 36.59
C LEU A 428 -25.08 27.84 37.50
N GLN A 429 -26.30 28.21 37.84
CA GLN A 429 -27.18 27.42 38.69
C GLN A 429 -28.30 26.87 37.81
N ARG A 430 -28.06 25.69 37.24
CA ARG A 430 -29.01 25.04 36.34
C ARG A 430 -29.96 24.18 37.17
N LYS A 431 -31.26 24.47 37.05
CA LYS A 431 -32.29 23.70 37.74
C LYS A 431 -33.12 22.86 36.78
N ILE A 432 -32.84 22.90 35.48
CA ILE A 432 -33.59 22.11 34.50
C ILE A 432 -33.08 20.67 34.55
N PRO A 433 -33.96 19.67 34.56
CA PRO A 433 -33.48 18.29 34.57
C PRO A 433 -32.70 17.96 33.30
N SER A 434 -31.62 17.21 33.47
CA SER A 434 -30.74 16.86 32.36
C SER A 434 -31.32 15.69 31.58
N LEU A 435 -30.68 15.41 30.44
CA LEU A 435 -31.11 14.32 29.59
C LEU A 435 -30.73 12.97 30.23
N PRO A 436 -31.39 11.88 29.83
CA PRO A 436 -31.05 10.57 30.39
C PRO A 436 -29.69 10.04 29.96
N SER A 437 -28.94 10.78 29.15
CA SER A 437 -27.60 10.40 28.72
C SER A 437 -27.61 9.23 27.74
N GLU A 438 -28.76 8.93 27.15
CA GLU A 438 -28.83 7.84 26.19
C GLU A 438 -28.11 8.23 24.90
N PRO A 439 -27.63 7.24 24.13
CA PRO A 439 -26.86 7.55 22.92
C PRO A 439 -27.74 8.05 21.79
N PHE A 440 -28.11 9.33 21.83
CA PHE A 440 -28.91 9.97 20.79
C PHE A 440 -28.16 11.20 20.27
N PRO A 441 -27.09 10.97 19.50
CA PRO A 441 -26.34 12.11 18.96
C PRO A 441 -27.14 12.87 17.91
N PHE A 442 -26.87 14.17 17.83
CA PHE A 442 -27.57 15.04 16.89
C PHE A 442 -26.82 15.11 15.56
N SER A 443 -27.48 15.68 14.57
CA SER A 443 -26.92 15.85 13.23
C SER A 443 -26.32 17.24 13.11
N HIS A 444 -25.92 17.61 11.89
CA HIS A 444 -25.32 18.92 11.63
C HIS A 444 -26.35 19.95 11.17
N PHE A 445 -27.29 19.54 10.32
CA PHE A 445 -28.30 20.47 9.84
C PHE A 445 -29.15 21.00 10.99
N LEU A 446 -29.48 20.14 11.96
CA LEU A 446 -30.27 20.58 13.11
C LEU A 446 -29.52 21.65 13.90
N GLN A 447 -28.21 21.44 14.13
CA GLN A 447 -27.43 22.44 14.84
C GLN A 447 -27.37 23.75 14.07
N HIS A 448 -27.21 23.67 12.75
CA HIS A 448 -27.18 24.89 11.93
C HIS A 448 -28.49 25.65 12.05
N SER A 449 -29.62 24.95 11.92
CA SER A 449 -30.92 25.61 12.04
C SER A 449 -31.10 26.21 13.44
N LEU A 450 -30.68 25.49 14.48
CA LEU A 450 -30.81 26.01 15.83
C LEU A 450 -30.00 27.28 16.01
N MET A 451 -28.76 27.29 15.52
CA MET A 451 -27.93 28.49 15.65
C MET A 451 -28.51 29.64 14.85
N VAL A 452 -29.05 29.36 13.66
CA VAL A 452 -29.67 30.42 12.86
C VAL A 452 -30.85 31.03 13.62
N HIS A 453 -31.71 30.17 14.17
CA HIS A 453 -32.86 30.67 14.92
C HIS A 453 -32.44 31.45 16.14
N LEU A 454 -31.39 30.99 16.84
CA LEU A 454 -30.93 31.69 18.03
C LEU A 454 -30.37 33.07 17.68
N GLU A 455 -29.57 33.16 16.61
CA GLU A 455 -29.03 34.46 16.24
C GLU A 455 -30.14 35.39 15.75
N GLY A 456 -31.15 34.84 15.07
CA GLY A 456 -32.28 35.66 14.67
C GLY A 456 -33.04 36.21 15.88
N PHE A 457 -33.29 35.34 16.87
CA PHE A 457 -33.96 35.81 18.08
C PHE A 457 -33.12 36.84 18.82
N VAL A 458 -31.80 36.66 18.83
CA VAL A 458 -30.92 37.64 19.47
C VAL A 458 -31.02 38.98 18.78
N ASP A 459 -30.94 38.97 17.44
CA ASP A 459 -31.06 40.22 16.69
C ASP A 459 -32.41 40.89 16.96
N ALA A 460 -33.48 40.11 16.98
CA ALA A 460 -34.81 40.67 17.23
C ALA A 460 -34.88 41.30 18.61
N THR A 461 -34.41 40.59 19.63
CA THR A 461 -34.46 41.11 21.00
C THR A 461 -33.58 42.34 21.16
N ILE A 462 -32.48 42.42 20.41
CA ILE A 462 -31.59 43.57 20.55
C ILE A 462 -32.14 44.78 19.79
N SER A 463 -32.85 44.55 18.68
CA SER A 463 -33.37 45.65 17.88
C SER A 463 -34.80 46.04 18.26
N ASN A 464 -35.44 45.30 19.16
CA ASN A 464 -36.82 45.58 19.54
C ASN A 464 -37.00 45.89 21.02
N LEU A 465 -36.24 45.27 21.92
CA LEU A 465 -36.42 45.42 23.36
C LEU A 465 -35.12 45.89 24.02
N PRO A 466 -34.60 47.06 23.65
CA PRO A 466 -33.43 47.59 24.36
C PRO A 466 -33.77 48.11 25.74
N ASP A 467 -34.89 48.83 25.89
CA ASP A 467 -35.28 49.36 27.19
C ASP A 467 -35.53 48.24 28.18
N VAL A 468 -36.03 47.09 27.72
CA VAL A 468 -36.24 45.96 28.61
C VAL A 468 -34.91 45.51 29.22
N LEU A 469 -33.89 45.34 28.37
CA LEU A 469 -32.58 44.96 28.87
C LEU A 469 -31.99 46.02 29.79
N ARG A 470 -32.19 47.29 29.45
CA ARG A 470 -31.69 48.37 30.29
C ARG A 470 -32.30 48.30 31.69
N LYS A 471 -33.63 48.19 31.76
CA LYS A 471 -34.29 48.15 33.06
C LYS A 471 -33.90 46.88 33.82
N LEU A 472 -33.74 45.76 33.12
CA LEU A 472 -33.31 44.53 33.78
C LEU A 472 -31.94 44.69 34.39
N ARG A 473 -31.00 45.27 33.64
CA ARG A 473 -29.65 45.47 34.15
C ARG A 473 -29.66 46.42 35.35
N THR A 474 -30.42 47.51 35.26
CA THR A 474 -30.49 48.44 36.38
C THR A 474 -31.08 47.78 37.63
N GLU A 475 -32.12 46.97 37.44
CA GLU A 475 -32.72 46.28 38.58
C GLU A 475 -31.75 45.29 39.20
N GLU A 476 -31.02 44.54 38.37
CA GLU A 476 -30.04 43.60 38.89
C GLU A 476 -28.94 44.33 39.65
N ASP A 477 -28.48 45.47 39.11
CA ASP A 477 -27.45 46.24 39.80
C ASP A 477 -27.94 46.74 41.15
N GLU A 478 -29.16 47.29 41.18
CA GLU A 478 -29.72 47.78 42.44
C GLU A 478 -29.87 46.65 43.44
N GLN A 479 -30.31 45.47 42.98
CA GLN A 479 -30.46 44.33 43.87
C GLN A 479 -29.12 43.89 44.44
N ARG A 480 -28.10 43.80 43.58
CA ARG A 480 -26.78 43.40 44.06
C ARG A 480 -26.19 44.45 45.00
N GLN A 481 -26.56 45.73 44.83
CA GLN A 481 -26.03 46.77 45.69
C GLN A 481 -26.71 46.76 47.05
N LEU A 482 -28.04 46.67 47.07
CA LEU A 482 -28.78 46.70 48.33
C LEU A 482 -28.68 45.39 49.11
N ARG A 483 -28.06 44.36 48.54
CA ARG A 483 -27.89 43.10 49.25
C ARG A 483 -26.75 42.31 48.61
N PRO A 484 -25.49 42.73 48.79
CA PRO A 484 -24.37 42.01 48.17
C PRO A 484 -24.26 40.56 48.63
N ASN A 485 -24.68 40.25 49.86
CA ASN A 485 -24.56 38.89 50.36
C ASN A 485 -25.36 37.91 49.50
N HIS A 486 -26.45 38.37 48.89
CA HIS A 486 -27.27 37.53 48.03
C HIS A 486 -26.83 37.68 46.57
N GLU A 487 -27.08 36.62 45.80
CA GLU A 487 -26.71 36.59 44.39
C GLU A 487 -27.96 36.81 43.54
N GLN A 488 -27.99 37.89 42.79
CA GLN A 488 -29.12 38.20 41.93
C GLN A 488 -29.21 37.18 40.80
N ASP A 489 -30.26 37.32 39.99
CA ASP A 489 -30.47 36.40 38.87
C ASP A 489 -29.37 36.56 37.82
N MET A 490 -29.20 35.52 37.02
CA MET A 490 -28.19 35.48 35.96
C MET A 490 -28.84 35.61 34.59
N ASP A 491 -29.90 36.42 34.49
CA ASP A 491 -30.62 36.55 33.22
C ASP A 491 -29.71 37.11 32.14
N LEU A 492 -29.05 38.24 32.41
CA LEU A 492 -28.20 38.86 31.40
C LEU A 492 -27.00 37.97 31.05
N GLU A 493 -26.40 37.33 32.06
CA GLU A 493 -25.28 36.44 31.79
C GLU A 493 -25.71 35.24 30.95
N ARG A 494 -26.85 34.65 31.29
CA ARG A 494 -27.36 33.54 30.50
C ARG A 494 -27.66 33.97 29.07
N PHE A 495 -28.21 35.17 28.91
CA PHE A 495 -28.50 35.67 27.56
C PHE A 495 -27.22 35.88 26.77
N LEU A 496 -26.18 36.44 27.39
CA LEU A 496 -24.91 36.63 26.70
C LEU A 496 -24.29 35.29 26.34
N ILE A 497 -24.41 34.29 27.22
CA ILE A 497 -23.86 32.97 26.92
C ILE A 497 -24.62 32.33 25.76
N ILE A 498 -25.94 32.54 25.71
CA ILE A 498 -26.72 32.03 24.58
C ILE A 498 -26.29 32.72 23.29
N ILE A 499 -26.06 34.03 23.35
CA ILE A 499 -25.54 34.75 22.19
C ILE A 499 -24.22 34.13 21.73
N SER A 500 -23.31 33.90 22.68
CA SER A 500 -22.02 33.31 22.34
C SER A 500 -22.19 31.95 21.67
N TYR A 501 -23.05 31.10 22.24
CA TYR A 501 -23.31 29.80 21.63
C TYR A 501 -23.86 29.95 20.22
N ALA A 502 -24.73 30.95 20.01
CA ALA A 502 -25.30 31.15 18.68
C ALA A 502 -24.23 31.54 17.67
N TYR A 503 -23.43 32.54 18.00
CA TYR A 503 -22.37 33.01 17.11
C TYR A 503 -21.09 32.24 17.43
N GLU A 504 -21.02 31.02 16.88
CA GLU A 504 -19.87 30.14 17.06
C GLU A 504 -19.57 29.47 15.73
N GLY A 505 -18.34 29.64 15.23
CA GLY A 505 -17.99 29.08 13.95
C GLY A 505 -18.74 29.68 12.79
N ARG A 506 -19.26 30.90 12.94
CA ARG A 506 -20.05 31.57 11.90
C ARG A 506 -19.50 32.99 11.74
N PRO A 507 -18.34 33.13 11.08
CA PRO A 507 -17.78 34.48 10.92
C PRO A 507 -18.64 35.40 10.07
N ASP A 508 -19.43 34.85 9.16
CA ASP A 508 -20.31 35.69 8.34
C ASP A 508 -21.25 36.52 9.20
N ALA A 509 -21.74 35.94 10.30
CA ALA A 509 -22.60 36.66 11.22
C ALA A 509 -21.82 37.43 12.28
N ALA A 510 -20.63 36.94 12.64
CA ALA A 510 -19.82 37.66 13.62
C ALA A 510 -19.32 38.99 13.08
N MET A 511 -19.05 39.07 11.77
CA MET A 511 -18.59 40.33 11.20
C MET A 511 -19.64 41.42 11.36
N SER A 512 -20.92 41.05 11.48
CA SER A 512 -21.97 42.05 11.63
C SER A 512 -21.76 42.94 12.86
N PHE A 513 -21.04 42.44 13.87
CA PHE A 513 -20.79 43.22 15.07
C PHE A 513 -19.62 44.19 14.91
N TRP A 514 -19.00 44.27 13.74
CA TRP A 514 -17.86 45.14 13.52
C TRP A 514 -17.98 46.02 12.28
N GLU A 515 -18.80 45.66 11.29
CA GLU A 515 -18.94 46.48 10.09
C GLU A 515 -19.46 47.87 10.43
N ASP A 516 -20.66 47.93 11.02
CA ASP A 516 -21.29 49.19 11.38
C ASP A 516 -21.14 49.42 12.88
N PRO A 517 -20.16 50.21 13.32
CA PRO A 517 -20.00 50.43 14.77
C PRO A 517 -21.07 51.31 15.38
N ASP A 518 -22.03 51.81 14.59
CA ASP A 518 -23.10 52.66 15.10
C ASP A 518 -24.47 52.01 14.92
N SER A 519 -24.52 50.68 14.85
CA SER A 519 -25.76 49.95 14.69
C SER A 519 -26.26 49.46 16.05
N ASN A 520 -27.39 48.75 16.04
CA ASN A 520 -27.94 48.23 17.28
C ASN A 520 -27.03 47.17 17.88
N LEU A 521 -26.49 46.27 17.05
CA LEU A 521 -25.59 45.24 17.56
C LEU A 521 -24.34 45.85 18.16
N ALA A 522 -23.64 46.68 17.38
CA ALA A 522 -22.43 47.33 17.89
C ALA A 522 -22.75 48.25 19.05
N GLY A 523 -23.92 48.90 19.01
CA GLY A 523 -24.32 49.75 20.12
C GLY A 523 -24.43 48.98 21.42
N PHE A 524 -25.15 47.85 21.39
CA PHE A 524 -25.28 47.02 22.58
C PHE A 524 -23.92 46.46 23.00
N LEU A 525 -23.08 46.09 22.03
CA LEU A 525 -21.76 45.56 22.36
C LEU A 525 -20.93 46.60 23.10
N GLN A 526 -20.98 47.86 22.66
CA GLN A 526 -20.22 48.90 23.33
C GLN A 526 -20.85 49.29 24.66
N TRP A 527 -22.18 49.17 24.78
CA TRP A 527 -22.86 49.53 26.02
C TRP A 527 -22.67 48.47 27.10
N ALA A 528 -22.49 47.21 26.72
CA ALA A 528 -22.29 46.14 27.68
C ALA A 528 -20.86 46.04 28.18
N SER A 529 -20.01 47.03 27.87
CA SER A 529 -18.62 47.03 28.29
C SER A 529 -18.34 48.08 29.36
N ARG A 530 -19.37 48.73 29.88
CA ARG A 530 -19.19 49.76 30.90
C ARG A 530 -18.95 49.09 32.26
N ARG A 531 -18.93 49.89 33.32
CA ARG A 531 -18.71 49.36 34.66
C ARG A 531 -19.81 48.36 35.01
N ALA A 532 -19.39 47.16 35.42
CA ALA A 532 -20.32 46.10 35.76
C ALA A 532 -19.66 45.17 36.76
N SER A 533 -20.31 44.05 37.05
CA SER A 533 -19.81 43.08 38.00
C SER A 533 -18.93 42.05 37.29
N THR A 534 -18.39 41.11 38.06
CA THR A 534 -17.49 40.09 37.53
C THR A 534 -18.21 39.14 36.59
N PRO A 535 -19.42 38.67 36.91
CA PRO A 535 -20.10 37.75 35.99
C PRO A 535 -20.33 38.34 34.61
N LEU A 536 -20.76 39.61 34.53
CA LEU A 536 -21.02 40.22 33.23
C LEU A 536 -19.72 40.37 32.44
N VAL A 537 -18.63 40.77 33.10
CA VAL A 537 -17.36 40.90 32.41
C VAL A 537 -16.88 39.55 31.90
N SER A 538 -17.05 38.50 32.71
CA SER A 538 -16.66 37.16 32.27
C SER A 538 -17.49 36.72 31.07
N ALA A 539 -18.80 36.97 31.10
CA ALA A 539 -19.64 36.61 29.97
C ALA A 539 -19.23 37.36 28.72
N PHE A 540 -18.92 38.65 28.86
CA PHE A 540 -18.52 39.45 27.71
C PHE A 540 -17.19 38.95 27.14
N CYS A 541 -16.26 38.57 28.01
CA CYS A 541 -14.98 38.04 27.55
C CYS A 541 -15.18 36.71 26.83
N GLU A 542 -16.04 35.84 27.37
CA GLU A 542 -16.32 34.57 26.69
C GLU A 542 -16.96 34.81 25.34
N MET A 543 -17.86 35.79 25.25
CA MET A 543 -18.48 36.12 23.97
C MET A 543 -17.43 36.60 22.97
N LEU A 544 -16.58 37.54 23.39
CA LEU A 544 -15.50 38.00 22.51
C LEU A 544 -14.63 36.85 22.06
N ARG A 545 -14.33 35.92 22.97
CA ARG A 545 -13.50 34.76 22.60
C ARG A 545 -14.19 33.92 21.54
N CYS A 546 -15.48 33.62 21.73
CA CYS A 546 -16.20 32.80 20.78
C CYS A 546 -16.52 33.56 19.49
N LEU A 547 -16.38 34.88 19.49
CA LEU A 547 -16.60 35.68 18.29
C LEU A 547 -15.30 35.95 17.53
N ALA A 548 -14.31 35.07 17.67
CA ALA A 548 -13.01 35.21 17.01
C ALA A 548 -12.68 33.94 16.24
N ASP A 549 -13.65 33.43 15.48
CA ASP A 549 -13.43 32.21 14.70
C ASP A 549 -12.38 32.40 13.63
N ASN A 550 -12.07 33.64 13.24
CA ASN A 550 -11.07 33.90 12.21
C ASN A 550 -10.13 35.02 12.64
N GLU A 551 -9.27 35.46 11.73
CA GLU A 551 -8.29 36.48 12.07
C GLU A 551 -8.89 37.89 11.98
N GLU A 552 -9.77 38.12 11.02
CA GLU A 552 -10.36 39.45 10.87
C GLU A 552 -11.18 39.83 12.09
N CYS A 553 -12.00 38.90 12.58
CA CYS A 553 -12.80 39.18 13.77
C CYS A 553 -11.91 39.40 14.99
N ALA A 554 -10.82 38.64 15.10
CA ALA A 554 -9.89 38.82 16.21
C ALA A 554 -9.27 40.21 16.18
N THR A 555 -8.82 40.64 14.99
CA THR A 555 -8.24 41.98 14.87
C THR A 555 -9.28 43.06 15.16
N ALA A 556 -10.52 42.86 14.71
CA ALA A 556 -11.57 43.83 14.98
C ALA A 556 -11.82 43.95 16.49
N ALA A 557 -11.90 42.81 17.17
CA ALA A 557 -12.09 42.83 18.62
C ALA A 557 -10.92 43.49 19.32
N HIS A 558 -9.70 43.23 18.85
CA HIS A 558 -8.52 43.86 19.45
C HIS A 558 -8.59 45.37 19.30
N ASN A 559 -8.91 45.85 18.09
CA ASN A 559 -8.99 47.29 17.86
C ASN A 559 -10.13 47.92 18.63
N PHE A 560 -11.23 47.19 18.85
CA PHE A 560 -12.37 47.75 19.56
C PHE A 560 -12.15 47.77 21.07
N LEU A 561 -11.36 46.82 21.59
CA LEU A 561 -11.14 46.76 23.03
C LEU A 561 -10.15 47.83 23.48
N LEU A 562 -9.13 48.11 22.67
CA LEU A 562 -8.15 49.12 23.03
C LEU A 562 -8.71 50.52 22.78
N ASP A 563 -8.13 51.49 23.48
CA ASP A 563 -8.56 52.88 23.33
C ASP A 563 -8.09 53.44 22.00
N GLU A 564 -8.96 54.22 21.36
CA GLU A 564 -8.65 54.84 20.07
C GLU A 564 -8.44 56.34 20.24
N GLN A 576 -16.42 54.28 31.42
CA GLN A 576 -15.95 54.08 30.05
C GLN A 576 -15.91 52.60 29.69
N SER A 577 -15.74 52.31 28.41
CA SER A 577 -15.70 50.93 27.95
C SER A 577 -14.45 50.23 28.48
N LEU A 578 -14.48 48.90 28.43
CA LEU A 578 -13.35 48.11 28.90
C LEU A 578 -12.12 48.37 28.04
N THR A 579 -10.95 48.39 28.70
CA THR A 579 -9.70 48.63 28.01
C THR A 579 -8.62 47.73 28.62
N TRP A 580 -7.56 47.48 27.84
CA TRP A 580 -6.46 46.66 28.32
C TRP A 580 -5.81 47.26 29.55
N SER A 581 -5.84 48.59 29.69
CA SER A 581 -5.22 49.24 30.84
C SER A 581 -5.82 48.73 32.14
N GLN A 582 -7.14 48.76 32.25
CA GLN A 582 -7.80 48.31 33.47
C GLN A 582 -7.57 46.81 33.69
N ILE A 583 -7.55 46.04 32.60
CA ILE A 583 -7.31 44.59 32.73
C ILE A 583 -5.95 44.34 33.36
N PHE A 584 -4.91 44.97 32.81
CA PHE A 584 -3.57 44.77 33.37
C PHE A 584 -3.44 45.35 34.76
N LYS A 585 -4.15 46.44 35.06
CA LYS A 585 -4.14 46.99 36.41
C LYS A 585 -4.71 45.99 37.40
N GLU A 586 -5.84 45.37 37.05
CA GLU A 586 -6.43 44.36 37.93
C GLU A 586 -5.52 43.16 38.05
N LEU A 587 -4.87 42.76 36.95
CA LEU A 587 -3.94 41.64 37.01
C LEU A 587 -2.80 41.93 37.99
N GLU A 588 -2.21 43.12 37.90
CA GLU A 588 -1.13 43.49 38.80
C GLU A 588 -1.62 43.58 40.25
N TYR A 589 -2.85 44.08 40.44
CA TYR A 589 -3.41 44.15 41.79
C TYR A 589 -3.55 42.76 42.39
N PHE A 590 -4.12 41.82 41.63
CA PHE A 590 -4.25 40.46 42.13
C PHE A 590 -2.90 39.82 42.38
N THR A 591 -1.93 40.08 41.50
CA THR A 591 -0.59 39.52 41.69
C THR A 591 0.03 40.03 42.99
N THR A 592 -0.05 41.34 43.23
CA THR A 592 0.50 41.91 44.46
C THR A 592 -0.24 41.40 45.68
N LYS A 593 -1.55 41.19 45.57
CA LYS A 593 -2.32 40.69 46.71
C LYS A 593 -1.93 39.24 47.03
N VAL A 594 -1.74 38.41 46.00
CA VAL A 594 -1.34 37.04 46.23
C VAL A 594 0.09 36.97 46.76
N CYS A 595 0.95 37.87 46.31
CA CYS A 595 2.34 37.91 46.74
C CYS A 595 2.56 38.84 47.93
N SER A 596 1.53 39.54 48.38
CA SER A 596 1.65 40.46 49.51
C SER A 596 2.72 41.51 49.24
N GLU A 618 -8.64 35.12 50.95
CA GLU A 618 -7.63 35.81 50.14
C GLU A 618 -8.14 36.03 48.71
N ILE A 619 -8.44 34.94 48.02
CA ILE A 619 -8.94 34.97 46.66
C ILE A 619 -10.32 34.32 46.63
N GLU A 620 -11.23 34.90 45.86
CA GLU A 620 -12.59 34.42 45.74
C GLU A 620 -12.79 33.72 44.41
N PRO A 621 -13.82 32.87 44.29
CA PRO A 621 -14.07 32.20 43.00
C PRO A 621 -14.29 33.16 41.85
N GLU A 622 -14.92 34.31 42.10
CA GLU A 622 -15.17 35.27 41.03
C GLU A 622 -13.87 35.80 40.44
N SER A 623 -12.89 36.08 41.30
CA SER A 623 -11.60 36.56 40.81
C SER A 623 -10.90 35.50 39.96
N ALA A 624 -10.93 34.25 40.42
CA ALA A 624 -10.32 33.17 39.63
C ALA A 624 -11.01 33.01 38.29
N LEU A 625 -12.34 33.09 38.27
CA LEU A 625 -13.07 32.97 37.01
C LEU A 625 -12.73 34.12 36.08
N MET A 626 -12.63 35.34 36.61
CA MET A 626 -12.27 36.48 35.78
C MET A 626 -10.87 36.31 35.20
N LEU A 627 -9.92 35.85 36.02
CA LEU A 627 -8.57 35.64 35.53
C LEU A 627 -8.54 34.57 34.44
N GLU A 628 -9.26 33.47 34.64
CA GLU A 628 -9.30 32.42 33.64
C GLU A 628 -9.92 32.92 32.34
N CYS A 629 -10.98 33.72 32.43
CA CYS A 629 -11.61 34.26 31.24
C CYS A 629 -10.66 35.19 30.49
N TYR A 630 -9.96 36.07 31.23
CA TYR A 630 -8.99 36.95 30.60
C TYR A 630 -7.90 36.15 29.91
N LEU A 631 -7.40 35.09 30.57
CA LEU A 631 -6.35 34.28 29.97
C LEU A 631 -6.84 33.59 28.70
N ARG A 632 -8.05 33.02 28.74
CA ARG A 632 -8.59 32.37 27.55
C ARG A 632 -8.76 33.37 26.42
N LEU A 633 -9.27 34.57 26.72
CA LEU A 633 -9.45 35.58 25.68
C LEU A 633 -8.11 35.98 25.07
N ILE A 634 -7.09 36.20 25.91
CA ILE A 634 -5.79 36.59 25.41
C ILE A 634 -5.20 35.48 24.54
N ALA A 635 -5.33 34.23 24.98
CA ALA A 635 -4.82 33.11 24.19
C ALA A 635 -5.52 33.02 22.85
N LYS A 636 -6.85 33.18 22.84
CA LYS A 636 -7.59 33.11 21.58
C LYS A 636 -7.18 34.24 20.64
N LEU A 637 -7.03 35.45 21.17
CA LEU A 637 -6.63 36.58 20.34
C LEU A 637 -5.22 36.36 19.78
N ALA A 638 -4.32 35.83 20.59
CA ALA A 638 -2.95 35.58 20.12
C ALA A 638 -2.92 34.47 19.08
N THR A 639 -3.79 33.46 19.21
CA THR A 639 -3.83 32.37 18.24
C THR A 639 -4.49 32.79 16.94
N GLU A 640 -5.45 33.71 17.00
CA GLU A 640 -6.18 34.14 15.80
C GLU A 640 -5.58 35.39 15.17
N SER A 641 -5.25 36.40 15.97
CA SER A 641 -4.71 37.66 15.48
C SER A 641 -3.20 37.65 15.55
N GLU A 642 -2.59 38.54 14.76
CA GLU A 642 -1.13 38.68 14.70
C GLU A 642 -0.63 40.00 15.26
N ILE A 643 -1.38 41.09 15.05
CA ILE A 643 -0.95 42.38 15.58
C ILE A 643 -0.94 42.35 17.10
N ALA A 644 -1.94 41.71 17.71
CA ALA A 644 -1.97 41.61 19.17
C ALA A 644 -0.84 40.74 19.68
N ARG A 645 -0.57 39.62 19.01
CA ARG A 645 0.51 38.75 19.43
C ARG A 645 1.86 39.47 19.38
N LYS A 646 2.06 40.31 18.36
CA LYS A 646 3.31 41.04 18.21
C LYS A 646 3.39 42.25 19.11
N ARG A 647 2.26 42.80 19.54
CA ARG A 647 2.24 43.99 20.38
C ARG A 647 2.34 43.63 21.86
N LEU A 648 1.41 42.81 22.36
CA LEU A 648 1.38 42.50 23.78
C LEU A 648 2.62 41.72 24.22
N ILE A 649 3.25 40.98 23.31
CA ILE A 649 4.38 40.14 23.70
C ILE A 649 5.58 40.98 24.07
N MET A 650 5.70 42.18 23.50
CA MET A 650 6.86 43.04 23.73
C MET A 650 6.43 44.44 24.17
N ASP A 651 5.25 44.56 24.79
CA ASP A 651 4.78 45.84 25.28
C ASP A 651 5.45 46.16 26.61
N GLU A 652 5.99 47.37 26.72
CA GLU A 652 6.70 47.76 27.94
C GLU A 652 5.74 48.27 29.00
N ASP A 653 4.57 48.78 28.62
CA ASP A 653 3.61 49.30 29.58
C ASP A 653 2.73 48.22 30.18
N PHE A 654 2.63 47.04 29.55
CA PHE A 654 1.81 45.95 30.04
C PHE A 654 2.62 44.91 30.81
N ASN A 655 3.66 44.36 30.20
CA ASN A 655 4.47 43.32 30.83
C ASN A 655 3.61 42.11 31.19
N LEU A 656 2.88 41.61 30.18
CA LEU A 656 1.97 40.48 30.41
C LEU A 656 2.74 39.27 30.90
N VAL A 657 3.88 38.96 30.27
CA VAL A 657 4.64 37.78 30.66
C VAL A 657 5.06 37.86 32.12
N ASP A 658 5.55 39.02 32.55
CA ASP A 658 5.99 39.18 33.93
C ASP A 658 4.82 38.98 34.89
N THR A 659 3.66 39.55 34.57
CA THR A 659 2.50 39.43 35.46
C THR A 659 2.05 37.97 35.57
N ILE A 660 1.93 37.28 34.42
CA ILE A 660 1.48 35.90 34.47
C ILE A 660 2.49 35.02 35.18
N LEU A 661 3.79 35.31 35.06
CA LEU A 661 4.79 34.51 35.73
C LEU A 661 4.77 34.76 37.24
N LYS A 662 4.58 36.02 37.65
CA LYS A 662 4.46 36.31 39.08
C LYS A 662 3.19 35.70 39.66
N LEU A 663 2.14 35.58 38.85
CA LEU A 663 0.89 35.00 39.34
C LEU A 663 0.98 33.47 39.42
N SER A 664 1.70 32.85 38.48
CA SER A 664 1.77 31.40 38.46
C SER A 664 2.58 30.88 39.65
N VAL A 665 3.66 31.56 40.01
CA VAL A 665 4.50 31.12 41.11
C VAL A 665 3.80 31.18 42.46
N GLY A 666 2.63 31.83 42.54
CA GLY A 666 1.89 31.93 43.78
C GLY A 666 1.06 30.70 44.05
N VAL A 667 0.36 30.74 45.18
CA VAL A 667 -0.51 29.65 45.61
C VAL A 667 -1.86 29.85 44.96
N ILE A 668 -2.13 29.09 43.90
CA ILE A 668 -3.39 29.20 43.16
C ILE A 668 -3.72 27.83 42.58
N PRO A 669 -4.98 27.55 42.26
CA PRO A 669 -5.33 26.24 41.69
C PRO A 669 -4.62 26.01 40.37
N HIS A 670 -4.71 24.76 39.90
CA HIS A 670 -4.01 24.37 38.67
C HIS A 670 -4.66 24.96 37.43
N ARG A 671 -5.92 25.41 37.52
CA ARG A 671 -6.59 25.96 36.35
C ARG A 671 -5.88 27.20 35.84
N LEU A 672 -5.48 28.10 36.75
CA LEU A 672 -4.80 29.32 36.33
C LEU A 672 -3.45 29.00 35.70
N ARG A 673 -2.71 28.04 36.27
CA ARG A 673 -1.43 27.66 35.68
C ARG A 673 -1.63 27.06 34.29
N ALA A 674 -2.66 26.23 34.12
CA ALA A 674 -2.93 25.66 32.81
C ALA A 674 -3.29 26.75 31.80
N CYS A 675 -4.10 27.72 32.23
CA CYS A 675 -4.46 28.82 31.33
C CYS A 675 -3.25 29.64 30.94
N ILE A 676 -2.34 29.89 31.90
CA ILE A 676 -1.12 30.63 31.59
C ILE A 676 -0.26 29.84 30.61
N PHE A 677 -0.16 28.53 30.81
CA PHE A 677 0.63 27.71 29.89
C PHE A 677 0.04 27.72 28.50
N TYR A 678 -1.30 27.68 28.39
CA TYR A 678 -1.93 27.72 27.08
C TYR A 678 -1.74 29.09 26.43
N VAL A 679 -1.77 30.16 27.22
CA VAL A 679 -1.50 31.49 26.68
C VAL A 679 -0.07 31.54 26.13
N LEU A 680 0.88 31.00 26.89
CA LEU A 680 2.26 30.97 26.41
C LEU A 680 2.39 30.17 25.12
N LYS A 681 1.72 29.00 25.06
CA LYS A 681 1.74 28.20 23.84
C LYS A 681 1.21 29.00 22.66
N ALA A 682 0.05 29.65 22.84
CA ALA A 682 -0.53 30.46 21.77
C ALA A 682 0.45 31.52 21.32
N LEU A 683 1.04 32.26 22.28
CA LEU A 683 2.02 33.28 21.93
C LEU A 683 3.19 32.70 21.15
N MET A 684 3.58 31.46 21.47
CA MET A 684 4.73 30.82 20.87
C MET A 684 4.35 29.83 19.77
N ILE A 685 3.13 29.93 19.24
CA ILE A 685 2.73 29.08 18.12
C ILE A 685 3.44 29.48 16.84
N ARG A 686 3.83 30.75 16.71
CA ARG A 686 4.66 31.23 15.63
C ARG A 686 5.60 32.29 16.18
N LYS A 687 6.90 32.09 16.00
CA LYS A 687 7.89 32.88 16.70
C LYS A 687 9.15 32.99 15.84
N THR A 688 10.13 33.72 16.34
CA THR A 688 11.40 33.91 15.65
C THR A 688 12.57 33.66 16.60
N HIS A 689 13.79 33.97 16.16
CA HIS A 689 14.96 33.72 17.00
C HIS A 689 14.95 34.62 18.24
N GLU A 690 14.62 35.90 18.06
CA GLU A 690 14.62 36.82 19.20
C GLU A 690 13.56 36.43 20.23
N GLU A 691 12.37 36.06 19.78
CA GLU A 691 11.32 35.66 20.71
C GLU A 691 11.73 34.41 21.49
N LEU A 692 12.31 33.43 20.81
CA LEU A 692 12.79 32.23 21.49
C LEU A 692 13.86 32.58 22.52
N ASP A 693 14.80 33.45 22.13
CA ASP A 693 15.86 33.84 23.06
C ASP A 693 15.28 34.51 24.29
N ALA A 694 14.35 35.44 24.10
CA ALA A 694 13.74 36.13 25.24
C ALA A 694 12.97 35.16 26.11
N MET A 695 12.23 34.23 25.50
CA MET A 695 11.47 33.26 26.27
C MET A 695 12.39 32.39 27.12
N TRP A 696 13.47 31.89 26.51
CA TRP A 696 14.40 31.06 27.27
C TRP A 696 15.08 31.86 28.39
N ARG A 697 15.42 33.12 28.11
CA ARG A 697 16.01 33.97 29.15
C ARG A 697 15.05 34.11 30.33
N TRP A 698 13.79 34.43 30.06
CA TRP A 698 12.81 34.59 31.13
C TRP A 698 12.63 33.28 31.89
N VAL A 699 12.53 32.17 31.17
CA VAL A 699 12.33 30.88 31.82
C VAL A 699 13.51 30.56 32.75
N GLU A 700 14.73 30.79 32.28
CA GLU A 700 15.90 30.53 33.11
C GLU A 700 15.93 31.46 34.32
N ALA A 701 15.60 32.74 34.12
CA ALA A 701 15.63 33.68 35.22
C ALA A 701 14.60 33.34 36.29
N TRP A 702 13.43 32.86 35.88
CA TRP A 702 12.37 32.54 36.82
C TRP A 702 12.46 31.13 37.40
N MET A 703 13.25 30.25 36.78
CA MET A 703 13.47 28.91 37.31
C MET A 703 14.76 28.78 38.11
N THR A 704 15.68 29.74 37.98
CA THR A 704 16.93 29.70 38.73
C THR A 704 16.79 30.29 40.12
N ASN A 705 15.91 31.28 40.30
CA ASN A 705 15.69 31.92 41.59
C ASN A 705 14.23 32.34 41.69
N PRO A 706 13.32 31.38 41.84
CA PRO A 706 11.89 31.70 41.93
C PRO A 706 11.45 32.25 43.29
N PHE A 707 12.38 32.57 44.17
CA PHE A 707 12.04 33.10 45.49
C PHE A 707 11.14 32.13 46.25
N PRO A 727 18.01 28.00 49.46
CA PRO A 727 17.56 27.09 48.41
C PRO A 727 18.31 27.29 47.09
N GLY A 728 19.06 26.28 46.67
CA GLY A 728 19.82 26.35 45.45
C GLY A 728 18.94 26.17 44.22
N PRO A 729 19.46 26.55 43.05
CA PRO A 729 18.65 26.42 41.83
C PRO A 729 18.34 24.98 41.46
N GLN A 730 19.29 24.07 41.67
CA GLN A 730 19.05 22.66 41.37
C GLN A 730 17.86 22.12 42.16
N GLU A 731 17.61 22.67 43.35
CA GLU A 731 16.47 22.26 44.16
C GLU A 731 15.19 23.00 43.78
N CYS A 732 15.29 24.30 43.51
CA CYS A 732 14.11 25.07 43.15
C CYS A 732 13.51 24.59 41.83
N MET A 733 14.36 24.23 40.87
CA MET A 733 13.85 23.76 39.58
C MET A 733 13.05 22.48 39.75
N GLU A 734 13.59 21.52 40.51
CA GLU A 734 12.88 20.27 40.72
C GLU A 734 11.61 20.48 41.55
N MET A 735 11.65 21.41 42.51
CA MET A 735 10.44 21.72 43.27
C MET A 735 9.36 22.25 42.36
N MET A 736 9.71 23.18 41.47
CA MET A 736 8.73 23.74 40.54
C MET A 736 8.22 22.68 39.58
N PHE A 737 9.11 21.78 39.12
CA PHE A 737 8.67 20.70 38.24
C PHE A 737 7.66 19.80 38.95
N ARG A 738 7.98 19.39 40.18
CA ARG A 738 7.05 18.53 40.93
C ARG A 738 5.74 19.26 41.22
N GLU A 739 5.78 20.57 41.42
CA GLU A 739 4.56 21.32 41.67
C GLU A 739 3.69 21.38 40.41
N PHE A 740 4.30 21.64 39.25
CA PHE A 740 3.56 21.66 38.00
C PHE A 740 3.14 20.27 37.54
N GLY A 741 3.73 19.21 38.11
CA GLY A 741 3.36 17.86 37.72
C GLY A 741 2.09 17.34 38.38
N THR A 742 1.66 17.97 39.47
CA THR A 742 0.46 17.53 40.16
C THR A 742 -0.76 17.78 39.29
N GLY A 743 -1.52 16.72 39.02
CA GLY A 743 -2.72 16.83 38.22
C GLY A 743 -2.49 16.48 36.76
N PHE A 744 -3.46 16.84 35.94
CA PHE A 744 -3.42 16.59 34.50
C PHE A 744 -3.57 17.84 33.67
N GLU A 745 -4.39 18.80 34.09
CA GLU A 745 -4.61 20.01 33.30
C GLU A 745 -3.30 20.79 33.15
N GLN A 746 -2.72 21.21 34.28
CA GLN A 746 -1.48 21.97 34.21
C GLN A 746 -0.35 21.15 33.61
N SER A 747 -0.31 19.85 33.92
CA SER A 747 0.74 19.00 33.37
C SER A 747 0.63 18.90 31.86
N ASN A 748 -0.59 18.63 31.35
CA ASN A 748 -0.78 18.54 29.91
C ASN A 748 -0.49 19.87 29.24
N ALA A 749 -0.90 20.98 29.86
CA ALA A 749 -0.64 22.29 29.27
C ALA A 749 0.85 22.57 29.20
N PHE A 750 1.60 22.22 30.24
CA PHE A 750 3.05 22.44 30.23
C PHE A 750 3.72 21.54 29.20
N ILE A 751 3.24 20.30 29.05
CA ILE A 751 3.79 19.41 28.04
C ILE A 751 3.55 19.98 26.64
N GLN A 752 2.35 20.50 26.40
CA GLN A 752 2.05 21.11 25.10
C GLN A 752 2.91 22.35 24.87
N LEU A 753 3.13 23.15 25.92
CA LEU A 753 4.00 24.32 25.80
C LEU A 753 5.41 23.90 25.41
N LEU A 754 5.94 22.88 26.09
CA LEU A 754 7.27 22.38 25.75
C LEU A 754 7.32 21.90 24.30
N THR A 755 6.31 21.12 23.89
CA THR A 755 6.28 20.62 22.52
C THR A 755 6.27 21.76 21.51
N THR A 756 5.53 22.84 21.82
CA THR A 756 5.47 23.97 20.90
C THR A 756 6.79 24.73 20.88
N LEU A 757 7.47 24.82 22.02
CA LEU A 757 8.73 25.55 22.09
C LEU A 757 9.85 24.84 21.32
N LEU A 758 9.74 23.53 21.11
CA LEU A 758 10.76 22.79 20.38
C LEU A 758 10.63 22.93 18.87
N VAL A 759 9.58 23.58 18.39
CA VAL A 759 9.40 23.78 16.95
C VAL A 759 10.25 24.96 16.51
N PRO A 760 11.06 24.83 15.46
CA PRO A 760 11.90 25.96 15.03
C PRO A 760 11.05 27.06 14.41
N PRO A 761 11.58 28.28 14.33
CA PRO A 761 10.81 29.38 13.74
C PRO A 761 10.59 29.24 12.25
N GLU A 762 11.41 28.45 11.56
CA GLU A 762 11.24 28.24 10.12
C GLU A 762 10.16 27.22 9.80
N GLY A 763 9.66 26.50 10.79
CA GLY A 763 8.63 25.50 10.56
C GLY A 763 9.20 24.19 10.06
N LEU A 764 8.38 23.16 10.14
CA LEU A 764 8.77 21.82 9.71
C LEU A 764 8.42 21.61 8.24
N ASN A 768 19.42 20.67 7.22
CA ASN A 768 18.73 21.11 8.43
C ASN A 768 19.72 21.24 9.59
N ASP A 769 19.82 22.45 10.14
CA ASP A 769 20.73 22.73 11.25
C ASP A 769 20.05 23.73 12.16
N SER A 770 20.82 24.32 13.08
CA SER A 770 20.31 25.32 14.02
C SER A 770 19.18 24.73 14.87
N VAL A 771 19.56 23.73 15.66
CA VAL A 771 18.65 23.03 16.57
C VAL A 771 17.77 24.06 17.28
N PRO A 772 16.46 23.83 17.40
CA PRO A 772 15.58 24.90 17.91
C PRO A 772 15.73 25.17 19.40
N PHE A 773 16.91 25.59 19.83
CA PHE A 773 17.12 26.10 21.18
C PHE A 773 18.51 26.70 21.28
N PRO A 774 18.71 27.72 22.13
CA PRO A 774 20.05 28.31 22.25
C PRO A 774 21.07 27.30 22.71
N GLU A 775 22.24 27.30 22.05
CA GLU A 775 23.32 26.40 22.43
C GLU A 775 23.86 26.71 23.82
N TRP A 776 23.68 27.94 24.30
CA TRP A 776 24.14 28.34 25.62
C TRP A 776 23.05 28.22 26.68
N LEU A 777 22.06 27.35 26.46
CA LEU A 777 20.97 27.17 27.41
C LEU A 777 21.51 26.52 28.68
N GLY A 778 21.50 27.26 29.79
CA GLY A 778 21.98 26.74 31.05
C GLY A 778 23.48 26.71 31.18
N SER A 779 24.19 27.54 30.42
CA SER A 779 25.65 27.56 30.51
C SER A 779 26.13 28.16 31.83
N SER A 780 25.39 29.14 32.36
CA SER A 780 25.78 29.76 33.62
C SER A 780 25.79 28.75 34.75
N ILE A 781 24.65 28.13 35.01
CA ILE A 781 24.56 27.13 36.08
C ILE A 781 25.04 25.78 35.57
N ARG A 782 25.42 24.91 36.50
CA ARG A 782 25.92 23.57 36.17
C ARG A 782 24.74 22.66 35.91
N THR A 783 24.15 22.81 34.72
CA THR A 783 23.02 22.02 34.28
C THR A 783 23.29 21.47 32.89
N LEU A 784 22.63 20.35 32.58
CA LEU A 784 22.79 19.69 31.29
C LEU A 784 22.04 20.38 30.16
N GLY A 785 21.45 21.54 30.41
CA GLY A 785 20.75 22.29 29.36
C GLY A 785 19.25 21.99 29.37
N ILE A 786 18.79 21.24 28.35
CA ILE A 786 17.38 20.93 28.19
C ILE A 786 17.04 19.51 28.63
N GLU A 787 18.04 18.72 29.01
CA GLU A 787 17.78 17.33 29.40
C GLU A 787 16.81 17.24 30.57
N PRO A 788 16.97 17.99 31.68
CA PRO A 788 16.02 17.89 32.79
C PRO A 788 14.56 17.90 32.35
N TYR A 789 14.22 18.70 31.34
CA TYR A 789 12.84 18.77 30.88
C TYR A 789 12.38 17.42 30.35
N VAL A 790 13.17 16.82 29.45
CA VAL A 790 12.79 15.53 28.88
C VAL A 790 12.77 14.45 29.96
N ASP A 791 13.72 14.52 30.89
CA ASP A 791 13.74 13.54 31.98
C ASP A 791 12.48 13.61 32.81
N PHE A 792 12.05 14.83 33.15
CA PHE A 792 10.82 15.00 33.92
C PHE A 792 9.61 14.53 33.14
N VAL A 793 9.53 14.88 31.85
CA VAL A 793 8.41 14.44 31.03
C VAL A 793 8.33 12.92 31.01
N PHE A 794 9.47 12.26 30.83
CA PHE A 794 9.48 10.80 30.74
C PHE A 794 9.13 10.16 32.08
N ASP A 795 9.69 10.66 33.19
CA ASP A 795 9.37 10.05 34.47
C ASP A 795 7.91 10.27 34.85
N VAL A 796 7.33 11.41 34.45
CA VAL A 796 5.91 11.63 34.68
C VAL A 796 5.09 10.66 33.85
N PHE A 797 5.42 10.52 32.56
CA PHE A 797 4.68 9.60 31.70
C PHE A 797 4.82 8.16 32.17
N ALA A 798 5.91 7.83 32.87
CA ALA A 798 6.17 6.46 33.27
C ALA A 798 5.56 6.12 34.64
N ASN A 799 5.66 7.02 35.61
CA ASN A 799 5.26 6.74 36.99
C ASN A 799 3.96 7.40 37.40
N ARG A 800 3.74 8.65 37.00
CA ARG A 800 2.59 9.42 37.45
C ARG A 800 1.35 9.21 36.59
N THR A 801 1.27 8.11 35.85
CA THR A 801 0.10 7.79 35.04
C THR A 801 -0.92 6.95 35.79
N LYS A 802 -0.68 6.62 37.06
CA LYS A 802 -1.61 5.83 37.83
C LYS A 802 -2.58 6.67 38.65
N ASP A 803 -2.26 7.93 38.92
CA ASP A 803 -3.10 8.81 39.70
C ASP A 803 -4.18 9.49 38.86
N ILE A 804 -4.36 9.09 37.61
CA ILE A 804 -5.35 9.66 36.72
C ILE A 804 -6.49 8.65 36.58
N SER A 805 -7.63 8.97 37.18
CA SER A 805 -8.78 8.08 37.12
C SER A 805 -9.55 8.24 35.81
N ASP A 806 -9.81 9.48 35.41
CA ASP A 806 -10.53 9.76 34.18
C ASP A 806 -9.79 9.15 32.99
N PRO A 807 -10.36 8.15 32.30
CA PRO A 807 -9.65 7.58 31.15
C PRO A 807 -9.35 8.60 30.06
N SER A 808 -10.24 9.56 29.85
CA SER A 808 -10.01 10.57 28.81
C SER A 808 -8.78 11.40 29.13
N GLN A 809 -8.60 11.79 30.40
CA GLN A 809 -7.43 12.56 30.78
C GLN A 809 -6.16 11.76 30.57
N LEU A 810 -6.18 10.47 30.92
CA LEU A 810 -5.01 9.62 30.70
C LEU A 810 -4.69 9.51 29.21
N ARG A 811 -5.71 9.32 28.38
CA ARG A 811 -5.49 9.24 26.94
C ARG A 811 -4.90 10.54 26.40
N ILE A 812 -5.42 11.67 26.85
CA ILE A 812 -4.92 12.96 26.37
C ILE A 812 -3.48 13.17 26.80
N LEU A 813 -3.16 12.80 28.04
CA LEU A 813 -1.79 12.96 28.52
C LEU A 813 -0.83 12.06 27.73
N ARG A 814 -1.23 10.81 27.47
CA ARG A 814 -0.39 9.92 26.70
C ARG A 814 -0.20 10.42 25.28
N LEU A 815 -1.26 10.96 24.68
CA LEU A 815 -1.15 11.53 23.34
C LEU A 815 -0.19 12.71 23.32
N SER A 816 -0.28 13.58 24.33
CA SER A 816 0.63 14.73 24.40
C SER A 816 2.07 14.26 24.56
N CYS A 817 2.30 13.26 25.41
CA CYS A 817 3.66 12.75 25.60
C CYS A 817 4.20 12.13 24.30
N LEU A 818 3.36 11.38 23.59
CA LEU A 818 3.80 10.77 22.34
C LEU A 818 4.09 11.83 21.29
N ASP A 819 3.27 12.88 21.22
CA ASP A 819 3.53 13.97 20.29
C ASP A 819 4.84 14.67 20.63
N PHE A 820 5.11 14.88 21.93
CA PHE A 820 6.37 15.48 22.34
C PHE A 820 7.55 14.61 21.94
N VAL A 821 7.44 13.30 22.15
CA VAL A 821 8.53 12.39 21.79
C VAL A 821 8.75 12.41 20.29
N MET A 822 7.66 12.44 19.50
CA MET A 822 7.81 12.47 18.05
C MET A 822 8.43 13.78 17.58
N VAL A 823 8.06 14.89 18.19
CA VAL A 823 8.65 16.18 17.81
C VAL A 823 10.13 16.20 18.19
N CYS A 824 10.50 15.54 19.28
CA CYS A 824 11.91 15.50 19.66
C CYS A 824 12.71 14.59 18.73
N LEU A 825 12.12 13.48 18.28
CA LEU A 825 12.83 12.54 17.44
C LEU A 825 12.95 13.05 16.00
N VAL A 826 11.89 13.65 15.46
CA VAL A 826 11.91 14.12 14.08
C VAL A 826 12.90 15.26 13.89
N THR A 827 13.32 15.92 14.96
CA THR A 827 14.26 17.02 14.88
C THR A 827 15.70 16.56 14.97
N PHE A 828 15.98 15.30 14.63
CA PHE A 828 17.32 14.74 14.67
C PHE A 828 17.77 14.43 13.25
N ASN A 829 18.96 14.91 12.88
CA ASN A 829 19.51 14.69 11.55
C ASN A 829 20.22 13.34 11.51
N GLU A 830 19.79 12.47 10.60
CA GLU A 830 20.38 11.14 10.47
C GLU A 830 21.48 11.14 9.41
N ASP A 831 21.14 11.51 8.18
CA ASP A 831 22.13 11.53 7.11
C ASP A 831 23.27 12.49 7.41
N LEU A 832 22.97 13.61 8.08
CA LEU A 832 24.00 14.59 8.40
C LEU A 832 25.09 13.97 9.27
N ILE A 833 24.68 13.30 10.36
CA ILE A 833 25.65 12.71 11.27
C ILE A 833 26.43 11.59 10.58
N VAL A 834 25.76 10.85 9.69
CA VAL A 834 26.43 9.79 8.96
C VAL A 834 27.54 10.36 8.08
N LEU A 835 27.17 11.35 7.25
CA LEU A 835 28.17 11.98 6.38
C LEU A 835 29.29 12.61 7.20
N GLY A 836 28.97 13.17 8.35
CA GLY A 836 29.98 13.74 9.22
C GLY A 836 30.97 12.68 9.67
N HIS A 837 30.47 11.67 10.39
CA HIS A 837 31.34 10.60 10.86
C HIS A 837 32.08 9.91 9.72
N GLU A 838 31.58 10.00 8.48
CA GLU A 838 32.24 9.36 7.37
C GLU A 838 33.38 10.19 6.82
N SER A 839 33.12 11.46 6.47
CA SER A 839 34.08 12.28 5.76
C SER A 839 34.54 13.51 6.52
N ASN A 840 33.85 13.93 7.57
CA ASN A 840 34.23 15.15 8.28
C ASN A 840 35.64 15.02 8.87
N ILE A 841 35.83 14.07 9.78
CA ILE A 841 37.12 13.94 10.44
C ILE A 841 38.11 13.17 9.56
N SER A 842 37.62 12.32 8.65
CA SER A 842 38.51 11.52 7.84
C SER A 842 39.01 12.26 6.60
N ILE A 843 38.21 13.17 6.07
CA ILE A 843 38.58 13.90 4.85
C ILE A 843 38.59 15.39 5.15
N ASP A 844 37.45 15.94 5.56
CA ASP A 844 37.35 17.36 5.83
C ASP A 844 38.21 17.74 7.03
N ASP A 845 38.32 19.05 7.27
CA ASP A 845 39.10 19.55 8.38
C ASP A 845 38.37 19.29 9.69
N ALA A 846 38.97 19.72 10.80
CA ALA A 846 38.42 19.55 12.13
C ALA A 846 37.71 20.79 12.63
N MET A 847 37.37 21.72 11.73
CA MET A 847 36.67 22.94 12.13
C MET A 847 35.20 22.68 12.40
N ALA A 848 34.48 22.14 11.41
CA ALA A 848 33.06 21.86 11.57
C ALA A 848 32.80 20.70 12.52
N ALA A 849 33.82 19.90 12.86
CA ALA A 849 33.61 18.78 13.77
C ALA A 849 33.03 19.25 15.10
N THR A 850 33.46 20.41 15.58
CA THR A 850 32.95 20.92 16.84
C THR A 850 31.46 21.20 16.76
N ASN A 851 30.99 21.69 15.60
CA ASN A 851 29.56 21.96 15.44
C ASN A 851 28.74 20.69 15.57
N LEU A 852 29.14 19.64 14.85
CA LEU A 852 28.40 18.38 14.92
C LEU A 852 28.50 17.77 16.32
N ALA A 853 29.65 17.90 16.96
CA ALA A 853 29.80 17.40 18.33
C ALA A 853 28.83 18.10 19.27
N THR A 854 28.77 19.43 19.21
CA THR A 854 27.85 20.16 20.07
C THR A 854 26.40 19.81 19.75
N TYR A 855 26.08 19.65 18.46
CA TYR A 855 24.72 19.28 18.09
C TYR A 855 24.33 17.93 18.67
N VAL A 856 25.23 16.95 18.58
CA VAL A 856 24.93 15.61 19.09
C VAL A 856 24.88 15.61 20.62
N ARG A 857 25.67 16.47 21.27
CA ARG A 857 25.69 16.48 22.73
C ARG A 857 24.50 17.23 23.32
N LEU A 858 24.02 18.26 22.64
CA LEU A 858 22.92 19.07 23.17
C LEU A 858 21.55 18.59 22.72
N HIS A 859 21.46 17.89 21.59
CA HIS A 859 20.17 17.43 21.11
C HIS A 859 19.64 16.34 22.05
N PRO A 860 18.35 16.39 22.41
CA PRO A 860 17.82 15.41 23.36
C PRO A 860 17.54 14.03 22.78
N PHE A 861 17.91 13.78 21.51
CA PHE A 861 17.65 12.48 20.91
C PHE A 861 18.31 11.36 21.71
N SER A 862 19.54 11.59 22.16
CA SER A 862 20.24 10.56 22.93
C SER A 862 19.48 10.21 24.21
N ARG A 863 19.03 11.22 24.94
CA ARG A 863 18.29 10.98 26.17
C ARG A 863 16.94 10.33 25.88
N VAL A 864 16.29 10.73 24.79
CA VAL A 864 15.02 10.12 24.41
C VAL A 864 15.22 8.63 24.16
N MET A 865 16.28 8.27 23.43
CA MET A 865 16.55 6.86 23.19
C MET A 865 16.89 6.13 24.49
N GLU A 866 17.70 6.76 25.34
CA GLU A 866 18.05 6.14 26.61
C GLU A 866 16.80 5.84 27.43
N TRP A 867 15.81 6.74 27.40
CA TRP A 867 14.56 6.48 28.09
C TRP A 867 13.76 5.39 27.40
N LEU A 868 13.74 5.39 26.06
CA LEU A 868 13.06 4.35 25.31
C LEU A 868 13.62 2.97 25.62
N PHE A 869 14.89 2.88 26.02
CA PHE A 869 15.49 1.62 26.42
C PHE A 869 15.09 1.20 27.83
N ASN A 870 14.12 1.86 28.44
CA ASN A 870 13.67 1.53 29.78
C ASN A 870 12.44 0.62 29.71
N GLU A 871 12.24 -0.15 30.79
CA GLU A 871 11.12 -1.08 30.82
C GLU A 871 9.80 -0.36 31.12
N LYS A 872 9.84 0.71 31.92
CA LYS A 872 8.62 1.44 32.22
C LYS A 872 7.99 2.00 30.96
N VAL A 873 8.81 2.52 30.04
CA VAL A 873 8.27 3.15 28.83
C VAL A 873 7.57 2.11 27.97
N ILE A 874 8.23 0.98 27.70
CA ILE A 874 7.63 -0.03 26.84
C ILE A 874 6.42 -0.67 27.52
N THR A 875 6.45 -0.80 28.85
CA THR A 875 5.29 -1.32 29.55
C THR A 875 4.09 -0.39 29.41
N SER A 876 4.32 0.92 29.60
CA SER A 876 3.23 1.87 29.42
C SER A 876 2.72 1.85 27.98
N LEU A 877 3.62 1.70 27.02
CA LEU A 877 3.21 1.69 25.62
C LEU A 877 2.35 0.47 25.31
N ILE A 878 2.80 -0.71 25.71
CA ILE A 878 2.04 -1.93 25.44
C ILE A 878 0.76 -1.98 26.25
N ASN A 879 0.68 -1.26 27.37
CA ASN A 879 -0.57 -1.16 28.11
C ASN A 879 -1.55 -0.23 27.40
N THR A 880 -1.05 0.89 26.87
CA THR A 880 -1.91 1.81 26.14
C THR A 880 -2.44 1.16 24.86
N ILE A 881 -1.57 0.43 24.15
CA ILE A 881 -2.01 -0.24 22.93
C ILE A 881 -2.94 -1.40 23.24
N HIS A 882 -2.85 -1.96 24.44
CA HIS A 882 -3.68 -3.09 24.84
C HIS A 882 -4.97 -2.55 25.42
N GLN A 883 -6.04 -2.57 24.61
CA GLN A 883 -7.35 -2.11 25.03
C GLN A 883 -8.41 -3.06 24.49
N ASP A 884 -9.59 -3.02 25.13
CA ASP A 884 -10.68 -3.88 24.70
C ASP A 884 -11.13 -3.49 23.29
N PRO A 885 -11.65 -4.45 22.52
CA PRO A 885 -12.07 -4.11 21.14
C PRO A 885 -13.36 -3.33 21.08
N ILE A 886 -14.23 -3.45 22.08
CA ILE A 886 -15.51 -2.73 22.06
C ILE A 886 -15.27 -1.23 22.06
N SER A 887 -14.25 -0.77 22.80
CA SER A 887 -13.97 0.66 22.87
C SER A 887 -13.58 1.20 21.50
N LEU A 888 -12.65 0.52 20.82
CA LEU A 888 -12.25 0.97 19.49
C LEU A 888 -13.39 0.84 18.49
N GLY A 889 -14.23 -0.18 18.64
CA GLY A 889 -15.34 -0.34 17.72
C GLY A 889 -16.38 0.75 17.86
N SER A 890 -16.69 1.14 19.09
CA SER A 890 -17.66 2.20 19.35
C SER A 890 -17.05 3.59 19.31
N ALA A 891 -15.73 3.71 19.31
CA ALA A 891 -15.09 5.01 19.28
C ALA A 891 -15.19 5.62 17.89
N SER A 892 -14.84 6.91 17.80
CA SER A 892 -14.87 7.63 16.54
C SER A 892 -13.49 7.62 15.88
N PRO A 893 -13.42 7.72 14.55
CA PRO A 893 -12.11 7.76 13.89
C PRO A 893 -11.17 8.81 14.46
N ASP A 894 -11.70 9.96 14.88
CA ASP A 894 -10.91 11.02 15.49
C ASP A 894 -10.83 10.89 17.01
N SER A 895 -11.16 9.73 17.55
CA SER A 895 -11.09 9.53 18.99
C SER A 895 -9.64 9.64 19.47
N PRO A 896 -9.42 10.17 20.67
CA PRO A 896 -8.04 10.31 21.16
C PRO A 896 -7.33 8.97 21.31
N LEU A 897 -8.06 7.88 21.53
CA LEU A 897 -7.43 6.58 21.69
C LEU A 897 -6.74 6.15 20.39
N VAL A 898 -7.43 6.29 19.26
CA VAL A 898 -6.86 5.89 17.98
C VAL A 898 -5.64 6.74 17.66
N VAL A 899 -5.72 8.05 17.92
CA VAL A 899 -4.59 8.93 17.64
C VAL A 899 -3.40 8.59 18.53
N SER A 900 -3.67 8.27 19.79
CA SER A 900 -2.57 7.90 20.70
C SER A 900 -1.93 6.60 20.26
N ILE A 901 -2.73 5.62 19.85
CA ILE A 901 -2.17 4.35 19.37
C ILE A 901 -1.34 4.58 18.12
N LEU A 902 -1.82 5.43 17.21
CA LEU A 902 -1.06 5.72 16.00
C LEU A 902 0.26 6.40 16.33
N ARG A 903 0.24 7.38 17.24
CA ARG A 903 1.47 8.04 17.64
C ARG A 903 2.44 7.07 18.29
N ALA A 904 1.92 6.15 19.11
CA ALA A 904 2.78 5.17 19.76
C ALA A 904 3.43 4.24 18.73
N ILE A 905 2.64 3.79 17.75
CA ILE A 905 3.21 2.92 16.72
C ILE A 905 4.25 3.68 15.91
N GLN A 906 4.01 4.96 15.62
CA GLN A 906 5.00 5.74 14.88
C GLN A 906 6.28 5.92 15.69
N VAL A 907 6.15 6.16 17.00
CA VAL A 907 7.33 6.28 17.85
C VAL A 907 8.10 4.97 17.88
N MET A 908 7.39 3.84 17.96
CA MET A 908 8.06 2.54 17.93
C MET A 908 8.80 2.34 16.61
N ILE A 909 8.17 2.72 15.49
CA ILE A 909 8.83 2.57 14.20
C ILE A 909 10.09 3.43 14.13
N LYS A 910 9.99 4.68 14.57
CA LYS A 910 11.14 5.57 14.54
C LYS A 910 12.26 5.04 15.43
N ALA A 911 11.91 4.48 16.59
CA ALA A 911 12.92 3.92 17.48
C ALA A 911 13.59 2.72 16.85
N LEU A 912 12.81 1.82 16.25
CA LEU A 912 13.39 0.66 15.58
C LEU A 912 14.28 1.08 14.41
N GLU A 913 13.96 2.22 13.78
CA GLU A 913 14.80 2.69 12.68
C GLU A 913 16.10 3.30 13.19
N LEU A 914 16.04 4.12 14.23
CA LEU A 914 17.19 4.91 14.68
C LEU A 914 17.98 4.24 15.80
N GLN A 915 17.59 3.05 16.24
CA GLN A 915 18.35 2.37 17.28
C GLN A 915 19.79 2.10 16.84
N GLU A 916 19.98 1.67 15.60
CA GLU A 916 21.33 1.41 15.10
C GLU A 916 22.15 2.68 15.07
N THR A 917 21.60 3.75 14.50
CA THR A 917 22.31 5.03 14.46
C THR A 917 22.68 5.49 15.87
N TYR A 918 21.76 5.33 16.82
CA TYR A 918 22.05 5.73 18.21
C TYR A 918 23.20 4.91 18.76
N LEU A 919 23.06 3.58 18.74
CA LEU A 919 24.10 2.72 19.31
C LEU A 919 25.44 2.87 18.61
N HIS A 920 25.46 3.38 17.38
CA HIS A 920 26.71 3.50 16.64
C HIS A 920 27.37 4.86 16.80
N LEU A 921 26.66 5.94 16.46
CA LEU A 921 27.26 7.27 16.37
C LEU A 921 26.78 8.22 17.46
N VAL A 922 26.14 7.70 18.52
CA VAL A 922 25.67 8.55 19.61
C VAL A 922 26.27 8.06 20.92
N ARG A 923 25.99 6.81 21.29
CA ARG A 923 26.46 6.27 22.55
C ARG A 923 27.95 6.42 22.77
N PRO A 924 28.83 5.98 21.85
CA PRO A 924 30.27 6.10 22.12
C PRO A 924 30.74 7.53 22.25
N GLU A 925 30.21 8.45 21.43
CA GLU A 925 30.61 9.84 21.52
C GLU A 925 30.21 10.44 22.86
N VAL A 926 28.97 10.18 23.30
CA VAL A 926 28.53 10.70 24.58
C VAL A 926 29.35 10.11 25.72
N LEU A 927 29.67 8.82 25.64
CA LEU A 927 30.47 8.19 26.68
C LEU A 927 31.87 8.81 26.73
N ARG A 928 32.49 9.03 25.57
CA ARG A 928 33.81 9.64 25.54
C ARG A 928 33.77 11.06 26.10
N TYR A 929 32.73 11.82 25.75
CA TYR A 929 32.63 13.19 26.26
C TYR A 929 32.45 13.19 27.77
N GLN A 930 31.61 12.28 28.30
CA GLN A 930 31.43 12.21 29.74
C GLN A 930 32.70 11.76 30.45
N GLY A 931 33.48 10.89 29.82
CA GLY A 931 34.72 10.44 30.45
C GLY A 931 35.79 11.51 30.45
N GLU A 932 35.90 12.27 29.35
CA GLU A 932 36.91 13.32 29.26
C GLU A 932 36.55 14.49 30.17
N ALA A 933 35.40 15.11 29.94
CA ALA A 933 34.96 16.25 30.73
C ALA A 933 34.24 15.77 31.98
N GLY A 934 33.81 16.72 32.81
CA GLY A 934 33.11 16.40 34.03
C GLY A 934 31.61 16.60 33.91
N VAL A 935 30.87 15.50 33.79
CA VAL A 935 29.42 15.53 33.66
C VAL A 935 28.82 14.52 34.63
N ARG A 936 27.77 14.93 35.34
CA ARG A 936 27.09 14.08 36.31
C ARG A 936 25.71 13.76 35.75
N ARG A 937 25.55 12.56 35.21
CA ARG A 937 24.29 12.11 34.64
C ARG A 937 23.88 10.79 35.26
N LYS A 938 22.57 10.58 35.37
CA LYS A 938 22.04 9.36 35.96
C LYS A 938 21.58 8.41 34.87
N PRO A 939 22.07 7.18 34.80
CA PRO A 939 21.61 6.26 33.76
C PRO A 939 20.17 5.84 34.00
N VAL A 940 19.40 5.77 32.92
CA VAL A 940 17.99 5.40 32.98
C VAL A 940 17.70 4.29 31.99
N ALA A 941 18.74 3.63 31.49
CA ALA A 941 18.61 2.55 30.53
C ALA A 941 19.05 1.23 31.15
N ASN A 942 18.55 0.14 30.59
CA ASN A 942 18.86 -1.20 31.06
C ASN A 942 19.99 -1.77 30.22
N ALA A 943 21.12 -2.05 30.87
CA ALA A 943 22.27 -2.60 30.13
C ALA A 943 21.95 -3.97 29.55
N ALA A 944 21.06 -4.71 30.18
CA ALA A 944 20.72 -6.05 29.68
C ALA A 944 20.05 -5.97 28.31
N TYR A 945 19.20 -4.96 28.11
CA TYR A 945 18.50 -4.77 26.84
C TYR A 945 19.47 -4.17 25.83
N SER A 946 20.22 -5.04 25.14
CA SER A 946 21.18 -4.59 24.15
C SER A 946 20.52 -3.89 22.97
N ALA A 947 19.24 -4.17 22.72
CA ALA A 947 18.51 -3.55 21.62
C ALA A 947 17.08 -3.30 22.07
N PHE A 948 16.32 -2.60 21.21
CA PHE A 948 14.94 -2.29 21.52
C PHE A 948 14.04 -3.52 21.50
N GLU A 949 14.46 -4.58 20.80
CA GLU A 949 13.65 -5.79 20.73
C GLU A 949 13.74 -6.63 21.99
N ASP A 950 14.79 -6.47 22.79
CA ASP A 950 14.95 -7.26 24.00
C ASP A 950 13.85 -6.95 25.01
N GLY A 951 13.44 -5.68 25.10
CA GLY A 951 12.44 -5.30 26.08
C GLY A 951 11.01 -5.57 25.67
N ILE A 952 10.77 -5.85 24.39
CA ILE A 952 9.41 -6.08 23.88
C ILE A 952 9.18 -7.53 23.47
N LEU A 953 10.23 -8.33 23.34
CA LEU A 953 10.06 -9.72 22.92
C LEU A 953 9.33 -10.57 23.96
N SER A 954 9.11 -10.05 25.16
CA SER A 954 8.41 -10.78 26.21
C SER A 954 6.90 -10.55 26.20
N HIS A 955 6.39 -9.79 25.23
CA HIS A 955 4.97 -9.49 25.12
C HIS A 955 4.41 -10.23 23.92
N LEU A 956 3.54 -11.22 24.17
CA LEU A 956 2.95 -12.02 23.10
C LEU A 956 1.60 -11.48 22.64
N SER A 957 0.88 -10.76 23.49
CA SER A 957 -0.42 -10.22 23.12
C SER A 957 -0.32 -9.01 22.19
N LEU A 958 0.88 -8.48 21.97
CA LEU A 958 1.02 -7.32 21.10
C LEU A 958 0.62 -7.65 19.67
N VAL A 959 1.13 -8.76 19.14
CA VAL A 959 0.78 -9.15 17.78
C VAL A 959 -0.71 -9.47 17.68
N VAL A 960 -1.27 -10.07 18.74
CA VAL A 960 -2.70 -10.39 18.74
C VAL A 960 -3.52 -9.12 18.64
N ASP A 961 -3.18 -8.11 19.45
CA ASP A 961 -3.91 -6.86 19.42
C ASP A 961 -3.74 -6.16 18.07
N LEU A 962 -2.52 -6.18 17.53
CA LEU A 962 -2.29 -5.56 16.23
C LEU A 962 -3.14 -6.22 15.15
N GLY A 963 -3.22 -7.55 15.17
CA GLY A 963 -4.04 -8.24 14.18
C GLY A 963 -5.52 -7.98 14.37
N LYS A 964 -5.98 -7.94 15.62
CA LYS A 964 -7.39 -7.68 15.88
C LYS A 964 -7.77 -6.25 15.48
N TYR A 965 -6.84 -5.30 15.57
CA TYR A 965 -7.13 -3.93 15.20
C TYR A 965 -7.22 -3.72 13.68
N CYS A 966 -7.09 -4.78 12.89
CA CYS A 966 -7.21 -4.64 11.43
C CYS A 966 -8.65 -4.60 10.96
N ASN A 967 -9.61 -5.07 11.78
CA ASN A 967 -11.01 -5.11 11.42
C ASN A 967 -11.75 -3.83 11.82
N LEU A 968 -11.04 -2.72 11.99
CA LEU A 968 -11.65 -1.46 12.37
C LEU A 968 -11.94 -0.54 11.20
N GLY A 969 -11.21 -0.67 10.09
CA GLY A 969 -11.42 0.15 8.92
C GLY A 969 -10.53 1.37 8.84
N HIS A 970 -9.88 1.76 9.94
CA HIS A 970 -9.01 2.93 9.92
C HIS A 970 -7.80 2.66 9.04
N ALA A 971 -7.67 3.46 7.97
CA ALA A 971 -6.59 3.24 7.00
C ALA A 971 -5.23 3.47 7.65
N GLU A 972 -5.04 4.62 8.30
CA GLU A 972 -3.74 4.94 8.88
C GLU A 972 -3.34 3.92 9.94
N LEU A 973 -4.29 3.57 10.83
CA LEU A 973 -3.98 2.61 11.88
C LEU A 973 -3.65 1.24 11.29
N THR A 974 -4.40 0.82 10.28
CA THR A 974 -4.14 -0.48 9.65
C THR A 974 -2.76 -0.49 9.01
N LEU A 975 -2.41 0.57 8.28
CA LEU A 975 -1.09 0.63 7.65
C LEU A 975 0.01 0.63 8.70
N ALA A 976 -0.18 1.36 9.80
CA ALA A 976 0.84 1.40 10.85
C ALA A 976 1.01 0.03 11.49
N CYS A 977 -0.09 -0.65 11.79
CA CYS A 977 0.01 -1.98 12.38
C CYS A 977 0.68 -2.96 11.42
N LEU A 978 0.35 -2.87 10.13
CA LEU A 978 0.97 -3.77 9.15
C LEU A 978 2.47 -3.51 9.06
N LYS A 979 2.87 -2.24 9.03
CA LYS A 979 4.30 -1.93 8.98
C LYS A 979 5.01 -2.41 10.23
N LEU A 980 4.39 -2.24 11.40
CA LEU A 980 5.00 -2.71 12.63
C LEU A 980 5.17 -4.23 12.63
N LEU A 981 4.13 -4.96 12.20
CA LEU A 981 4.22 -6.41 12.15
C LEU A 981 5.29 -6.85 11.14
N GLU A 982 5.39 -6.14 10.01
CA GLU A 982 6.41 -6.46 9.02
C GLU A 982 7.80 -6.28 9.60
N LYS A 983 8.03 -5.15 10.28
CA LYS A 983 9.34 -4.90 10.88
C LYS A 983 9.65 -5.93 11.96
N ILE A 984 8.64 -6.34 12.72
CA ILE A 984 8.86 -7.35 13.76
C ILE A 984 9.25 -8.68 13.13
N SER A 985 8.50 -9.11 12.11
CA SER A 985 8.83 -10.37 11.43
C SER A 985 10.16 -10.30 10.70
N THR A 986 10.61 -9.11 10.32
CA THR A 986 11.89 -8.97 9.63
C THR A 986 13.08 -9.06 10.58
N SER A 987 12.87 -8.83 11.87
CA SER A 987 13.95 -8.88 12.84
C SER A 987 14.48 -10.31 12.95
N SER A 988 15.55 -10.48 13.73
CA SER A 988 16.19 -11.77 13.93
C SER A 988 16.15 -12.25 15.36
N ARG A 989 16.32 -11.35 16.34
CA ARG A 989 16.32 -11.76 17.74
C ARG A 989 14.93 -12.24 18.17
N ILE A 990 13.88 -11.60 17.67
CA ILE A 990 12.53 -11.97 18.05
C ILE A 990 12.21 -13.39 17.58
N LEU A 991 12.55 -13.70 16.33
CA LEU A 991 12.30 -15.03 15.80
C LEU A 991 13.26 -16.07 16.39
N SER A 992 14.41 -15.63 16.90
CA SER A 992 15.31 -16.54 17.59
C SER A 992 14.80 -16.88 18.98
N ALA A 993 14.17 -15.92 19.66
CA ALA A 993 13.59 -16.19 20.97
C ALA A 993 12.31 -17.01 20.84
N TRP A 994 11.47 -16.68 19.86
CA TRP A 994 10.24 -17.45 19.64
C TRP A 994 10.56 -18.88 19.23
N SER A 995 11.39 -19.06 18.20
CA SER A 995 11.75 -20.37 17.72
C SER A 995 13.23 -20.63 17.97
N PRO A 996 13.63 -20.99 19.21
CA PRO A 996 15.03 -21.25 19.52
C PRO A 996 15.52 -22.57 18.93
N ARG A 1004 9.99 -25.18 21.17
CA ARG A 1004 8.98 -25.37 20.14
C ARG A 1004 8.63 -24.05 19.47
N ASN A 1005 7.72 -23.30 20.07
CA ASN A 1005 7.30 -22.00 19.54
C ASN A 1005 6.34 -21.38 20.54
N LYS A 1006 6.17 -20.06 20.42
CA LYS A 1006 5.28 -19.31 21.30
C LYS A 1006 4.27 -18.49 20.51
N ALA A 1007 4.59 -18.18 19.26
CA ALA A 1007 3.70 -17.37 18.45
C ALA A 1007 2.54 -18.19 17.87
N ILE A 1008 2.84 -19.37 17.32
CA ILE A 1008 1.79 -20.18 16.70
C ILE A 1008 0.73 -20.54 17.74
N VAL A 1009 1.14 -20.77 18.99
CA VAL A 1009 0.17 -21.12 20.02
C VAL A 1009 -0.56 -19.87 20.52
N GLN A 1010 0.07 -18.69 20.41
CA GLN A 1010 -0.58 -17.47 20.88
C GLN A 1010 -1.75 -17.09 19.99
N LEU A 1011 -1.64 -17.31 18.69
CA LEU A 1011 -2.71 -16.98 17.76
C LEU A 1011 -3.76 -18.08 17.63
N GLU A 1012 -3.57 -19.21 18.32
CA GLU A 1012 -4.51 -20.32 18.29
C GLU A 1012 -5.16 -20.53 19.66
N ARG A 1013 -5.45 -19.44 20.36
CA ARG A 1013 -6.08 -19.51 21.67
C ARG A 1013 -7.60 -19.48 21.55
N ASN A 1014 -8.15 -18.48 20.86
CA ASN A 1014 -9.59 -18.33 20.66
C ASN A 1014 -9.90 -18.06 19.20
N GLY A 1015 -9.16 -18.69 18.30
CA GLY A 1015 -9.39 -18.51 16.88
C GLY A 1015 -9.06 -17.12 16.37
N GLU A 1016 -7.95 -16.54 16.83
CA GLU A 1016 -7.57 -15.22 16.35
C GLU A 1016 -7.08 -15.27 14.91
N GLY A 1017 -6.30 -16.30 14.56
CA GLY A 1017 -5.80 -16.40 13.20
C GLY A 1017 -6.92 -16.52 12.17
N GLU A 1018 -7.98 -17.26 12.51
CA GLU A 1018 -9.09 -17.42 11.57
C GLU A 1018 -9.76 -16.08 11.28
N THR A 1019 -10.10 -15.34 12.32
CA THR A 1019 -10.75 -14.04 12.12
C THR A 1019 -9.81 -13.05 11.44
N ILE A 1020 -8.51 -13.10 11.74
CA ILE A 1020 -7.57 -12.22 11.07
C ILE A 1020 -7.52 -12.52 9.58
N SER A 1021 -7.45 -13.80 9.23
CA SER A 1021 -7.43 -14.18 7.82
C SER A 1021 -8.74 -13.78 7.13
N ALA A 1022 -9.87 -13.95 7.82
CA ALA A 1022 -11.15 -13.56 7.23
C ALA A 1022 -11.20 -12.06 6.98
N SER A 1023 -10.71 -11.26 7.94
CA SER A 1023 -10.70 -9.82 7.75
C SER A 1023 -9.78 -9.42 6.61
N LEU A 1024 -8.60 -10.03 6.52
CA LEU A 1024 -7.68 -9.73 5.43
C LEU A 1024 -8.30 -10.09 4.08
N SER A 1025 -9.01 -11.22 4.02
CA SER A 1025 -9.67 -11.61 2.77
C SER A 1025 -10.75 -10.62 2.39
N ALA A 1026 -11.61 -10.26 3.35
CA ALA A 1026 -12.66 -9.29 3.07
C ALA A 1026 -12.08 -7.94 2.66
N SER A 1027 -10.90 -7.59 3.17
CA SER A 1027 -10.27 -6.33 2.80
C SER A 1027 -9.73 -6.38 1.38
N ILE A 1028 -8.95 -7.42 1.07
CA ILE A 1028 -8.37 -7.52 -0.27
C ILE A 1028 -9.46 -7.69 -1.32
N MET A 1029 -10.61 -8.26 -0.94
CA MET A 1029 -11.71 -8.40 -1.88
C MET A 1029 -12.45 -7.10 -2.13
N ALA A 1030 -12.30 -6.12 -1.23
CA ALA A 1030 -12.98 -4.84 -1.40
C ALA A 1030 -12.45 -4.13 -2.64
N THR A 1031 -13.37 -3.65 -3.48
CA THR A 1031 -12.98 -2.94 -4.69
C THR A 1031 -12.28 -1.63 -4.33
N LEU A 1032 -11.71 -1.00 -5.35
CA LEU A 1032 -10.98 0.26 -5.20
C LEU A 1032 -11.63 1.32 -6.09
N ASP A 1033 -11.18 2.56 -5.89
CA ASP A 1033 -11.69 3.69 -6.66
C ASP A 1033 -10.82 3.90 -7.89
N PRO A 1034 -11.32 3.69 -9.11
CA PRO A 1034 -10.48 3.90 -10.29
C PRO A 1034 -9.86 5.29 -10.35
N ALA A 1035 -10.59 6.32 -9.92
CA ALA A 1035 -10.06 7.68 -9.97
C ALA A 1035 -8.96 7.87 -8.93
N LEU A 1036 -9.20 7.42 -7.71
CA LEU A 1036 -8.22 7.53 -6.62
C LEU A 1036 -7.41 6.25 -6.52
N ALA A 1037 -6.64 5.97 -7.57
CA ALA A 1037 -5.81 4.77 -7.59
C ALA A 1037 -4.68 4.88 -6.56
N ALA A 1038 -3.83 5.88 -6.69
CA ALA A 1038 -2.73 6.07 -5.77
C ALA A 1038 -3.16 6.61 -4.41
N SER A 1039 -4.39 7.08 -4.29
CA SER A 1039 -4.91 7.61 -3.03
C SER A 1039 -5.95 6.70 -2.38
N GLY A 1040 -6.38 5.64 -3.06
CA GLY A 1040 -7.36 4.73 -2.48
C GLY A 1040 -6.83 4.00 -1.27
N GLU A 1041 -7.39 4.29 -0.10
CA GLU A 1041 -6.94 3.64 1.13
C GLU A 1041 -7.01 2.13 1.02
N ASN A 1042 -7.99 1.60 0.28
CA ASN A 1042 -8.09 0.15 0.12
C ASN A 1042 -6.86 -0.41 -0.60
N TYR A 1043 -6.45 0.25 -1.68
CA TYR A 1043 -5.28 -0.20 -2.42
C TYR A 1043 -4.02 -0.10 -1.56
N ARG A 1044 -3.93 0.95 -0.74
CA ARG A 1044 -2.77 1.09 0.15
C ARG A 1044 -2.73 -0.04 1.17
N VAL A 1045 -3.89 -0.38 1.75
CA VAL A 1045 -3.95 -1.49 2.69
C VAL A 1045 -3.57 -2.80 2.00
N LYS A 1046 -4.04 -2.99 0.78
CA LYS A 1046 -3.70 -4.20 0.03
C LYS A 1046 -2.19 -4.28 -0.19
N LEU A 1047 -1.58 -3.19 -0.61
CA LEU A 1047 -0.13 -3.18 -0.84
C LEU A 1047 0.63 -3.41 0.46
N ALA A 1048 0.16 -2.83 1.56
CA ALA A 1048 0.81 -3.06 2.84
C ALA A 1048 0.74 -4.53 3.24
N ILE A 1049 -0.42 -5.16 3.08
CA ILE A 1049 -0.57 -6.57 3.41
C ILE A 1049 0.34 -7.41 2.53
N LEU A 1050 0.41 -7.09 1.23
CA LEU A 1050 1.25 -7.86 0.33
C LEU A 1050 2.72 -7.72 0.69
N ASP A 1051 3.15 -6.51 1.03
CA ASP A 1051 4.54 -6.31 1.44
C ASP A 1051 4.84 -7.05 2.74
N PHE A 1052 3.91 -7.04 3.68
CA PHE A 1052 4.10 -7.79 4.92
C PHE A 1052 4.26 -9.27 4.63
N LEU A 1053 3.39 -9.83 3.80
CA LEU A 1053 3.49 -11.25 3.46
C LEU A 1053 4.80 -11.55 2.76
N TYR A 1054 5.22 -10.68 1.83
CA TYR A 1054 6.47 -10.89 1.12
C TYR A 1054 7.66 -10.90 2.08
N ALA A 1055 7.70 -9.92 2.99
CA ALA A 1055 8.81 -9.85 3.93
C ALA A 1055 8.79 -11.02 4.91
N CYS A 1056 7.60 -11.51 5.26
CA CYS A 1056 7.51 -12.62 6.21
C CYS A 1056 7.89 -13.94 5.54
N LEU A 1057 7.59 -14.10 4.26
CA LEU A 1057 7.94 -15.33 3.56
C LEU A 1057 9.38 -15.35 3.10
N ARG A 1058 9.95 -14.19 2.77
CA ARG A 1058 11.32 -14.14 2.30
C ARG A 1058 12.33 -14.45 3.41
N ALA A 1059 12.02 -14.03 4.63
CA ALA A 1059 12.92 -14.23 5.76
C ALA A 1059 12.64 -15.60 6.38
N THR A 1060 13.67 -16.45 6.43
CA THR A 1060 13.56 -17.78 7.01
C THR A 1060 12.49 -18.58 6.28
N PRO A 1061 12.70 -18.91 5.00
CA PRO A 1061 11.67 -19.67 4.28
C PRO A 1061 11.58 -21.13 4.70
N ASP A 1062 12.70 -21.73 5.09
CA ASP A 1062 12.68 -23.14 5.47
C ASP A 1062 11.79 -23.37 6.68
N GLN A 1063 11.91 -22.52 7.69
CA GLN A 1063 11.10 -22.66 8.90
C GLN A 1063 9.78 -21.91 8.73
N PRO A 1064 8.64 -22.48 9.11
CA PRO A 1064 7.37 -21.77 8.96
C PRO A 1064 7.35 -20.50 9.78
N THR A 1065 6.39 -19.64 9.46
CA THR A 1065 6.25 -18.34 10.10
C THR A 1065 4.77 -18.02 10.24
N ILE A 1066 4.46 -16.77 10.60
CA ILE A 1066 3.08 -16.37 10.79
C ILE A 1066 2.35 -16.30 9.46
N ALA A 1067 3.07 -16.06 8.37
CA ALA A 1067 2.43 -16.00 7.06
C ALA A 1067 1.76 -17.32 6.70
N HIS A 1068 2.43 -18.44 6.99
CA HIS A 1068 1.84 -19.74 6.70
C HIS A 1068 0.55 -19.95 7.48
N GLN A 1069 0.51 -19.49 8.73
CA GLN A 1069 -0.71 -19.62 9.51
C GLN A 1069 -1.82 -18.72 8.98
N LEU A 1070 -1.47 -17.48 8.61
CA LEU A 1070 -2.48 -16.56 8.08
C LEU A 1070 -3.03 -17.06 6.75
N LEU A 1071 -2.22 -17.78 5.98
CA LEU A 1071 -2.69 -18.30 4.69
C LEU A 1071 -3.68 -19.44 4.86
N GLY A 1072 -3.67 -20.12 6.01
CA GLY A 1072 -4.61 -21.20 6.27
C GLY A 1072 -3.95 -22.55 6.35
N PHE A 1073 -2.69 -22.58 6.78
CA PHE A 1073 -1.93 -23.82 6.92
C PHE A 1073 -1.73 -24.15 8.39
N HIS A 1074 -1.58 -25.44 8.68
CA HIS A 1074 -1.36 -25.91 10.04
C HIS A 1074 0.15 -25.91 10.30
N CYS A 1075 0.63 -24.83 10.91
CA CYS A 1075 2.07 -24.69 11.18
C CYS A 1075 2.50 -25.71 12.22
N GLU A 1076 3.20 -26.75 11.79
CA GLU A 1076 3.76 -27.76 12.66
C GLU A 1076 5.27 -27.69 12.63
N LEU A 1077 5.90 -28.28 13.64
CA LEU A 1077 7.36 -28.24 13.76
C LEU A 1077 8.01 -28.91 12.55
N SER A 1078 8.66 -28.11 11.70
CA SER A 1078 9.34 -28.62 10.51
C SER A 1078 8.39 -29.44 9.63
N LYS A 1079 7.14 -28.99 9.56
CA LYS A 1079 6.14 -29.69 8.76
C LYS A 1079 4.87 -28.83 8.71
N LEU A 1080 4.15 -28.94 7.60
CA LEU A 1080 2.88 -28.26 7.40
C LEU A 1080 1.81 -29.29 7.07
N GLY A 1081 0.56 -28.82 7.00
CA GLY A 1081 -0.55 -29.70 6.69
C GLY A 1081 -1.84 -28.92 6.69
N ILE A 1082 -2.90 -29.59 6.24
CA ILE A 1082 -4.23 -29.03 6.16
C ILE A 1082 -5.16 -29.84 7.06
N GLU A 1083 -6.12 -29.15 7.69
CA GLU A 1083 -7.06 -29.82 8.57
C GLU A 1083 -8.38 -30.07 7.85
N PRO A 1084 -9.14 -31.11 8.25
CA PRO A 1084 -10.41 -31.38 7.58
C PRO A 1084 -11.45 -30.34 7.90
N LYS A 1085 -12.22 -29.94 6.88
CA LYS A 1085 -13.29 -28.95 6.98
C LYS A 1085 -12.79 -27.59 7.42
N GLY A 1086 -11.47 -27.34 7.37
CA GLY A 1086 -10.94 -26.08 7.75
C GLY A 1086 -11.22 -25.00 6.71
N PRO A 1087 -10.76 -23.78 7.00
CA PRO A 1087 -10.98 -22.69 6.03
C PRO A 1087 -10.23 -22.90 4.72
N PHE A 1088 -8.98 -23.36 4.79
CA PHE A 1088 -8.21 -23.60 3.57
C PHE A 1088 -8.67 -24.83 2.81
N ASP A 1089 -9.29 -25.80 3.51
CA ASP A 1089 -9.77 -27.00 2.84
C ASP A 1089 -11.02 -26.70 2.02
N MET A 1090 -11.89 -25.83 2.52
CA MET A 1090 -13.12 -25.47 1.82
C MET A 1090 -12.89 -24.40 0.76
N GLN A 1091 -11.64 -24.13 0.37
CA GLN A 1091 -11.31 -23.13 -0.64
C GLN A 1091 -11.77 -21.74 -0.22
N LYS A 1092 -11.71 -21.45 1.08
CA LYS A 1092 -12.07 -20.14 1.63
C LYS A 1092 -10.97 -19.73 2.61
N SER A 1093 -9.95 -19.05 2.09
CA SER A 1093 -8.82 -18.63 2.92
C SER A 1093 -8.16 -17.44 2.23
N LEU A 1094 -7.04 -16.99 2.81
CA LEU A 1094 -6.33 -15.85 2.24
C LEU A 1094 -5.68 -16.21 0.90
N PHE A 1095 -5.13 -17.42 0.79
CA PHE A 1095 -4.50 -17.85 -0.46
C PHE A 1095 -5.53 -17.96 -1.57
N HIS A 1096 -6.66 -18.61 -1.29
CA HIS A 1096 -7.72 -18.70 -2.29
C HIS A 1096 -8.30 -17.33 -2.61
N SER A 1097 -8.37 -16.43 -1.63
CA SER A 1097 -8.84 -15.08 -1.89
C SER A 1097 -7.89 -14.35 -2.84
N LEU A 1098 -6.57 -14.50 -2.62
CA LEU A 1098 -5.61 -13.91 -3.54
C LEU A 1098 -5.76 -14.49 -4.93
N LEU A 1099 -5.91 -15.81 -5.04
CA LEU A 1099 -6.10 -16.43 -6.33
C LEU A 1099 -7.33 -15.87 -7.03
N ASN A 1100 -8.44 -15.73 -6.30
CA ASN A 1100 -9.67 -15.23 -6.89
C ASN A 1100 -9.50 -13.80 -7.38
N VAL A 1101 -8.99 -12.91 -6.52
CA VAL A 1101 -8.82 -11.52 -6.89
C VAL A 1101 -7.81 -11.37 -8.02
N LEU A 1102 -6.91 -12.35 -8.20
CA LEU A 1102 -5.95 -12.29 -9.29
C LEU A 1102 -6.59 -12.72 -10.61
N ILE A 1103 -7.30 -13.85 -10.60
CA ILE A 1103 -7.89 -14.34 -11.84
C ILE A 1103 -9.00 -13.44 -12.34
N THR A 1104 -9.61 -12.64 -11.46
CA THR A 1104 -10.67 -11.72 -11.83
C THR A 1104 -10.16 -10.29 -12.01
N LEU A 1105 -8.87 -10.13 -12.31
CA LEU A 1105 -8.25 -8.82 -12.49
C LEU A 1105 -7.95 -8.61 -13.96
N THR A 1106 -8.49 -7.54 -14.53
CA THR A 1106 -8.30 -7.20 -15.94
C THR A 1106 -7.53 -5.89 -16.01
N VAL A 1107 -6.40 -5.91 -16.72
CA VAL A 1107 -5.56 -4.72 -16.88
C VAL A 1107 -5.76 -4.05 -18.22
N SER A 1108 -6.29 -4.75 -19.23
CA SER A 1108 -6.49 -4.17 -20.55
C SER A 1108 -7.57 -3.10 -20.48
N GLU A 1109 -7.16 -1.84 -20.60
CA GLU A 1109 -8.06 -0.70 -20.59
C GLU A 1109 -8.02 0.01 -21.94
N GLU A 1110 -8.98 0.91 -22.14
CA GLU A 1110 -9.12 1.66 -23.38
C GLU A 1110 -8.74 3.12 -23.23
N GLU A 1111 -9.29 3.80 -22.21
CA GLU A 1111 -9.00 5.22 -22.05
C GLU A 1111 -7.50 5.46 -21.87
N GLN A 1112 -6.83 4.61 -21.09
CA GLN A 1112 -5.39 4.68 -20.90
C GLN A 1112 -4.67 3.46 -21.44
N GLY A 1113 -5.10 2.26 -21.03
CA GLY A 1113 -4.48 1.04 -21.50
C GLY A 1113 -3.21 0.70 -20.75
N MET A 1114 -3.12 -0.55 -20.27
CA MET A 1114 -1.95 -1.01 -19.54
C MET A 1114 -1.68 -0.12 -18.32
N ARG A 1115 -2.63 -0.14 -17.40
CA ARG A 1115 -2.51 0.67 -16.18
C ARG A 1115 -1.25 0.30 -15.42
N GLY A 1116 -0.91 1.12 -14.43
CA GLY A 1116 0.31 0.95 -13.69
C GLY A 1116 0.15 0.25 -12.35
N TYR A 1117 -0.89 0.62 -11.60
CA TYR A 1117 -1.04 0.09 -10.25
C TYR A 1117 -1.58 -1.33 -10.24
N LEU A 1118 -2.44 -1.68 -11.19
CA LEU A 1118 -2.85 -3.08 -11.32
C LEU A 1118 -1.66 -3.97 -11.64
N VAL A 1119 -0.75 -3.48 -12.48
CA VAL A 1119 0.46 -4.23 -12.80
C VAL A 1119 1.28 -4.46 -11.54
N THR A 1120 1.43 -3.43 -10.70
CA THR A 1120 2.18 -3.59 -9.46
C THR A 1120 1.49 -4.57 -8.52
N LEU A 1121 0.16 -4.52 -8.44
CA LEU A 1121 -0.57 -5.45 -7.59
C LEU A 1121 -0.33 -6.89 -8.03
N LYS A 1122 -0.52 -7.16 -9.32
CA LYS A 1122 -0.33 -8.52 -9.81
C LYS A 1122 1.13 -8.95 -9.67
N TYR A 1123 2.07 -8.01 -9.81
CA TYR A 1123 3.48 -8.35 -9.65
C TYR A 1123 3.78 -8.76 -8.21
N ARG A 1124 3.23 -8.02 -7.23
CA ARG A 1124 3.42 -8.41 -5.84
C ARG A 1124 2.77 -9.77 -5.56
N VAL A 1125 1.57 -10.00 -6.11
CA VAL A 1125 0.91 -11.29 -5.90
C VAL A 1125 1.76 -12.41 -6.48
N LEU A 1126 2.32 -12.22 -7.67
CA LEU A 1126 3.13 -13.25 -8.29
C LEU A 1126 4.45 -13.44 -7.53
N ARG A 1127 5.01 -12.38 -6.97
CA ARG A 1127 6.20 -12.55 -6.13
C ARG A 1127 5.88 -13.42 -4.92
N ILE A 1128 4.75 -13.15 -4.27
CA ILE A 1128 4.35 -13.95 -3.12
C ILE A 1128 4.15 -15.41 -3.54
N LEU A 1129 3.50 -15.63 -4.69
CA LEU A 1129 3.27 -16.99 -5.16
C LEU A 1129 4.59 -17.70 -5.45
N GLN A 1130 5.55 -17.00 -6.06
CA GLN A 1130 6.84 -17.60 -6.34
C GLN A 1130 7.59 -17.93 -5.06
N LEU A 1131 7.51 -17.05 -4.06
CA LEU A 1131 8.14 -17.34 -2.78
C LEU A 1131 7.51 -18.56 -2.13
N LEU A 1132 6.20 -18.71 -2.24
CA LEU A 1132 5.54 -19.89 -1.69
C LEU A 1132 5.91 -21.15 -2.46
N TRP A 1133 6.10 -21.03 -3.79
CA TRP A 1133 6.42 -22.20 -4.60
C TRP A 1133 7.85 -22.66 -4.35
N LYS A 1134 8.82 -21.76 -4.45
CA LYS A 1134 10.22 -22.15 -4.30
C LYS A 1134 10.47 -22.84 -2.96
N SER A 1135 9.74 -22.45 -1.93
CA SER A 1135 9.88 -23.09 -0.62
C SER A 1135 9.42 -24.54 -0.71
N PRO A 1136 10.32 -25.53 -0.60
CA PRO A 1136 9.89 -26.92 -0.72
C PRO A 1136 8.92 -27.34 0.37
N LEU A 1137 8.91 -26.66 1.51
CA LEU A 1137 7.98 -27.00 2.59
C LEU A 1137 6.55 -26.63 2.26
N SER A 1138 6.33 -25.73 1.31
CA SER A 1138 5.00 -25.27 0.91
C SER A 1138 4.88 -25.26 -0.60
N ALA A 1139 5.29 -26.35 -1.24
CA ALA A 1139 5.27 -26.48 -2.69
C ALA A 1139 4.28 -27.51 -3.18
N SER A 1140 4.29 -28.71 -2.59
CA SER A 1140 3.40 -29.77 -3.07
C SER A 1140 1.94 -29.38 -2.93
N LEU A 1141 1.53 -28.96 -1.73
CA LEU A 1141 0.13 -28.62 -1.49
C LEU A 1141 -0.29 -27.43 -2.35
N VAL A 1142 0.61 -26.46 -2.53
CA VAL A 1142 0.28 -25.29 -3.34
C VAL A 1142 0.03 -25.71 -4.78
N MET A 1143 0.92 -26.53 -5.34
CA MET A 1143 0.74 -26.99 -6.71
C MET A 1143 -0.54 -27.81 -6.84
N ASP A 1144 -0.84 -28.65 -5.85
CA ASP A 1144 -2.07 -29.43 -5.89
C ASP A 1144 -3.30 -28.54 -5.91
N GLU A 1145 -3.32 -27.53 -5.04
CA GLU A 1145 -4.46 -26.62 -4.99
C GLU A 1145 -4.57 -25.79 -6.26
N LEU A 1146 -3.44 -25.46 -6.89
CA LEU A 1146 -3.48 -24.65 -8.10
C LEU A 1146 -3.97 -25.45 -9.30
N ARG A 1147 -3.42 -26.66 -9.48
CA ARG A 1147 -3.81 -27.48 -10.63
C ARG A 1147 -5.25 -27.97 -10.52
N ALA A 1148 -5.81 -27.99 -9.32
CA ALA A 1148 -7.19 -28.45 -9.12
C ALA A 1148 -8.22 -27.37 -9.44
N THR A 1149 -7.79 -26.14 -9.70
CA THR A 1149 -8.70 -25.04 -10.00
C THR A 1149 -8.44 -24.39 -11.35
N ASN A 1150 -7.52 -24.92 -12.15
CA ASN A 1150 -7.21 -24.37 -13.48
C ASN A 1150 -6.73 -22.93 -13.36
N PHE A 1151 -5.62 -22.75 -12.65
CA PHE A 1151 -5.07 -21.41 -12.44
C PHE A 1151 -4.40 -20.90 -13.70
N LEU A 1152 -3.54 -21.72 -14.32
CA LEU A 1152 -2.84 -21.28 -15.53
C LEU A 1152 -3.82 -20.95 -16.65
N PHE A 1153 -4.95 -21.66 -16.71
CA PHE A 1153 -5.94 -21.35 -17.74
C PHE A 1153 -6.52 -19.96 -17.55
N HIS A 1154 -6.90 -19.63 -16.32
CA HIS A 1154 -7.42 -18.28 -16.05
C HIS A 1154 -6.35 -17.23 -16.31
N MET A 1155 -5.11 -17.51 -15.94
CA MET A 1155 -4.03 -16.57 -16.20
C MET A 1155 -3.88 -16.30 -17.70
N LEU A 1156 -3.83 -17.36 -18.50
CA LEU A 1156 -3.73 -17.19 -19.95
C LEU A 1156 -4.92 -16.44 -20.50
N LEU A 1157 -6.12 -16.71 -19.97
CA LEU A 1157 -7.30 -15.97 -20.41
C LEU A 1157 -7.18 -14.50 -20.06
N ARG A 1158 -6.50 -14.18 -18.96
CA ARG A 1158 -6.29 -12.79 -18.56
C ARG A 1158 -5.06 -12.15 -19.20
N GLU A 1159 -4.24 -12.94 -19.90
CA GLU A 1159 -3.07 -12.38 -20.55
C GLU A 1159 -3.47 -11.34 -21.58
N VAL A 1160 -2.51 -10.48 -21.93
CA VAL A 1160 -2.72 -9.41 -22.91
C VAL A 1160 -1.48 -9.32 -23.77
N GLN A 1161 -1.67 -9.14 -25.08
CA GLN A 1161 -0.56 -9.03 -26.01
C GLN A 1161 0.06 -7.64 -25.93
N ILE A 1162 1.38 -7.58 -26.14
CA ILE A 1162 2.13 -6.34 -26.10
C ILE A 1162 2.55 -5.98 -27.51
N GLN A 1163 2.46 -4.70 -27.84
CA GLN A 1163 2.81 -4.20 -29.16
C GLN A 1163 3.37 -2.80 -29.00
N PRO A 1164 4.17 -2.33 -29.96
CA PRO A 1164 4.73 -0.96 -29.85
C PRO A 1164 3.70 0.14 -30.02
N GLN A 1165 2.44 -0.19 -30.29
CA GLN A 1165 1.41 0.82 -30.48
C GLN A 1165 0.66 1.12 -29.18
N LEU A 1166 0.33 0.09 -28.41
CA LEU A 1166 -0.39 0.27 -27.16
C LEU A 1166 0.46 1.06 -26.16
N PRO A 1167 0.06 2.27 -25.76
CA PRO A 1167 0.87 3.04 -24.81
C PRO A 1167 0.66 2.55 -23.38
N TRP A 1168 1.57 2.97 -22.51
CA TRP A 1168 1.54 2.65 -21.09
C TRP A 1168 1.07 3.90 -20.33
N ASP A 1169 -0.16 3.86 -19.84
CA ASP A 1169 -0.74 4.99 -19.10
C ASP A 1169 -0.79 6.23 -19.99
N GLY A 1170 -1.26 6.05 -21.21
CA GLY A 1170 -1.35 7.16 -22.16
C GLY A 1170 -0.03 7.62 -22.71
N GLN A 1171 1.07 6.95 -22.39
CA GLN A 1171 2.40 7.31 -22.87
C GLN A 1171 2.96 6.20 -23.74
N LEU A 1172 3.56 6.60 -24.86
CA LEU A 1172 4.09 5.63 -25.81
C LEU A 1172 5.50 5.19 -25.40
N VAL A 1173 5.88 4.00 -25.84
CA VAL A 1173 7.16 3.43 -25.44
C VAL A 1173 8.31 4.10 -26.18
N THR A 1174 8.12 4.43 -27.46
CA THR A 1174 9.19 5.02 -28.25
C THR A 1174 9.57 6.41 -27.76
N GLY A 1175 8.72 7.04 -26.95
CA GLY A 1175 9.04 8.37 -26.46
C GLY A 1175 10.30 8.35 -25.61
N CYS A 1176 11.10 9.41 -25.74
CA CYS A 1176 12.33 9.51 -24.96
C CYS A 1176 12.04 9.56 -23.47
N GLU A 1177 10.94 10.22 -23.09
CA GLU A 1177 10.57 10.31 -21.68
C GLU A 1177 10.19 8.97 -21.08
N PHE A 1178 10.01 7.93 -21.89
CA PHE A 1178 9.67 6.61 -21.35
C PHE A 1178 10.74 6.11 -20.39
N LEU A 1179 12.02 6.30 -20.75
CA LEU A 1179 13.09 5.85 -19.88
C LEU A 1179 13.13 6.66 -18.58
N LEU A 1180 12.65 7.90 -18.61
CA LEU A 1180 12.62 8.74 -17.42
C LEU A 1180 11.31 8.65 -16.66
N SER A 1181 10.21 8.30 -17.34
CA SER A 1181 8.91 8.20 -16.68
C SER A 1181 8.86 6.94 -15.82
N ASP A 1182 7.69 6.71 -15.21
CA ASP A 1182 7.47 5.56 -14.35
C ASP A 1182 6.98 4.33 -15.11
N ALA A 1183 6.71 4.45 -16.41
CA ALA A 1183 6.26 3.30 -17.18
C ALA A 1183 7.29 2.18 -17.22
N SER A 1184 8.56 2.49 -17.00
CA SER A 1184 9.58 1.45 -16.99
C SER A 1184 9.34 0.45 -15.86
N LEU A 1185 8.88 0.95 -14.70
CA LEU A 1185 8.60 0.05 -13.59
C LEU A 1185 7.47 -0.91 -13.95
N ALA A 1186 6.39 -0.40 -14.54
CA ALA A 1186 5.29 -1.25 -14.94
C ALA A 1186 5.72 -2.25 -16.01
N TYR A 1187 6.60 -1.81 -16.93
CA TYR A 1187 7.08 -2.72 -17.97
C TYR A 1187 7.90 -3.85 -17.37
N ILE A 1188 8.80 -3.52 -16.44
CA ILE A 1188 9.60 -4.55 -15.78
C ILE A 1188 8.70 -5.50 -15.00
N ASP A 1189 7.68 -4.95 -14.34
CA ASP A 1189 6.76 -5.79 -13.57
C ASP A 1189 5.99 -6.74 -14.48
N TYR A 1190 5.56 -6.26 -15.65
CA TYR A 1190 4.84 -7.12 -16.58
C TYR A 1190 5.76 -8.19 -17.14
N LEU A 1191 7.01 -7.84 -17.43
CA LEU A 1191 7.98 -8.83 -17.90
C LEU A 1191 8.18 -9.91 -16.84
N ALA A 1192 8.34 -9.50 -15.58
CA ALA A 1192 8.53 -10.48 -14.51
C ALA A 1192 7.29 -11.35 -14.34
N SER A 1193 6.10 -10.76 -14.49
CA SER A 1193 4.87 -11.53 -14.40
C SER A 1193 4.80 -12.59 -15.49
N ARG A 1194 5.10 -12.20 -16.73
CA ARG A 1194 5.14 -13.16 -17.82
C ARG A 1194 6.16 -14.25 -17.56
N ALA A 1195 7.33 -13.87 -17.04
CA ALA A 1195 8.37 -14.87 -16.74
C ALA A 1195 7.89 -15.87 -15.70
N ALA A 1196 7.26 -15.38 -14.63
CA ALA A 1196 6.77 -16.27 -13.59
C ALA A 1196 5.67 -17.18 -14.12
N ILE A 1197 4.77 -16.64 -14.96
CA ILE A 1197 3.71 -17.46 -15.52
C ILE A 1197 4.29 -18.55 -16.41
N PHE A 1198 5.28 -18.20 -17.23
CA PHE A 1198 5.90 -19.20 -18.10
C PHE A 1198 6.63 -20.26 -17.28
N GLU A 1199 7.30 -19.85 -16.21
CA GLU A 1199 7.99 -20.81 -15.35
C GLU A 1199 7.00 -21.76 -14.71
N TYR A 1200 5.88 -21.25 -14.21
CA TYR A 1200 4.87 -22.11 -13.61
C TYR A 1200 4.29 -23.07 -14.64
N ILE A 1201 3.99 -22.57 -15.83
CA ILE A 1201 3.43 -23.43 -16.88
C ILE A 1201 4.41 -24.53 -17.23
N GLY A 1202 5.70 -24.20 -17.36
CA GLY A 1202 6.69 -25.21 -17.67
C GLY A 1202 6.84 -26.25 -16.57
N LYS A 1203 6.87 -25.80 -15.31
CA LYS A 1203 6.97 -26.73 -14.20
C LYS A 1203 5.77 -27.68 -14.17
N GLU A 1204 4.56 -27.14 -14.35
CA GLU A 1204 3.37 -27.99 -14.32
C GLU A 1204 3.35 -28.95 -15.50
N LEU A 1205 3.78 -28.49 -16.68
CA LEU A 1205 3.83 -29.37 -17.84
C LEU A 1205 4.81 -30.51 -17.61
N CYS A 1206 6.00 -30.19 -17.09
CA CYS A 1206 6.98 -31.24 -16.80
C CYS A 1206 6.44 -32.23 -15.78
N SER A 1207 5.80 -31.73 -14.72
CA SER A 1207 5.24 -32.62 -13.71
C SER A 1207 4.19 -33.54 -14.31
N VAL A 1208 3.25 -32.97 -15.08
CA VAL A 1208 2.18 -33.78 -15.65
C VAL A 1208 2.74 -34.80 -16.63
N SER A 1209 3.76 -34.42 -17.40
CA SER A 1209 4.32 -35.34 -18.38
C SER A 1209 5.08 -36.49 -17.70
N GLN A 1210 5.80 -36.17 -16.61
CA GLN A 1210 6.55 -37.21 -15.92
C GLN A 1210 5.68 -38.11 -15.06
N ASN A 1211 4.41 -37.75 -14.86
CA ASN A 1211 3.46 -38.60 -14.13
C ASN A 1211 2.68 -39.55 -15.02
N ARG A 1212 2.91 -39.54 -16.33
CA ARG A 1212 2.25 -40.41 -17.29
C ARG A 1212 0.73 -40.48 -17.07
N ILE A 1213 0.09 -39.33 -17.23
CA ILE A 1213 -1.36 -39.23 -17.18
C ILE A 1213 -1.81 -38.25 -18.27
N PRO A 1214 -2.54 -38.70 -19.31
CA PRO A 1214 -2.94 -37.78 -20.38
C PRO A 1214 -4.14 -36.90 -20.01
N SER A 1215 -4.58 -36.99 -18.75
CA SER A 1215 -5.73 -36.20 -18.33
C SER A 1215 -5.55 -34.70 -18.53
N ILE A 1216 -4.36 -34.18 -18.23
CA ILE A 1216 -4.08 -32.75 -18.35
C ILE A 1216 -3.09 -32.44 -19.46
N LYS A 1217 -2.35 -33.43 -19.97
CA LYS A 1217 -1.41 -33.16 -21.05
C LYS A 1217 -2.12 -32.56 -22.26
N ARG A 1218 -3.11 -33.26 -22.79
CA ARG A 1218 -3.82 -32.77 -23.97
C ARG A 1218 -4.47 -31.42 -23.71
N GLN A 1219 -4.98 -31.18 -22.50
CA GLN A 1219 -5.54 -29.88 -22.17
C GLN A 1219 -4.48 -28.79 -22.27
N ILE A 1220 -3.27 -29.07 -21.76
CA ILE A 1220 -2.19 -28.08 -21.81
C ILE A 1220 -1.85 -27.77 -23.27
N PHE A 1221 -1.71 -28.81 -24.09
CA PHE A 1221 -1.36 -28.59 -25.48
C PHE A 1221 -2.46 -27.86 -26.24
N ASP A 1222 -3.72 -28.13 -25.92
CA ASP A 1222 -4.82 -27.40 -26.54
C ASP A 1222 -4.79 -25.93 -26.15
N ALA A 1223 -4.57 -25.65 -24.86
CA ALA A 1223 -4.48 -24.27 -24.42
C ALA A 1223 -3.30 -23.56 -25.07
N LEU A 1224 -2.20 -24.28 -25.29
CA LEU A 1224 -1.03 -23.65 -25.89
C LEU A 1224 -1.24 -23.39 -27.39
N ASN A 1225 -1.86 -24.33 -28.09
CA ASN A 1225 -2.09 -24.15 -29.52
C ASN A 1225 -3.09 -23.05 -29.83
N GLY A 1226 -3.96 -22.72 -28.89
CA GLY A 1226 -4.94 -21.67 -29.07
C GLY A 1226 -6.39 -22.13 -29.14
N GLN A 1227 -6.72 -23.29 -28.57
CA GLN A 1227 -8.08 -23.79 -28.57
C GLN A 1227 -8.43 -24.27 -27.18
N ILE A 1228 -9.69 -24.06 -26.79
CA ILE A 1228 -10.19 -24.47 -25.48
C ILE A 1228 -11.54 -25.15 -25.68
N PHE A 1229 -11.67 -26.36 -25.15
CA PHE A 1229 -12.92 -27.12 -25.27
C PHE A 1229 -13.66 -27.13 -23.93
N PRO A 1235 -15.63 -23.35 -29.18
CA PRO A 1235 -14.38 -23.35 -28.40
C PRO A 1235 -13.75 -21.96 -28.33
N LEU A 1236 -13.26 -21.59 -27.14
CA LEU A 1236 -12.62 -20.29 -26.95
C LEU A 1236 -11.17 -20.35 -27.40
N THR A 1237 -10.77 -19.38 -28.21
CA THR A 1237 -9.42 -19.31 -28.75
C THR A 1237 -8.59 -18.30 -27.98
N ILE A 1238 -7.28 -18.51 -27.97
CA ILE A 1238 -6.34 -17.61 -27.29
C ILE A 1238 -5.03 -17.59 -28.05
N PRO A 1239 -4.25 -16.53 -27.90
CA PRO A 1239 -2.98 -16.45 -28.63
C PRO A 1239 -1.99 -17.49 -28.14
N SER A 1240 -1.31 -18.13 -29.10
CA SER A 1240 -0.33 -19.16 -28.79
C SER A 1240 0.89 -18.55 -28.12
N ILE A 1241 1.81 -19.41 -27.70
CA ILE A 1241 3.03 -18.95 -27.05
C ILE A 1241 3.85 -18.09 -28.00
N PHE A 1242 3.91 -18.46 -29.27
CA PHE A 1242 4.68 -17.70 -30.24
C PHE A 1242 4.20 -16.26 -30.33
N ASP A 1243 2.93 -16.01 -30.00
CA ASP A 1243 2.41 -14.64 -30.03
C ASP A 1243 3.03 -13.80 -28.93
N PHE A 1244 3.33 -14.40 -27.78
CA PHE A 1244 3.92 -13.65 -26.67
C PHE A 1244 5.38 -13.30 -26.89
N PHE A 1245 6.01 -13.81 -27.96
CA PHE A 1245 7.40 -13.50 -28.26
C PHE A 1245 7.50 -12.20 -29.05
N ASP A 1246 7.01 -11.12 -28.41
CA ASP A 1246 7.01 -9.80 -29.02
C ASP A 1246 7.82 -8.79 -28.22
N PHE A 1247 8.45 -9.20 -27.11
CA PHE A 1247 9.24 -8.30 -26.30
C PHE A 1247 10.69 -8.18 -26.77
N ILE A 1248 11.11 -9.01 -27.73
CA ILE A 1248 12.45 -8.94 -28.28
C ILE A 1248 12.40 -8.01 -29.48
N ASN A 1249 12.83 -6.77 -29.28
CA ASN A 1249 12.83 -5.77 -30.34
C ASN A 1249 14.02 -4.85 -30.14
N THR A 1250 14.89 -4.75 -31.16
CA THR A 1250 16.05 -3.88 -31.11
C THR A 1250 15.78 -2.50 -31.66
N ASP A 1251 14.57 -2.22 -32.14
CA ASP A 1251 14.26 -0.91 -32.68
C ASP A 1251 14.35 0.17 -31.62
N TYR A 1252 14.04 -0.17 -30.36
CA TYR A 1252 14.13 0.82 -29.29
C TYR A 1252 15.57 1.23 -29.01
N LYS A 1253 16.53 0.35 -29.30
CA LYS A 1253 17.94 0.64 -29.09
C LYS A 1253 18.23 0.94 -27.62
N TRP A 1254 17.83 0.01 -26.76
CA TRP A 1254 18.09 0.18 -25.33
C TRP A 1254 19.59 0.14 -25.02
N GLU A 1255 20.37 -0.56 -25.86
CA GLU A 1255 21.81 -0.62 -25.64
C GLU A 1255 22.50 0.64 -26.14
N GLU A 1256 22.13 1.13 -27.32
CA GLU A 1256 22.72 2.34 -27.87
C GLU A 1256 22.14 3.56 -27.18
N ILE A 1257 22.99 4.55 -26.92
CA ILE A 1257 22.59 5.77 -26.24
C ILE A 1257 23.34 6.94 -26.87
N PRO A 1258 22.65 8.03 -27.22
CA PRO A 1258 23.33 9.19 -27.82
C PRO A 1258 24.10 9.98 -26.77
N SER A 1259 25.42 9.94 -26.85
CA SER A 1259 26.26 10.62 -25.88
C SER A 1259 26.35 12.11 -26.22
N PRO A 1260 25.90 13.01 -25.33
CA PRO A 1260 26.03 14.44 -25.63
C PRO A 1260 27.49 14.85 -25.76
N HIS A 1261 27.69 16.11 -26.14
CA HIS A 1261 29.04 16.63 -26.35
C HIS A 1261 29.84 16.63 -25.05
N PHE A 1262 29.24 17.14 -23.97
CA PHE A 1262 29.91 17.25 -22.67
C PHE A 1262 31.27 17.94 -22.82
N THR A 1263 31.20 19.21 -23.23
CA THR A 1263 32.43 19.99 -23.38
C THR A 1263 33.18 20.12 -22.06
N TYR A 1264 32.46 20.06 -20.94
CA TYR A 1264 33.06 20.13 -19.62
C TYR A 1264 32.58 18.95 -18.79
N LEU A 1265 33.32 18.65 -17.72
CA LEU A 1265 33.05 17.51 -16.85
C LEU A 1265 33.25 16.17 -17.56
N LYS A 1266 33.93 16.18 -18.72
CA LYS A 1266 34.11 14.93 -19.46
C LYS A 1266 35.02 13.98 -18.69
N ASP A 1267 36.01 14.50 -17.97
CA ASP A 1267 36.93 13.65 -17.21
C ASP A 1267 36.26 13.02 -15.99
N LEU A 1268 35.07 13.49 -15.60
CA LEU A 1268 34.36 12.94 -14.45
C LEU A 1268 33.78 11.58 -14.84
N ASP A 1269 34.45 10.51 -14.42
CA ASP A 1269 34.01 9.16 -14.74
C ASP A 1269 33.12 8.62 -13.62
N LEU A 1270 32.62 7.41 -13.83
CA LEU A 1270 31.73 6.75 -12.87
C LEU A 1270 32.45 5.67 -12.08
N GLY A 1271 33.73 5.90 -11.76
CA GLY A 1271 34.51 4.95 -11.01
C GLY A 1271 33.92 4.65 -9.65
N PRO A 1272 33.90 5.65 -8.77
CA PRO A 1272 33.36 5.44 -7.41
C PRO A 1272 31.85 5.27 -7.37
N CYS A 1273 31.15 5.51 -8.48
CA CYS A 1273 29.70 5.36 -8.49
C CYS A 1273 29.30 3.90 -8.29
N ILE A 1274 29.80 3.01 -9.14
CA ILE A 1274 29.49 1.59 -9.03
C ILE A 1274 30.06 1.05 -7.72
N GLY A 1281 25.48 -6.64 -10.17
CA GLY A 1281 24.75 -5.52 -9.60
C GLY A 1281 25.18 -4.18 -10.18
N VAL A 1282 24.60 -3.83 -11.33
CA VAL A 1282 24.91 -2.58 -12.00
C VAL A 1282 24.07 -1.49 -11.34
N HIS A 1283 24.70 -0.68 -10.49
CA HIS A 1283 24.00 0.41 -9.80
C HIS A 1283 24.97 1.57 -9.66
N TYR A 1284 24.77 2.61 -10.46
CA TYR A 1284 25.63 3.79 -10.45
C TYR A 1284 25.02 4.82 -9.50
N ASP A 1285 25.68 5.03 -8.35
CA ASP A 1285 25.19 5.99 -7.38
C ASP A 1285 25.35 7.41 -7.91
N ILE A 1286 24.35 8.25 -7.64
CA ILE A 1286 24.38 9.62 -8.12
C ILE A 1286 25.14 10.54 -7.17
N ARG A 1287 25.15 10.22 -5.87
CA ARG A 1287 25.85 11.07 -4.91
C ARG A 1287 27.36 11.00 -5.09
N LYS A 1288 27.88 9.85 -5.49
CA LYS A 1288 29.32 9.72 -5.69
C LYS A 1288 29.81 10.68 -6.76
N ALA A 1289 29.02 10.88 -7.81
CA ALA A 1289 29.38 11.86 -8.84
C ALA A 1289 28.95 13.27 -8.45
N GLN A 1290 27.88 13.38 -7.65
CA GLN A 1290 27.44 14.71 -7.21
C GLN A 1290 28.51 15.38 -6.37
N GLU A 1291 29.11 14.65 -5.44
CA GLU A 1291 30.18 15.23 -4.63
C GLU A 1291 31.38 15.60 -5.47
N ILE A 1292 31.72 14.78 -6.46
CA ILE A 1292 32.86 15.07 -7.31
C ILE A 1292 32.63 16.34 -8.10
N LEU A 1293 31.46 16.46 -8.74
CA LEU A 1293 31.17 17.65 -9.52
C LEU A 1293 31.04 18.88 -8.63
N ALA A 1294 30.56 18.72 -7.39
CA ALA A 1294 30.51 19.86 -6.48
C ALA A 1294 31.90 20.33 -6.10
N LEU A 1295 32.80 19.39 -5.79
CA LEU A 1295 34.18 19.77 -5.48
C LEU A 1295 34.84 20.44 -6.69
N LYS A 1296 34.56 19.94 -7.89
CA LYS A 1296 35.15 20.53 -9.09
C LYS A 1296 34.62 21.94 -9.31
N ARG A 1297 33.31 22.15 -9.11
CA ARG A 1297 32.76 23.49 -9.23
C ARG A 1297 33.36 24.43 -8.19
N LYS A 1298 33.55 23.95 -6.96
CA LYS A 1298 34.16 24.78 -5.93
C LYS A 1298 35.59 25.15 -6.31
N GLU A 1299 36.35 24.19 -6.83
CA GLU A 1299 37.72 24.49 -7.26
C GLU A 1299 37.70 25.48 -8.41
N TYR A 1300 36.77 25.30 -9.36
CA TYR A 1300 36.68 26.23 -10.48
C TYR A 1300 36.36 27.64 -9.99
N GLU A 1301 35.43 27.76 -9.04
CA GLU A 1301 35.10 29.07 -8.48
C GLU A 1301 36.27 29.69 -7.73
N HIS A 1302 37.03 28.88 -7.00
CA HIS A 1302 38.20 29.39 -6.29
C HIS A 1302 39.28 29.84 -7.26
N SER A 1303 39.34 29.24 -8.45
CA SER A 1303 40.31 29.65 -9.45
C SER A 1303 40.07 31.08 -9.92
N GLN A 1304 38.82 31.58 -9.80
CA GLN A 1304 38.48 32.95 -10.18
C GLN A 1304 38.80 33.20 -11.65
N LEU A 1305 38.13 32.44 -12.51
CA LEU A 1305 38.29 32.57 -13.96
C LEU A 1305 36.91 32.39 -14.60
N ALA A 1306 36.21 33.51 -14.80
CA ALA A 1306 34.87 33.49 -15.39
C ALA A 1306 33.97 32.49 -14.69
N THR A 1307 33.86 32.65 -13.37
CA THR A 1307 33.08 31.74 -12.55
C THR A 1307 31.58 32.01 -12.68
N PRO A 1308 31.13 33.27 -12.74
CA PRO A 1308 29.68 33.50 -12.80
C PRO A 1308 29.05 33.08 -14.12
N GLU A 1309 29.73 33.37 -15.24
CA GLU A 1309 29.12 33.10 -16.55
C GLU A 1309 28.94 31.62 -16.84
N PHE A 1310 30.05 30.87 -16.88
CA PHE A 1310 29.97 29.46 -17.24
C PHE A 1310 29.29 28.59 -16.17
N LEU A 1311 29.11 29.14 -14.97
CA LEU A 1311 28.46 28.40 -13.89
C LEU A 1311 27.20 27.74 -14.45
N GLU A 1312 26.32 28.56 -15.03
CA GLU A 1312 25.06 28.04 -15.59
C GLU A 1312 25.37 26.83 -16.45
N THR A 1313 26.36 26.97 -17.35
CA THR A 1313 26.74 25.84 -18.19
C THR A 1313 26.87 24.57 -17.34
N VAL A 1314 27.84 24.58 -16.42
CA VAL A 1314 28.01 23.43 -15.53
C VAL A 1314 26.70 22.94 -14.95
N GLU A 1315 25.90 23.85 -14.41
CA GLU A 1315 24.62 23.47 -13.82
C GLU A 1315 23.82 22.59 -14.78
N LEU A 1316 23.54 23.11 -15.98
CA LEU A 1316 22.72 22.34 -16.91
C LEU A 1316 23.40 21.03 -17.26
N GLU A 1317 24.74 21.03 -17.35
CA GLU A 1317 25.44 19.77 -17.60
C GLU A 1317 25.05 18.74 -16.55
N GLU A 1318 25.08 19.13 -15.27
CA GLU A 1318 24.59 18.25 -14.23
C GLU A 1318 23.17 17.78 -14.55
N LYS A 1319 22.27 18.72 -14.81
CA LYS A 1319 20.88 18.37 -15.08
C LYS A 1319 20.77 17.37 -16.22
N VAL A 1320 21.81 17.24 -17.05
CA VAL A 1320 21.83 16.22 -18.09
C VAL A 1320 22.32 14.91 -17.48
N LEU A 1321 23.55 14.93 -16.95
CA LEU A 1321 24.19 13.68 -16.53
C LEU A 1321 23.32 12.91 -15.54
N ILE A 1322 22.68 13.60 -14.60
CA ILE A 1322 21.78 12.92 -13.67
C ILE A 1322 20.82 12.03 -14.45
N GLU A 1323 20.02 12.65 -15.32
CA GLU A 1323 19.14 11.87 -16.18
C GLU A 1323 19.90 10.72 -16.84
N TRP A 1324 21.01 11.05 -17.52
CA TRP A 1324 21.82 10.02 -18.15
C TRP A 1324 22.02 8.84 -17.21
N LEU A 1325 22.58 9.10 -16.03
CA LEU A 1325 22.78 8.02 -15.07
C LEU A 1325 21.51 7.21 -14.91
N THR A 1326 20.43 7.85 -14.46
CA THR A 1326 19.18 7.12 -14.25
C THR A 1326 18.83 6.31 -15.47
N VAL A 1327 18.88 6.93 -16.66
CA VAL A 1327 18.54 6.22 -17.88
C VAL A 1327 19.28 4.88 -17.92
N ARG A 1328 20.62 4.93 -17.85
CA ARG A 1328 21.41 3.71 -17.85
C ARG A 1328 20.82 2.70 -16.88
N ASN A 1329 20.70 3.10 -15.60
CA ASN A 1329 20.11 2.20 -14.61
C ASN A 1329 18.84 1.58 -15.14
N ARG A 1330 17.85 2.43 -15.48
CA ARG A 1330 16.61 1.92 -16.05
C ARG A 1330 16.91 0.94 -17.17
N ALA A 1331 17.63 1.39 -18.19
CA ALA A 1331 18.00 0.53 -19.29
C ALA A 1331 18.52 -0.80 -18.77
N ASN A 1332 19.56 -0.75 -17.93
CA ASN A 1332 20.12 -1.97 -17.37
C ASN A 1332 19.01 -2.88 -16.86
N LEU A 1333 18.20 -2.36 -15.94
CA LEU A 1333 17.09 -3.14 -15.42
C LEU A 1333 16.31 -3.80 -16.56
N LEU A 1334 15.77 -2.98 -17.46
CA LEU A 1334 15.02 -3.51 -18.59
C LEU A 1334 15.78 -4.68 -19.21
N LEU A 1335 17.04 -4.44 -19.59
CA LEU A 1335 17.83 -5.49 -20.21
C LEU A 1335 17.72 -6.77 -19.40
N THR A 1336 18.20 -6.75 -18.15
CA THR A 1336 18.20 -7.97 -17.36
C THR A 1336 16.79 -8.53 -17.27
N ALA A 1337 15.80 -7.67 -17.05
CA ALA A 1337 14.42 -8.14 -17.03
C ALA A 1337 14.14 -8.97 -18.26
N ARG A 1338 14.31 -8.37 -19.44
CA ARG A 1338 14.14 -9.12 -20.68
C ARG A 1338 14.88 -10.44 -20.60
N LEU A 1339 16.17 -10.39 -20.31
CA LEU A 1339 16.97 -11.60 -20.18
C LEU A 1339 16.21 -12.64 -19.35
N ASN A 1340 15.88 -12.28 -18.12
CA ASN A 1340 15.14 -13.19 -17.25
C ASN A 1340 13.97 -13.80 -18.02
N LEU A 1341 13.06 -12.96 -18.49
CA LEU A 1341 11.91 -13.45 -19.24
C LEU A 1341 12.37 -14.42 -20.33
N LEU A 1342 13.29 -13.97 -21.18
CA LEU A 1342 13.79 -14.84 -22.24
C LEU A 1342 14.18 -16.20 -21.68
N GLN A 1343 15.05 -16.19 -20.67
CA GLN A 1343 15.46 -17.44 -20.04
C GLN A 1343 14.24 -18.30 -19.74
N ALA A 1344 13.31 -17.77 -18.93
CA ALA A 1344 12.09 -18.49 -18.63
C ALA A 1344 11.47 -19.05 -19.91
N TRP A 1345 11.18 -18.16 -20.87
CA TRP A 1345 10.61 -18.59 -22.14
C TRP A 1345 11.41 -19.77 -22.69
N ALA A 1346 12.72 -19.58 -22.85
CA ALA A 1346 13.57 -20.66 -23.34
C ALA A 1346 13.29 -21.94 -22.57
N ASN A 1347 13.42 -21.88 -21.25
CA ASN A 1347 13.14 -23.07 -20.44
C ASN A 1347 11.79 -23.67 -20.81
N LEU A 1348 10.74 -22.85 -20.81
CA LEU A 1348 9.43 -23.34 -21.18
C LEU A 1348 9.47 -24.05 -22.53
N LEU A 1349 10.06 -23.39 -23.53
CA LEU A 1349 10.13 -24.00 -24.85
C LEU A 1349 10.81 -25.36 -24.79
N LEU A 1350 11.89 -25.46 -24.01
CA LEU A 1350 12.56 -26.76 -23.85
C LEU A 1350 11.58 -27.79 -23.29
N VAL A 1351 10.87 -27.43 -22.22
CA VAL A 1351 9.91 -28.35 -21.64
C VAL A 1351 8.81 -28.69 -22.64
N MET A 1352 8.60 -27.85 -23.65
CA MET A 1352 7.60 -28.13 -24.67
C MET A 1352 8.13 -29.06 -25.75
N ILE A 1353 9.44 -29.12 -25.94
CA ILE A 1353 10.02 -29.94 -27.00
C ILE A 1353 10.25 -31.36 -26.53
N GLU A 1354 11.02 -31.53 -25.44
CA GLU A 1354 11.35 -32.86 -24.96
C GLU A 1354 10.09 -33.61 -24.52
N SER A 1355 9.35 -33.03 -23.56
CA SER A 1355 8.14 -33.67 -23.02
C SER A 1355 7.00 -33.42 -24.00
N ASN A 1356 7.01 -34.16 -25.10
CA ASN A 1356 5.96 -34.05 -26.11
C ASN A 1356 5.89 -35.39 -26.85
N ASP A 1357 4.89 -36.19 -26.51
CA ASP A 1357 4.68 -37.48 -27.16
C ASP A 1357 3.82 -37.39 -28.41
N PHE A 1358 3.24 -36.22 -28.69
CA PHE A 1358 2.41 -36.06 -29.86
C PHE A 1358 3.24 -36.23 -31.14
N LYS A 1359 2.53 -36.52 -32.24
CA LYS A 1359 3.20 -36.71 -33.52
C LYS A 1359 4.03 -35.49 -33.88
N SER A 1360 4.98 -35.70 -34.80
CA SER A 1360 5.91 -34.66 -35.22
C SER A 1360 5.49 -33.96 -36.50
N THR A 1361 4.87 -34.68 -37.44
CA THR A 1361 4.48 -34.05 -38.70
C THR A 1361 3.43 -32.96 -38.52
N PRO A 1362 2.47 -33.06 -37.59
CA PRO A 1362 1.51 -31.96 -37.43
C PRO A 1362 2.14 -30.73 -36.78
N LYS A 1363 3.04 -30.94 -35.82
CA LYS A 1363 3.70 -29.83 -35.13
C LYS A 1363 4.79 -29.18 -35.96
N MET A 1364 5.16 -29.77 -37.11
CA MET A 1364 6.21 -29.19 -37.93
C MET A 1364 5.93 -27.73 -38.27
N ALA A 1365 4.66 -27.37 -38.42
CA ALA A 1365 4.33 -25.98 -38.69
C ALA A 1365 4.79 -25.09 -37.55
N PHE A 1366 4.59 -25.52 -36.30
CA PHE A 1366 5.04 -24.73 -35.16
C PHE A 1366 6.56 -24.64 -35.12
N LEU A 1367 7.24 -25.73 -35.52
CA LEU A 1367 8.70 -25.69 -35.58
C LEU A 1367 9.18 -24.66 -36.59
N LEU A 1368 8.56 -24.66 -37.77
CA LEU A 1368 8.94 -23.68 -38.79
C LEU A 1368 8.63 -22.26 -38.33
N GLN A 1369 7.51 -22.07 -37.64
CA GLN A 1369 7.18 -20.74 -37.13
C GLN A 1369 8.21 -20.29 -36.10
N ALA A 1370 8.60 -21.18 -35.19
CA ALA A 1370 9.62 -20.82 -34.21
C ALA A 1370 10.96 -20.51 -34.89
N LEU A 1371 11.32 -21.28 -35.91
CA LEU A 1371 12.55 -21.00 -36.64
C LEU A 1371 12.50 -19.63 -37.30
N GLN A 1372 11.38 -19.30 -37.94
CA GLN A 1372 11.23 -18.00 -38.58
C GLN A 1372 11.28 -16.89 -37.54
N ALA A 1373 10.74 -17.13 -36.35
CA ALA A 1373 10.74 -16.10 -35.31
C ALA A 1373 12.14 -15.88 -34.75
N ILE A 1374 12.91 -16.95 -34.58
CA ILE A 1374 14.24 -16.80 -33.99
C ILE A 1374 15.29 -16.38 -35.01
N LEU A 1375 15.04 -16.59 -36.31
CA LEU A 1375 16.00 -16.20 -37.34
C LEU A 1375 16.42 -14.75 -37.19
N PRO A 1376 15.48 -13.80 -37.17
CA PRO A 1376 15.89 -12.39 -37.01
C PRO A 1376 16.51 -12.11 -35.65
N THR A 1377 16.09 -12.83 -34.61
CA THR A 1377 16.69 -12.62 -33.29
C THR A 1377 18.17 -13.00 -33.30
N LEU A 1378 18.51 -14.13 -33.92
CA LEU A 1378 19.91 -14.52 -34.01
C LEU A 1378 20.68 -13.61 -34.96
N GLU A 1379 20.03 -13.19 -36.07
CA GLU A 1379 20.70 -12.30 -37.00
C GLU A 1379 20.98 -10.94 -36.37
N ALA A 1380 20.20 -10.54 -35.37
CA ALA A 1380 20.41 -9.27 -34.69
C ALA A 1380 21.36 -9.37 -33.51
N PHE A 1381 21.46 -10.54 -32.89
CA PHE A 1381 22.36 -10.78 -31.76
C PHE A 1381 23.37 -11.86 -32.09
N SER A 1382 23.86 -11.87 -33.34
CA SER A 1382 24.83 -12.87 -33.75
C SER A 1382 26.16 -12.68 -33.03
N SER A 1383 26.61 -11.43 -32.89
CA SER A 1383 27.87 -11.16 -32.22
C SER A 1383 27.79 -9.94 -31.29
N LEU A 1384 26.58 -9.52 -30.91
CA LEU A 1384 26.44 -8.36 -30.05
C LEU A 1384 26.65 -8.73 -28.59
N LYS A 1385 25.85 -9.67 -28.08
CA LYS A 1385 25.93 -10.10 -26.68
C LYS A 1385 25.99 -11.62 -26.62
N SER A 1386 26.65 -12.12 -25.58
CA SER A 1386 26.89 -13.55 -25.41
C SER A 1386 26.09 -14.13 -24.24
N ASP A 1387 24.98 -13.50 -23.88
CA ASP A 1387 24.10 -13.98 -22.82
C ASP A 1387 22.82 -14.61 -23.37
N GLU A 1388 22.11 -13.90 -24.25
CA GLU A 1388 20.93 -14.46 -24.89
C GLU A 1388 21.28 -15.42 -26.01
N ALA A 1389 22.47 -15.29 -26.59
CA ALA A 1389 22.87 -16.18 -27.67
C ALA A 1389 22.90 -17.63 -27.20
N PHE A 1390 23.42 -17.88 -26.00
CA PHE A 1390 23.43 -19.23 -25.46
C PHE A 1390 22.01 -19.78 -25.31
N GLU A 1391 21.11 -18.97 -24.76
CA GLU A 1391 19.73 -19.41 -24.54
C GLU A 1391 19.05 -19.72 -25.87
N LEU A 1392 19.31 -18.91 -26.89
CA LEU A 1392 18.67 -19.10 -28.20
C LEU A 1392 19.36 -20.15 -29.05
N ALA A 1393 20.58 -20.54 -28.72
CA ALA A 1393 21.30 -21.56 -29.48
C ALA A 1393 21.16 -22.95 -28.89
N ARG A 1394 21.04 -23.08 -27.56
CA ARG A 1394 20.87 -24.40 -26.98
C ARG A 1394 19.54 -25.02 -27.40
N VAL A 1395 18.48 -24.21 -27.46
CA VAL A 1395 17.19 -24.73 -27.91
C VAL A 1395 17.26 -25.12 -29.38
N ALA A 1396 18.00 -24.36 -30.19
CA ALA A 1396 18.17 -24.72 -31.59
C ALA A 1396 18.90 -26.05 -31.71
N LYS A 1397 19.99 -26.22 -30.96
CA LYS A 1397 20.72 -27.48 -30.95
C LYS A 1397 19.79 -28.63 -30.57
N VAL A 1398 18.99 -28.43 -29.51
CA VAL A 1398 18.09 -29.49 -29.04
C VAL A 1398 17.11 -29.87 -30.15
N LEU A 1399 16.37 -28.88 -30.67
CA LEU A 1399 15.36 -29.15 -31.67
C LEU A 1399 15.96 -29.68 -32.97
N LEU A 1400 17.24 -29.45 -33.22
CA LEU A 1400 17.85 -29.95 -34.44
C LEU A 1400 18.05 -31.46 -34.41
N TRP A 1401 18.22 -32.03 -33.21
CA TRP A 1401 18.37 -33.46 -33.06
C TRP A 1401 17.06 -34.22 -33.01
N LYS A 1402 15.95 -33.52 -32.75
CA LYS A 1402 14.64 -34.16 -32.68
C LYS A 1402 13.97 -34.31 -34.03
N LEU A 1403 14.69 -34.05 -35.13
CA LEU A 1403 14.12 -34.18 -36.47
C LEU A 1403 13.90 -35.65 -36.81
N GLU A 1416 3.26 -31.93 -50.92
CA GLU A 1416 3.23 -31.19 -49.66
C GLU A 1416 4.57 -31.31 -48.94
N GLN A 1417 5.10 -32.53 -48.87
CA GLN A 1417 6.37 -32.75 -48.20
C GLN A 1417 7.52 -32.05 -48.91
N PHE A 1418 7.42 -31.87 -50.22
CA PHE A 1418 8.49 -31.23 -50.97
C PHE A 1418 8.69 -29.79 -50.51
N THR A 1419 7.60 -29.04 -50.35
CA THR A 1419 7.72 -27.65 -49.92
C THR A 1419 8.28 -27.55 -48.51
N VAL A 1420 7.82 -28.42 -47.61
CA VAL A 1420 8.33 -28.40 -46.24
C VAL A 1420 9.81 -28.71 -46.22
N GLY A 1421 10.24 -29.72 -46.99
CA GLY A 1421 11.64 -30.05 -47.05
C GLY A 1421 12.49 -28.93 -47.62
N ASN A 1422 11.99 -28.27 -48.68
CA ASN A 1422 12.72 -27.15 -49.26
C ASN A 1422 12.86 -26.01 -48.27
N LEU A 1423 11.77 -25.69 -47.54
CA LEU A 1423 11.84 -24.64 -46.55
C LEU A 1423 12.81 -24.99 -45.43
N ILE A 1424 12.79 -26.23 -44.96
CA ILE A 1424 13.70 -26.65 -43.90
C ILE A 1424 15.14 -26.52 -44.38
N GLY A 1425 15.42 -26.99 -45.60
CA GLY A 1425 16.77 -26.88 -46.12
C GLY A 1425 17.23 -25.45 -46.26
N ASP A 1426 16.35 -24.57 -46.75
CA ASP A 1426 16.72 -23.17 -46.92
C ASP A 1426 17.00 -22.53 -45.56
N LYS A 1427 16.14 -22.79 -44.57
CA LYS A 1427 16.37 -22.21 -43.25
C LYS A 1427 17.65 -22.72 -42.62
N LEU A 1428 17.94 -24.02 -42.79
CA LEU A 1428 19.17 -24.57 -42.24
C LEU A 1428 20.40 -23.96 -42.92
N PHE A 1429 20.34 -23.80 -44.25
CA PHE A 1429 21.45 -23.20 -44.96
C PHE A 1429 21.66 -21.75 -44.54
N GLN A 1430 20.57 -21.02 -44.30
CA GLN A 1430 20.70 -19.64 -43.85
C GLN A 1430 21.27 -19.57 -42.44
N LEU A 1431 20.84 -20.47 -41.56
CA LEU A 1431 21.37 -20.48 -40.19
C LEU A 1431 22.83 -20.89 -40.16
N PHE A 1432 23.26 -21.74 -41.11
CA PHE A 1432 24.64 -22.19 -41.13
C PHE A 1432 25.63 -21.07 -41.40
N GLN A 1433 25.16 -19.93 -41.92
CA GLN A 1433 26.07 -18.84 -42.27
C GLN A 1433 26.48 -18.03 -41.03
N LEU A 1434 25.51 -17.64 -40.22
CA LEU A 1434 25.82 -16.82 -39.04
C LEU A 1434 26.66 -17.58 -38.03
N CYS A 1435 26.49 -18.90 -37.95
CA CYS A 1435 27.32 -19.69 -37.04
C CYS A 1435 28.79 -19.63 -37.44
N LEU A 1436 29.08 -19.89 -38.72
CA LEU A 1436 30.45 -19.79 -39.20
C LEU A 1436 30.97 -18.36 -39.07
N SER A 1437 30.12 -17.37 -39.28
CA SER A 1437 30.55 -15.98 -39.11
C SER A 1437 30.99 -15.73 -37.68
N ALA A 1438 30.17 -16.10 -36.70
CA ALA A 1438 30.51 -15.89 -35.29
C ALA A 1438 31.74 -16.70 -34.90
N ILE A 1439 31.91 -17.89 -35.48
CA ILE A 1439 33.08 -18.71 -35.17
C ILE A 1439 34.35 -18.05 -35.70
N SER A 1440 34.29 -17.52 -36.93
CA SER A 1440 35.45 -16.84 -37.50
C SER A 1440 35.75 -15.54 -36.76
N GLN A 1441 34.73 -14.88 -36.23
CA GLN A 1441 34.92 -13.65 -35.46
C GLN A 1441 35.29 -13.91 -34.02
N CYS A 1442 35.30 -15.18 -33.58
CA CYS A 1442 35.67 -15.54 -32.21
C CYS A 1442 34.83 -14.77 -31.20
N SER A 1443 33.52 -15.00 -31.26
CA SER A 1443 32.56 -14.34 -30.39
C SER A 1443 32.01 -15.31 -29.36
N GLY A 1444 31.63 -14.78 -28.21
CA GLY A 1444 31.02 -15.57 -27.16
C GLY A 1444 32.04 -16.43 -26.41
N THR A 1445 31.52 -17.15 -25.42
CA THR A 1445 32.32 -18.02 -24.58
C THR A 1445 32.41 -19.41 -25.22
N PRO A 1446 33.30 -20.26 -24.70
CA PRO A 1446 33.43 -21.61 -25.28
C PRO A 1446 32.12 -22.38 -25.34
N GLU A 1447 31.16 -22.07 -24.48
CA GLU A 1447 29.89 -22.78 -24.49
C GLU A 1447 29.06 -22.43 -25.73
N LEU A 1448 28.94 -21.13 -26.02
CA LEU A 1448 28.22 -20.71 -27.22
C LEU A 1448 28.93 -21.21 -28.48
N ARG A 1449 30.27 -21.19 -28.47
CA ARG A 1449 31.01 -21.72 -29.61
C ARG A 1449 30.78 -23.22 -29.78
N SER A 1450 30.67 -23.96 -28.68
CA SER A 1450 30.38 -25.39 -28.77
C SER A 1450 28.97 -25.63 -29.30
N LEU A 1451 28.01 -24.81 -28.87
CA LEU A 1451 26.67 -24.91 -29.43
C LEU A 1451 26.68 -24.67 -30.94
N TYR A 1452 27.38 -23.63 -31.38
CA TYR A 1452 27.49 -23.37 -32.82
C TYR A 1452 28.17 -24.53 -33.54
N TYR A 1453 29.21 -25.10 -32.92
CA TYR A 1453 29.90 -26.23 -33.53
C TYR A 1453 28.96 -27.41 -33.71
N SER A 1454 28.15 -27.70 -32.69
CA SER A 1454 27.19 -28.80 -32.81
C SER A 1454 26.14 -28.51 -33.88
N ILE A 1455 25.66 -27.27 -33.93
CA ILE A 1455 24.67 -26.90 -34.94
C ILE A 1455 25.24 -27.09 -36.34
N CYS A 1456 26.49 -26.69 -36.54
CA CYS A 1456 27.12 -26.83 -37.86
C CYS A 1456 27.44 -28.30 -38.15
N TYR A 1457 27.75 -29.07 -37.12
CA TYR A 1457 28.09 -30.48 -37.33
C TYR A 1457 26.88 -31.28 -37.74
N ARG A 1458 25.74 -31.08 -37.07
CA ARG A 1458 24.52 -31.79 -37.46
C ARG A 1458 24.00 -31.33 -38.81
N TYR A 1459 24.46 -30.19 -39.32
CA TYR A 1459 24.07 -29.71 -40.65
C TYR A 1459 24.98 -30.25 -41.74
N LEU A 1460 26.29 -30.26 -41.51
CA LEU A 1460 27.25 -30.76 -42.48
C LEU A 1460 27.30 -32.28 -42.54
N THR A 1461 26.63 -32.97 -41.61
CA THR A 1461 26.67 -34.43 -41.56
C THR A 1461 25.38 -35.09 -41.99
N ALA A 1462 24.23 -34.47 -41.72
CA ALA A 1462 22.93 -35.05 -42.03
C ALA A 1462 22.27 -34.42 -43.25
N VAL A 1463 22.28 -33.10 -43.34
CA VAL A 1463 21.60 -32.42 -44.45
C VAL A 1463 22.29 -32.76 -45.77
N VAL A 1464 23.58 -32.44 -45.88
CA VAL A 1464 24.30 -32.72 -47.12
C VAL A 1464 24.42 -34.22 -47.36
N ASP A 1465 24.49 -35.00 -46.29
CA ASP A 1465 24.60 -36.45 -46.41
C ASP A 1465 23.65 -37.14 -45.46
N THR A 1482 21.20 -37.00 -58.26
CA THR A 1482 21.57 -36.30 -57.05
C THR A 1482 22.18 -34.94 -57.37
N ARG A 1483 21.58 -34.25 -58.35
CA ARG A 1483 22.08 -32.94 -58.73
C ARG A 1483 21.92 -31.93 -57.59
N SER A 1484 20.78 -31.97 -56.89
CA SER A 1484 20.57 -31.04 -55.78
C SER A 1484 21.61 -31.24 -54.69
N VAL A 1485 21.98 -32.49 -54.41
CA VAL A 1485 22.99 -32.76 -53.39
C VAL A 1485 24.33 -32.14 -53.80
N THR A 1486 24.72 -32.31 -55.06
CA THR A 1486 25.97 -31.75 -55.53
C THR A 1486 25.95 -30.24 -55.48
N ASN A 1487 24.83 -29.62 -55.87
CA ASN A 1487 24.73 -28.17 -55.80
C ASN A 1487 24.84 -27.67 -54.37
N ALA A 1488 24.15 -28.33 -53.44
CA ALA A 1488 24.23 -27.91 -52.04
C ALA A 1488 25.65 -28.08 -51.50
N ARG A 1489 26.31 -29.18 -51.86
CA ARG A 1489 27.69 -29.39 -51.41
C ARG A 1489 28.62 -28.31 -51.96
N ALA A 1490 28.48 -27.98 -53.23
CA ALA A 1490 29.32 -26.94 -53.83
C ALA A 1490 29.06 -25.59 -53.18
N ARG A 1491 27.79 -25.27 -52.93
CA ARG A 1491 27.47 -23.99 -52.29
C ARG A 1491 28.02 -23.93 -50.86
N THR A 1492 27.94 -25.04 -50.12
CA THR A 1492 28.49 -25.05 -48.76
C THR A 1492 30.01 -24.91 -48.80
N LEU A 1493 30.67 -25.59 -49.74
CA LEU A 1493 32.11 -25.44 -49.87
C LEU A 1493 32.49 -24.02 -50.23
N LYS A 1494 31.71 -23.36 -51.08
CA LYS A 1494 31.97 -21.96 -51.40
C LYS A 1494 31.79 -21.07 -50.19
N ALA A 1495 30.73 -21.30 -49.42
CA ALA A 1495 30.51 -20.52 -48.21
C ALA A 1495 31.66 -20.70 -47.22
N ILE A 1496 32.18 -21.92 -47.12
CA ILE A 1496 33.31 -22.16 -46.21
C ILE A 1496 34.57 -21.47 -46.72
N THR A 1497 34.84 -21.59 -48.02
CA THR A 1497 36.02 -20.95 -48.59
C THR A 1497 35.95 -19.43 -48.47
N LEU A 1498 34.73 -18.87 -48.45
CA LEU A 1498 34.57 -17.43 -48.27
C LEU A 1498 35.32 -16.96 -47.03
N TYR A 1499 35.17 -17.68 -45.92
CA TYR A 1499 35.92 -17.36 -44.72
C TYR A 1499 37.36 -17.86 -44.84
N GLY A 1500 37.54 -19.11 -45.25
CA GLY A 1500 38.86 -19.65 -45.48
C GLY A 1500 39.61 -19.99 -44.22
N ASP A 1501 40.90 -19.67 -44.18
CA ASP A 1501 41.74 -20.02 -43.04
C ASP A 1501 41.40 -19.22 -41.80
N ARG A 1502 40.69 -18.09 -41.94
CA ARG A 1502 40.37 -17.27 -40.77
C ARG A 1502 39.55 -18.04 -39.75
N LEU A 1503 38.73 -18.99 -40.20
CA LEU A 1503 37.90 -19.78 -39.31
C LEU A 1503 38.63 -21.02 -38.82
N LEU A 1504 39.39 -21.68 -39.70
CA LEU A 1504 40.18 -22.82 -39.28
C LEU A 1504 41.21 -22.44 -38.21
N ASN A 1505 41.76 -21.22 -38.30
CA ASN A 1505 42.70 -20.78 -37.27
C ASN A 1505 42.05 -20.78 -35.91
N VAL A 1506 40.85 -20.21 -35.80
CA VAL A 1506 40.15 -20.17 -34.51
C VAL A 1506 39.79 -21.59 -34.07
N ILE A 1507 39.33 -22.42 -35.02
CA ILE A 1507 38.96 -23.79 -34.66
C ILE A 1507 40.15 -24.53 -34.07
N CYS A 1508 41.33 -24.33 -34.66
CA CYS A 1508 42.53 -24.99 -34.13
C CYS A 1508 42.95 -24.38 -32.80
N ASP A 1509 42.81 -23.06 -32.66
CA ASP A 1509 43.19 -22.41 -31.42
C ASP A 1509 42.35 -22.89 -30.24
N ASP A 1510 41.04 -22.94 -30.40
CA ASP A 1510 40.15 -23.40 -29.33
C ASP A 1510 40.27 -24.90 -29.07
N ALA A 1511 41.00 -25.62 -29.91
CA ALA A 1511 41.23 -27.03 -29.68
C ALA A 1511 42.39 -27.24 -28.71
N TYR A 1512 42.42 -28.43 -28.10
CA TYR A 1512 43.44 -28.78 -27.10
C TYR A 1512 43.72 -27.62 -26.16
N GLY A 1513 42.66 -26.94 -25.74
CA GLY A 1513 42.75 -25.79 -24.87
C GLY A 1513 42.37 -26.10 -23.45
N SER A 1514 41.85 -25.09 -22.76
CA SER A 1514 41.45 -25.25 -21.36
C SER A 1514 40.14 -26.01 -21.23
N ASP A 1515 39.13 -25.61 -22.00
CA ASP A 1515 37.84 -26.27 -21.92
C ASP A 1515 37.95 -27.73 -22.35
N THR A 1516 37.03 -28.55 -21.86
CA THR A 1516 37.01 -29.97 -22.17
C THR A 1516 36.02 -30.34 -23.26
N THR A 1517 34.90 -29.62 -23.38
CA THR A 1517 33.91 -29.92 -24.40
C THR A 1517 34.16 -29.16 -25.70
N CYS A 1518 34.66 -27.92 -25.61
CA CYS A 1518 34.90 -27.14 -26.82
C CYS A 1518 35.98 -27.80 -27.68
N GLN A 1519 37.02 -28.33 -27.06
CA GLN A 1519 38.09 -28.97 -27.82
C GLN A 1519 37.57 -30.20 -28.56
N THR A 1520 36.75 -31.02 -27.90
CA THR A 1520 36.20 -32.20 -28.57
C THR A 1520 35.23 -31.79 -29.68
N ALA A 1521 34.40 -30.77 -29.42
CA ALA A 1521 33.49 -30.28 -30.46
C ALA A 1521 34.26 -29.82 -31.69
N ALA A 1522 35.36 -29.08 -31.49
CA ALA A 1522 36.18 -28.62 -32.60
C ALA A 1522 36.86 -29.78 -33.31
N MET A 1523 37.33 -30.77 -32.54
CA MET A 1523 37.97 -31.94 -33.15
C MET A 1523 36.98 -32.69 -34.04
N ILE A 1524 35.72 -32.81 -33.60
CA ILE A 1524 34.73 -33.51 -34.41
C ILE A 1524 34.31 -32.66 -35.60
N LEU A 1525 34.23 -31.34 -35.42
CA LEU A 1525 33.85 -30.46 -36.53
C LEU A 1525 34.92 -30.47 -37.61
N LEU A 1526 36.20 -30.57 -37.21
CA LEU A 1526 37.26 -30.68 -38.21
C LEU A 1526 37.12 -31.96 -39.03
N ASN A 1527 36.82 -33.07 -38.36
CA ASN A 1527 36.59 -34.33 -39.08
C ASN A 1527 35.43 -34.19 -40.05
N ALA A 1528 34.32 -33.62 -39.58
CA ALA A 1528 33.16 -33.43 -40.47
C ALA A 1528 33.53 -32.55 -41.66
N LEU A 1529 34.28 -31.48 -41.44
CA LEU A 1529 34.64 -30.58 -42.51
C LEU A 1529 35.53 -31.28 -43.54
N VAL A 1530 36.56 -31.99 -43.08
CA VAL A 1530 37.44 -32.67 -44.02
C VAL A 1530 36.69 -33.75 -44.78
N HIS A 1531 35.74 -34.42 -44.13
CA HIS A 1531 34.95 -35.43 -44.82
C HIS A 1531 34.10 -34.80 -45.91
N THR A 1532 33.37 -33.74 -45.58
CA THR A 1532 32.53 -33.06 -46.56
C THR A 1532 33.38 -32.46 -47.68
N SER A 1533 34.62 -32.09 -47.40
CA SER A 1533 35.47 -31.52 -48.44
C SER A 1533 36.01 -32.61 -49.37
N ARG A 1534 36.45 -33.74 -48.81
CA ARG A 1534 36.86 -34.86 -49.65
C ARG A 1534 35.71 -35.38 -50.49
N ALA A 1535 34.48 -35.30 -49.95
CA ALA A 1535 33.31 -35.74 -50.72
C ALA A 1535 33.14 -34.91 -51.98
N SER A 1536 33.61 -33.67 -51.98
CA SER A 1536 33.50 -32.80 -53.14
C SER A 1536 34.63 -33.08 -54.12
N VAL A 1546 43.08 -35.30 -57.41
CA VAL A 1546 43.29 -35.82 -56.08
C VAL A 1546 43.99 -34.78 -55.21
N ASP A 1547 43.19 -33.95 -54.54
CA ASP A 1547 43.72 -32.91 -53.68
C ASP A 1547 42.58 -32.37 -52.82
N CYS A 1548 42.93 -31.50 -51.88
CA CYS A 1548 41.94 -30.92 -50.98
C CYS A 1548 42.51 -29.64 -50.35
N PRO A 1549 41.76 -28.54 -50.33
CA PRO A 1549 42.30 -27.30 -49.75
C PRO A 1549 42.27 -27.26 -48.23
N ILE A 1550 41.38 -28.02 -47.59
CA ILE A 1550 41.28 -27.98 -46.13
C ILE A 1550 42.56 -28.52 -45.50
N ILE A 1551 43.08 -29.63 -46.03
CA ILE A 1551 44.30 -30.21 -45.47
C ILE A 1551 45.48 -29.25 -45.67
N ASP A 1552 45.55 -28.61 -46.84
CA ASP A 1552 46.63 -27.65 -47.08
C ASP A 1552 46.52 -26.47 -46.12
N ALA A 1553 45.30 -25.99 -45.88
CA ALA A 1553 45.13 -24.88 -44.95
C ALA A 1553 45.53 -25.27 -43.53
N LEU A 1554 45.11 -26.47 -43.10
CA LEU A 1554 45.49 -26.94 -41.77
C LEU A 1554 47.00 -27.08 -41.65
N ASN A 1555 47.66 -27.54 -42.72
CA ASN A 1555 49.12 -27.67 -42.68
C ASN A 1555 49.80 -26.32 -42.63
N ARG A 1556 49.25 -25.33 -43.35
CA ARG A 1556 49.85 -24.00 -43.36
C ARG A 1556 49.77 -23.33 -42.00
N LEU A 1557 48.74 -23.64 -41.22
CA LEU A 1557 48.57 -23.06 -39.89
C LEU A 1557 49.40 -23.76 -38.82
N ASN A 1558 50.27 -24.69 -39.22
CA ASN A 1558 51.12 -25.41 -38.26
C ASN A 1558 50.29 -26.24 -37.29
N PHE A 1559 49.11 -26.67 -37.72
CA PHE A 1559 48.25 -27.47 -36.84
C PHE A 1559 48.66 -28.93 -36.85
N ILE A 1560 49.02 -29.47 -38.02
CA ILE A 1560 49.42 -30.87 -38.10
C ILE A 1560 50.65 -31.13 -37.23
N GLY A 1561 51.58 -30.17 -37.19
CA GLY A 1561 52.77 -30.32 -36.39
C GLY A 1561 52.47 -30.52 -34.92
N VAL A 1562 51.74 -29.56 -34.33
CA VAL A 1562 51.39 -29.67 -32.91
C VAL A 1562 50.50 -30.87 -32.66
N LEU A 1563 49.63 -31.21 -33.62
CA LEU A 1563 48.75 -32.36 -33.44
C LEU A 1563 49.55 -33.66 -33.35
N VAL A 1564 50.57 -33.81 -34.20
CA VAL A 1564 51.40 -35.01 -34.14
C VAL A 1564 52.31 -34.97 -32.92
N ASP A 1565 52.75 -33.78 -32.51
CA ASP A 1565 53.60 -33.68 -31.33
C ASP A 1565 52.84 -34.07 -30.06
N SER A 1566 51.56 -33.71 -29.99
CA SER A 1566 50.75 -34.07 -28.83
C SER A 1566 50.49 -35.56 -28.72
N LEU A 1567 50.80 -36.33 -29.77
CA LEU A 1567 50.59 -37.77 -29.71
C LEU A 1567 51.39 -38.42 -28.58
N LYS A 1568 52.52 -37.82 -28.21
CA LYS A 1568 53.33 -38.36 -27.13
C LYS A 1568 52.56 -38.34 -25.82
N GLU A 1569 52.90 -39.29 -24.94
CA GLU A 1569 52.25 -39.42 -23.64
C GLU A 1569 50.75 -39.69 -23.78
N ILE A 1570 50.36 -40.40 -24.84
CA ILE A 1570 48.94 -40.71 -25.04
C ILE A 1570 48.45 -41.66 -23.96
N LEU A 1571 49.32 -42.53 -23.44
CA LEU A 1571 48.89 -43.46 -22.41
C LEU A 1571 48.40 -42.74 -21.16
N ASN A 1572 49.02 -41.60 -20.83
CA ASN A 1572 48.59 -40.85 -19.66
C ASN A 1572 47.18 -40.29 -19.85
N GLU A 1573 46.90 -39.74 -21.03
CA GLU A 1573 45.57 -39.19 -21.28
C GLU A 1573 44.52 -40.30 -21.33
N TRP A 1574 44.77 -41.33 -22.12
CA TRP A 1574 43.84 -42.45 -22.25
C TRP A 1574 43.63 -43.15 -20.91
N ALA A 1597 32.74 -42.72 -22.00
CA ALA A 1597 32.22 -42.14 -20.76
C ALA A 1597 33.08 -40.96 -20.31
N SER A 1598 34.37 -41.22 -20.11
CA SER A 1598 35.28 -40.18 -19.69
C SER A 1598 35.49 -39.16 -20.82
N PRO A 1599 35.68 -37.89 -20.48
CA PRO A 1599 35.87 -36.89 -21.56
C PRO A 1599 37.20 -37.05 -22.27
N SER A 1600 38.28 -37.33 -21.53
CA SER A 1600 39.59 -37.49 -22.18
C SER A 1600 39.59 -38.66 -23.15
N GLN A 1601 38.89 -39.74 -22.80
CA GLN A 1601 38.86 -40.91 -23.68
C GLN A 1601 38.21 -40.56 -25.02
N GLN A 1602 37.02 -39.95 -24.98
CA GLN A 1602 36.36 -39.58 -26.22
C GLN A 1602 37.15 -38.52 -26.98
N TYR A 1603 37.80 -37.60 -26.27
CA TYR A 1603 38.63 -36.60 -26.94
C TYR A 1603 39.76 -37.26 -27.71
N THR A 1604 40.48 -38.18 -27.07
CA THR A 1604 41.56 -38.89 -27.75
C THR A 1604 41.04 -39.73 -28.89
N SER A 1605 39.85 -40.32 -28.73
CA SER A 1605 39.27 -41.12 -29.80
C SER A 1605 38.98 -40.24 -31.01
N ALA A 1606 38.38 -39.07 -30.79
CA ALA A 1606 38.11 -38.15 -31.90
C ALA A 1606 39.41 -37.67 -32.53
N LYS A 1607 40.43 -37.41 -31.72
CA LYS A 1607 41.71 -36.96 -32.26
C LYS A 1607 42.33 -38.03 -33.16
N LEU A 1608 42.33 -39.29 -32.71
CA LEU A 1608 42.88 -40.36 -33.52
C LEU A 1608 42.05 -40.59 -34.77
N ALA A 1609 40.72 -40.43 -34.68
CA ALA A 1609 39.88 -40.56 -35.86
C ALA A 1609 40.22 -39.48 -36.89
N LEU A 1610 40.38 -38.24 -36.44
CA LEU A 1610 40.77 -37.16 -37.34
C LEU A 1610 42.12 -37.46 -37.98
N LEU A 1611 43.10 -37.86 -37.17
CA LEU A 1611 44.42 -38.19 -37.71
C LEU A 1611 44.34 -39.30 -38.75
N LEU A 1612 43.49 -40.31 -38.52
CA LEU A 1612 43.34 -41.40 -39.47
C LEU A 1612 42.66 -40.92 -40.75
N GLN A 1613 41.74 -39.96 -40.64
CA GLN A 1613 41.05 -39.47 -41.82
C GLN A 1613 42.01 -38.80 -42.79
N LEU A 1614 43.07 -38.16 -42.27
CA LEU A 1614 44.02 -37.48 -43.15
C LEU A 1614 44.90 -38.45 -43.91
N CYS A 1615 45.18 -39.62 -43.32
CA CYS A 1615 46.06 -40.60 -43.95
C CYS A 1615 45.43 -41.30 -45.14
N GLN A 1616 44.18 -40.98 -45.48
CA GLN A 1616 43.52 -41.61 -46.63
C GLN A 1616 43.81 -40.89 -47.95
N THR A 1617 44.03 -39.58 -47.89
CA THR A 1617 44.30 -38.82 -49.11
C THR A 1617 45.76 -39.00 -49.53
N ARG A 1618 46.00 -38.84 -50.83
CA ARG A 1618 47.36 -38.99 -51.35
C ARG A 1618 48.23 -37.81 -50.97
N GLN A 1619 47.66 -36.60 -50.94
CA GLN A 1619 48.46 -35.42 -50.60
C GLN A 1619 48.81 -35.39 -49.12
N GLY A 1620 47.90 -35.87 -48.27
CA GLY A 1620 48.15 -35.87 -46.83
C GLY A 1620 49.29 -36.76 -46.43
N ALA A 1621 49.64 -37.76 -47.26
CA ALA A 1621 50.74 -38.65 -46.92
C ALA A 1621 52.05 -37.89 -46.77
N LYS A 1622 52.32 -36.95 -47.67
CA LYS A 1622 53.57 -36.20 -47.61
C LYS A 1622 53.68 -35.44 -46.29
N TYR A 1623 52.61 -34.75 -45.89
CA TYR A 1623 52.66 -33.99 -44.65
C TYR A 1623 52.73 -34.90 -43.43
N VAL A 1624 51.97 -36.00 -43.44
CA VAL A 1624 52.00 -36.91 -42.29
C VAL A 1624 53.37 -37.55 -42.16
N LEU A 1625 54.10 -37.70 -43.27
CA LEU A 1625 55.45 -38.24 -43.19
C LEU A 1625 56.43 -37.17 -42.72
N GLN A 1626 56.29 -35.94 -43.23
CA GLN A 1626 57.14 -34.85 -42.78
C GLN A 1626 56.91 -34.51 -41.31
N ALA A 1627 55.77 -34.91 -40.73
CA ALA A 1627 55.51 -34.67 -39.32
C ALA A 1627 56.32 -35.58 -38.41
N ASN A 1628 56.90 -36.65 -38.94
CA ASN A 1628 57.76 -37.55 -38.16
C ASN A 1628 57.01 -38.11 -36.95
N LEU A 1629 55.95 -38.86 -37.24
CA LEU A 1629 55.15 -39.49 -36.19
C LEU A 1629 55.72 -40.82 -35.72
N PHE A 1630 56.63 -41.41 -36.50
CA PHE A 1630 57.21 -42.69 -36.11
C PHE A 1630 58.03 -42.55 -34.83
N ARG A 1631 58.78 -41.45 -34.70
CA ARG A 1631 59.55 -41.20 -33.49
C ARG A 1631 58.67 -40.68 -32.35
N ALA A 1632 57.50 -40.12 -32.65
CA ALA A 1632 56.61 -39.62 -31.61
C ALA A 1632 55.83 -40.77 -30.97
N LEU A 1633 55.38 -41.74 -31.78
CA LEU A 1633 54.63 -42.87 -31.25
C LEU A 1633 55.49 -43.82 -30.44
N GLU A 1634 56.81 -43.70 -30.51
CA GLU A 1634 57.71 -44.58 -29.77
C GLU A 1634 57.97 -44.08 -28.36
N GLN A 1635 58.07 -42.76 -28.18
CA GLN A 1635 58.34 -42.20 -26.86
C GLN A 1635 57.20 -42.48 -25.90
N SER A 1636 55.97 -42.61 -26.42
CA SER A 1636 54.81 -42.88 -25.56
C SER A 1636 54.88 -44.27 -24.94
N GLY A 1637 55.63 -45.20 -25.54
CA GLY A 1637 55.73 -46.53 -24.99
C GLY A 1637 54.41 -47.26 -24.90
N VAL A 1638 53.46 -46.95 -25.78
CA VAL A 1638 52.17 -47.63 -25.74
C VAL A 1638 52.31 -49.09 -26.14
N PHE A 1639 53.24 -49.39 -27.05
CA PHE A 1639 53.44 -50.76 -27.51
C PHE A 1639 54.30 -51.53 -26.51
N VAL A 1657 37.05 -56.63 -18.56
CA VAL A 1657 36.87 -56.92 -19.97
C VAL A 1657 36.69 -55.63 -20.75
N VAL A 1658 36.21 -54.59 -20.08
CA VAL A 1658 36.00 -53.30 -20.73
C VAL A 1658 37.32 -52.54 -20.89
N ALA A 1659 38.18 -52.58 -19.87
CA ALA A 1659 39.48 -51.93 -20.00
C ALA A 1659 40.31 -52.57 -21.11
N LEU A 1660 40.28 -53.90 -21.21
CA LEU A 1660 40.97 -54.56 -22.31
C LEU A 1660 40.36 -54.17 -23.65
N GLU A 1661 39.04 -54.04 -23.71
CA GLU A 1661 38.39 -53.62 -24.94
C GLU A 1661 38.85 -52.23 -25.36
N ARG A 1662 38.94 -51.30 -24.39
CA ARG A 1662 39.39 -49.95 -24.71
C ARG A 1662 40.85 -49.94 -25.15
N HIS A 1663 41.69 -50.74 -24.48
CA HIS A 1663 43.09 -50.82 -24.87
C HIS A 1663 43.22 -51.36 -26.29
N TYR A 1664 42.47 -52.41 -26.62
CA TYR A 1664 42.52 -52.96 -27.97
C TYR A 1664 41.96 -51.97 -28.99
N ALA A 1665 40.96 -51.17 -28.61
CA ALA A 1665 40.45 -50.16 -29.53
C ALA A 1665 41.49 -49.09 -29.80
N LEU A 1666 42.21 -48.66 -28.77
CA LEU A 1666 43.29 -47.69 -28.97
C LEU A 1666 44.38 -48.27 -29.86
N LEU A 1667 44.75 -49.53 -29.61
CA LEU A 1667 45.77 -50.18 -30.45
C LEU A 1667 45.29 -50.29 -31.90
N VAL A 1668 44.00 -50.57 -32.10
CA VAL A 1668 43.45 -50.66 -33.44
C VAL A 1668 43.52 -49.30 -34.12
N ALA A 1669 43.17 -48.24 -33.41
CA ALA A 1669 43.25 -46.90 -33.98
C ALA A 1669 44.68 -46.57 -34.40
N LEU A 1670 45.64 -46.85 -33.51
CA LEU A 1670 47.03 -46.55 -33.83
C LEU A 1670 47.51 -47.36 -35.03
N ALA A 1671 47.16 -48.66 -35.07
CA ALA A 1671 47.58 -49.50 -36.19
C ALA A 1671 46.95 -49.03 -37.49
N ARG A 1672 45.69 -48.62 -37.45
CA ARG A 1672 45.05 -48.09 -38.64
C ARG A 1672 45.74 -46.83 -39.13
N VAL A 1673 46.05 -45.92 -38.21
CA VAL A 1673 46.76 -44.69 -38.58
C VAL A 1673 48.09 -45.02 -39.24
N VAL A 1674 48.85 -45.93 -38.63
CA VAL A 1674 50.16 -46.29 -39.16
C VAL A 1674 50.02 -46.91 -40.55
N GLY A 1675 49.10 -47.87 -40.69
CA GLY A 1675 48.92 -48.52 -41.97
C GLY A 1675 48.50 -47.57 -43.06
N ALA A 1676 47.57 -46.66 -42.76
CA ALA A 1676 47.14 -45.67 -43.74
C ALA A 1676 48.28 -44.75 -44.13
N ALA A 1677 49.04 -44.26 -43.15
CA ALA A 1677 50.16 -43.39 -43.46
C ALA A 1677 51.20 -44.11 -44.32
N VAL A 1678 51.38 -45.41 -44.10
CA VAL A 1678 52.39 -46.15 -44.85
C VAL A 1678 51.91 -46.44 -46.28
N THR A 1679 50.63 -46.79 -46.42
CA THR A 1679 50.10 -47.21 -47.72
C THR A 1679 49.59 -46.06 -48.57
N ALA A 1680 49.48 -44.85 -48.02
CA ALA A 1680 48.97 -43.74 -48.81
C ALA A 1680 49.94 -43.34 -49.92
N ARG A 1681 51.21 -43.11 -49.57
CA ARG A 1681 52.17 -42.63 -50.55
C ARG A 1681 52.62 -43.75 -51.47
N GLY A 1682 53.25 -44.79 -50.91
CA GLY A 1682 53.69 -45.91 -51.72
C GLY A 1682 54.97 -46.55 -51.22
N ALA A 1683 55.94 -46.71 -52.11
CA ALA A 1683 57.20 -47.37 -51.79
C ALA A 1683 58.18 -46.47 -51.03
N HIS A 1684 57.78 -45.24 -50.68
CA HIS A 1684 58.65 -44.35 -49.94
C HIS A 1684 58.56 -44.53 -48.43
N ASN A 1685 57.47 -45.12 -47.94
CA ASN A 1685 57.27 -45.33 -46.51
C ASN A 1685 57.44 -46.79 -46.10
N ILE A 1686 57.70 -47.69 -47.05
CA ILE A 1686 57.81 -49.11 -46.71
C ILE A 1686 58.98 -49.36 -45.76
N VAL A 1687 60.02 -48.52 -45.82
CA VAL A 1687 61.16 -48.71 -44.93
C VAL A 1687 60.74 -48.48 -43.47
N GLN A 1688 59.95 -47.43 -43.22
CA GLN A 1688 59.48 -47.18 -41.87
C GLN A 1688 58.56 -48.29 -41.39
N GLY A 1689 57.73 -48.83 -42.29
CA GLY A 1689 56.88 -49.95 -41.91
C GLY A 1689 57.69 -51.18 -41.54
N ARG A 1690 58.72 -51.50 -42.33
CA ARG A 1690 59.59 -52.62 -42.00
C ARG A 1690 60.29 -52.40 -40.67
N LYS A 1691 60.78 -51.18 -40.43
CA LYS A 1691 61.44 -50.90 -39.16
C LYS A 1691 60.48 -51.06 -37.99
N PHE A 1692 59.24 -50.58 -38.14
CA PHE A 1692 58.27 -50.70 -37.06
C PHE A 1692 57.89 -52.15 -36.82
N LEU A 1693 57.76 -52.95 -37.88
CA LEU A 1693 57.40 -54.35 -37.72
C LEU A 1693 58.55 -55.15 -37.12
N THR A 1694 59.79 -54.77 -37.41
CA THR A 1694 60.94 -55.48 -36.84
C THR A 1694 61.17 -55.10 -35.39
N GLN A 1695 61.00 -53.82 -35.05
CA GLN A 1695 61.21 -53.39 -33.68
C GLN A 1695 60.09 -53.85 -32.76
N HIS A 1696 58.90 -54.09 -33.31
CA HIS A 1696 57.74 -54.51 -32.53
C HIS A 1696 57.30 -55.93 -32.91
N ARG A 1697 58.23 -56.75 -33.38
CA ARG A 1697 57.89 -58.11 -33.75
C ARG A 1697 57.46 -58.90 -32.52
N GLY A 1698 56.66 -59.93 -32.76
CA GLY A 1698 56.16 -60.79 -31.68
C GLY A 1698 54.82 -60.36 -31.11
N LEU A 1699 54.68 -59.06 -30.80
CA LEU A 1699 53.40 -58.57 -30.28
C LEU A 1699 52.29 -58.77 -31.29
N VAL A 1700 52.56 -58.44 -32.56
CA VAL A 1700 51.55 -58.62 -33.60
C VAL A 1700 51.26 -60.09 -33.84
N VAL A 1701 52.24 -60.96 -33.57
CA VAL A 1701 52.02 -62.39 -33.78
C VAL A 1701 50.95 -62.91 -32.84
N HIS A 1702 50.94 -62.44 -31.59
CA HIS A 1702 49.91 -62.87 -30.64
C HIS A 1702 48.52 -62.46 -31.13
N VAL A 1703 48.38 -61.25 -31.66
CA VAL A 1703 47.09 -60.80 -32.15
C VAL A 1703 46.68 -61.61 -33.38
N LEU A 1704 47.62 -61.88 -34.28
CA LEU A 1704 47.30 -62.62 -35.49
C LEU A 1704 46.98 -64.08 -35.21
N LYS A 1705 47.50 -64.63 -34.10
CA LYS A 1705 47.20 -66.02 -33.73
C LYS A 1705 45.97 -66.14 -32.85
N LYS A 1706 45.61 -65.09 -32.11
CA LYS A 1706 44.44 -65.17 -31.24
C LYS A 1706 43.17 -65.38 -32.05
N ASN A 1707 42.95 -64.55 -33.08
CA ASN A 1707 41.76 -64.70 -33.90
C ASN A 1707 41.79 -66.01 -34.69
N ALA A 1708 42.96 -66.47 -35.08
CA ALA A 1708 43.09 -67.72 -35.83
C ALA A 1708 42.70 -68.90 -34.97
N ILE A 1737 28.81 -61.97 -22.62
CA ILE A 1737 28.77 -62.37 -24.02
C ILE A 1737 28.98 -61.16 -24.92
N LEU A 1738 28.27 -60.06 -24.61
CA LEU A 1738 28.41 -58.85 -25.41
C LEU A 1738 29.83 -58.32 -25.35
N ALA A 1739 30.39 -58.21 -24.14
CA ALA A 1739 31.77 -57.75 -24.00
C ALA A 1739 32.74 -58.70 -24.70
N GLN A 1740 32.47 -60.00 -24.64
CA GLN A 1740 33.33 -60.97 -25.31
C GLN A 1740 33.29 -60.76 -26.82
N GLN A 1741 32.10 -60.56 -27.38
CA GLN A 1741 31.99 -60.33 -28.82
C GLN A 1741 32.68 -59.02 -29.21
N ALA A 1742 32.54 -57.99 -28.38
CA ALA A 1742 33.21 -56.72 -28.68
C ALA A 1742 34.73 -56.89 -28.66
N LEU A 1743 35.25 -57.62 -27.68
CA LEU A 1743 36.69 -57.87 -27.63
C LEU A 1743 37.16 -58.66 -28.83
N GLU A 1744 36.38 -59.68 -29.23
CA GLU A 1744 36.75 -60.45 -30.41
C GLU A 1744 36.74 -59.59 -31.67
N GLU A 1745 35.76 -58.70 -31.79
CA GLU A 1745 35.71 -57.80 -32.93
C GLU A 1745 36.91 -56.86 -32.96
N ARG A 1746 37.28 -56.33 -31.79
CA ARG A 1746 38.45 -55.45 -31.72
C ARG A 1746 39.72 -56.21 -32.09
N ILE A 1747 39.86 -57.45 -31.63
CA ILE A 1747 41.03 -58.25 -31.98
C ILE A 1747 41.06 -58.52 -33.47
N GLU A 1748 39.90 -58.82 -34.07
CA GLU A 1748 39.85 -59.04 -35.50
C GLU A 1748 40.24 -57.79 -36.27
N GLU A 1749 39.77 -56.63 -35.82
CA GLU A 1749 40.13 -55.38 -36.49
C GLU A 1749 41.62 -55.10 -36.37
N LEU A 1750 42.20 -55.37 -35.20
CA LEU A 1750 43.63 -55.18 -35.03
C LEU A 1750 44.43 -56.10 -35.94
N ALA A 1751 44.02 -57.37 -36.01
CA ALA A 1751 44.69 -58.32 -36.89
C ALA A 1751 44.58 -57.89 -38.35
N GLU A 1752 43.40 -57.43 -38.76
CA GLU A 1752 43.23 -57.00 -40.14
C GLU A 1752 44.08 -55.77 -40.44
N ALA A 1753 44.16 -54.82 -39.51
CA ALA A 1753 44.98 -53.65 -39.73
C ALA A 1753 46.46 -54.03 -39.85
N PHE A 1754 46.94 -54.91 -38.97
CA PHE A 1754 48.34 -55.31 -39.04
C PHE A 1754 48.61 -56.08 -40.34
N MET A 1755 47.67 -56.92 -40.77
CA MET A 1755 47.86 -57.65 -42.02
C MET A 1755 47.89 -56.71 -43.21
N LEU A 1756 47.03 -55.68 -43.20
CA LEU A 1756 47.06 -54.68 -44.26
C LEU A 1756 48.39 -53.95 -44.28
N LEU A 1757 48.87 -53.54 -43.10
CA LEU A 1757 50.18 -52.88 -43.03
C LEU A 1757 51.28 -53.78 -43.57
N ILE A 1758 51.26 -55.06 -43.22
CA ILE A 1758 52.29 -55.98 -43.68
C ILE A 1758 52.24 -56.12 -45.19
N THR A 1759 51.06 -56.42 -45.74
CA THR A 1759 50.95 -56.65 -47.18
C THR A 1759 51.25 -55.39 -47.97
N ALA A 1760 51.02 -54.21 -47.38
CA ALA A 1760 51.35 -52.97 -48.07
C ALA A 1760 52.82 -52.63 -47.97
N THR A 1761 53.48 -53.04 -46.88
CA THR A 1761 54.90 -52.74 -46.71
C THR A 1761 55.78 -53.70 -47.48
N GLY A 1762 55.35 -54.96 -47.63
CA GLY A 1762 56.14 -55.93 -48.35
C GLY A 1762 57.18 -56.63 -47.49
N PHE A 1763 56.86 -56.92 -46.23
CA PHE A 1763 57.81 -57.57 -45.34
C PHE A 1763 58.15 -58.99 -45.78
N LEU A 1764 57.28 -59.62 -46.59
CA LEU A 1764 57.54 -60.98 -47.02
C LEU A 1764 58.82 -61.07 -47.85
N GLU A 1765 59.06 -60.06 -48.70
CA GLU A 1765 60.27 -60.07 -49.51
C GLU A 1765 61.53 -59.96 -48.66
N TYR A 1766 61.43 -59.31 -47.49
CA TYR A 1766 62.60 -59.18 -46.63
C TYR A 1766 62.96 -60.51 -45.98
N GLU A 1767 61.97 -61.29 -45.58
CA GLU A 1767 62.20 -62.58 -44.94
C GLU A 1767 63.06 -62.43 -43.70
N SER B 1 -2.60 -38.48 -7.88
CA SER B 1 -1.33 -38.26 -7.21
C SER B 1 -0.48 -37.22 -7.95
N GLY B 2 0.72 -36.98 -7.46
CA GLY B 2 1.60 -36.01 -8.08
C GLY B 2 2.55 -35.43 -7.04
N THR B 3 3.01 -34.21 -7.34
CA THR B 3 3.93 -33.47 -6.47
C THR B 3 5.26 -34.18 -6.30
N GLY B 4 5.57 -35.13 -7.18
CA GLY B 4 6.84 -35.83 -7.14
C GLY B 4 6.70 -37.33 -6.96
N LEU B 5 7.15 -38.09 -7.96
CA LEU B 5 7.14 -39.55 -7.90
C LEU B 5 8.31 -40.02 -8.77
N GLY B 6 9.46 -40.26 -8.15
CA GLY B 6 10.65 -40.58 -8.92
C GLY B 6 10.93 -39.57 -10.01
N GLU B 7 10.65 -38.30 -9.74
CA GLU B 7 10.82 -37.23 -10.71
C GLU B 7 12.10 -36.46 -10.42
N VAL B 8 12.34 -35.41 -11.20
CA VAL B 8 13.50 -34.54 -11.08
C VAL B 8 13.03 -33.09 -11.16
N ASP B 9 13.97 -32.17 -11.03
CA ASP B 9 13.69 -30.74 -11.08
C ASP B 9 14.14 -30.15 -12.42
N VAL B 10 13.59 -28.98 -12.74
CA VAL B 10 13.87 -28.35 -14.03
C VAL B 10 15.36 -28.07 -14.17
N ASP B 11 15.99 -27.58 -13.11
CA ASP B 11 17.43 -27.30 -13.17
C ASP B 11 18.22 -28.56 -13.52
N THR B 12 17.81 -29.70 -12.97
CA THR B 12 18.45 -30.97 -13.32
C THR B 12 17.88 -31.53 -14.61
N TYR B 13 16.62 -31.21 -14.94
CA TYR B 13 16.03 -31.71 -16.18
C TYR B 13 16.76 -31.18 -17.40
N LEU B 14 17.04 -29.87 -17.43
CA LEU B 14 17.75 -29.30 -18.55
C LEU B 14 19.17 -29.84 -18.64
N SER B 15 19.83 -30.01 -17.49
CA SER B 15 21.18 -30.58 -17.49
C SER B 15 21.18 -31.99 -18.05
N ASN B 16 20.20 -32.81 -17.65
CA ASN B 16 20.12 -34.17 -18.17
C ASN B 16 19.84 -34.16 -19.67
N LEU B 17 18.98 -33.23 -20.12
CA LEU B 17 18.72 -33.12 -21.56
C LEU B 17 19.99 -32.79 -22.32
N GLN B 18 20.75 -31.80 -21.84
CA GLN B 18 21.98 -31.42 -22.51
C GLN B 18 22.98 -32.57 -22.52
N THR B 19 23.11 -33.28 -21.39
CA THR B 19 24.04 -34.40 -21.34
C THR B 19 23.63 -35.50 -22.31
N LYS B 20 22.33 -35.79 -22.38
CA LYS B 20 21.86 -36.81 -23.33
C LYS B 20 22.12 -36.39 -24.76
N THR B 21 21.88 -35.12 -25.09
CA THR B 21 22.15 -34.64 -26.44
C THR B 21 23.63 -34.77 -26.78
N THR B 22 24.51 -34.39 -25.83
CA THR B 22 25.93 -34.48 -26.08
C THR B 22 26.36 -35.93 -26.28
N LEU B 23 25.88 -36.83 -25.42
CA LEU B 23 26.24 -38.24 -25.56
C LEU B 23 25.75 -38.81 -26.88
N SER B 24 24.52 -38.46 -27.28
CA SER B 24 24.00 -38.95 -28.55
C SER B 24 24.82 -38.41 -29.72
N MET B 25 25.23 -37.14 -29.66
CA MET B 25 26.06 -36.57 -30.72
C MET B 25 27.38 -37.30 -30.81
N ILE B 26 28.02 -37.55 -29.66
CA ILE B 26 29.31 -38.25 -29.67
C ILE B 26 29.15 -39.66 -30.21
N ALA B 27 28.10 -40.36 -29.81
CA ALA B 27 27.88 -41.72 -30.29
C ALA B 27 27.63 -41.73 -31.80
N ASP B 28 26.82 -40.79 -32.29
CA ASP B 28 26.55 -40.72 -33.73
C ASP B 28 27.83 -40.43 -34.49
N GLY B 29 28.66 -39.51 -34.00
CA GLY B 29 29.91 -39.23 -34.67
C GLY B 29 30.83 -40.44 -34.71
N LEU B 30 30.96 -41.14 -33.58
CA LEU B 30 31.79 -42.33 -33.54
C LEU B 30 31.28 -43.39 -34.51
N GLU B 31 29.97 -43.62 -34.53
CA GLU B 31 29.41 -44.62 -35.42
C GLU B 31 29.61 -44.24 -36.89
N ARG B 32 29.45 -42.96 -37.22
CA ARG B 32 29.65 -42.52 -38.59
C ARG B 32 31.10 -42.67 -39.00
N SER B 33 32.04 -42.33 -38.11
CA SER B 33 33.45 -42.51 -38.41
C SER B 33 33.77 -43.98 -38.64
N ALA B 34 33.25 -44.86 -37.77
CA ALA B 34 33.50 -46.29 -37.93
C ALA B 34 32.93 -46.80 -39.25
N ARG B 35 31.71 -46.36 -39.60
CA ARG B 35 31.10 -46.81 -40.85
C ARG B 35 31.89 -46.32 -42.05
N ASP B 36 32.36 -45.07 -42.02
CA ASP B 36 33.16 -44.55 -43.12
C ASP B 36 34.47 -45.33 -43.25
N PHE B 37 35.12 -45.62 -42.13
CA PHE B 37 36.36 -46.41 -42.19
C PHE B 37 36.11 -47.81 -42.74
N ASP B 38 35.00 -48.44 -42.31
CA ASP B 38 34.68 -49.78 -42.82
C ASP B 38 34.41 -49.73 -44.32
N ALA B 39 33.69 -48.73 -44.78
CA ALA B 39 33.42 -48.61 -46.21
C ALA B 39 34.71 -48.37 -47.00
N PHE B 40 35.60 -47.55 -46.47
CA PHE B 40 36.88 -47.30 -47.13
C PHE B 40 37.69 -48.59 -47.23
N LEU B 41 37.75 -49.35 -46.14
CA LEU B 41 38.49 -50.61 -46.16
C LEU B 41 37.87 -51.61 -47.13
N GLU B 42 36.54 -51.66 -47.18
CA GLU B 42 35.86 -52.57 -48.10
C GLU B 42 36.15 -52.18 -49.55
N GLU B 43 36.17 -50.87 -49.83
CA GLU B 43 36.45 -50.43 -51.19
C GLU B 43 37.90 -50.69 -51.58
N ASN B 44 38.82 -50.57 -50.61
CA ASN B 44 40.23 -50.77 -50.92
C ASN B 44 40.61 -52.24 -50.99
N VAL B 45 39.87 -53.11 -50.30
CA VAL B 45 40.21 -54.53 -50.27
C VAL B 45 39.44 -55.31 -51.33
N THR B 46 38.28 -54.83 -51.75
CA THR B 46 37.48 -55.53 -52.75
C THR B 46 38.13 -55.52 -54.13
N LEU B 47 39.25 -54.81 -54.31
CA LEU B 47 39.90 -54.77 -55.61
C LEU B 47 40.39 -56.16 -56.01
N GLU B 48 41.24 -56.76 -55.19
CA GLU B 48 41.78 -58.09 -55.47
C GLU B 48 42.54 -58.56 -54.24
N TRP B 49 42.91 -59.84 -54.25
CA TRP B 49 43.66 -60.46 -53.16
C TRP B 49 42.90 -60.32 -51.84
N GLU B 50 41.72 -60.93 -51.79
CA GLU B 50 40.90 -60.88 -50.58
C GLU B 50 41.35 -61.92 -49.57
N ALA B 51 41.60 -63.15 -50.03
CA ALA B 51 42.01 -64.23 -49.14
C ALA B 51 43.49 -64.54 -49.21
N GLN B 52 44.19 -64.15 -50.28
CA GLN B 52 45.61 -64.43 -50.39
C GLN B 52 46.41 -63.66 -49.36
N ARG B 53 45.99 -62.43 -49.04
CA ARG B 53 46.72 -61.63 -48.07
C ARG B 53 46.86 -62.34 -46.73
N LYS B 54 45.84 -63.11 -46.33
CA LYS B 54 45.91 -63.87 -45.10
C LYS B 54 46.49 -65.26 -45.30
N ARG B 55 46.31 -65.84 -46.49
CA ARG B 55 46.85 -67.17 -46.76
C ARG B 55 48.37 -67.16 -46.77
N ILE B 56 48.98 -66.11 -47.33
CA ILE B 56 50.43 -66.02 -47.35
C ILE B 56 50.98 -66.04 -45.92
N TYR B 57 50.32 -65.34 -45.00
CA TYR B 57 50.79 -65.32 -43.62
C TYR B 57 50.52 -66.64 -42.93
N GLN B 58 49.33 -67.23 -43.14
CA GLN B 58 49.03 -68.52 -42.54
C GLN B 58 50.02 -69.58 -43.00
N HIS B 59 50.54 -69.45 -44.22
CA HIS B 59 51.54 -70.40 -44.70
C HIS B 59 52.92 -70.07 -44.16
N PHE B 60 53.24 -68.78 -44.05
CA PHE B 60 54.55 -68.38 -43.51
C PHE B 60 54.59 -68.57 -42.00
N GLY B 61 53.70 -67.90 -41.28
CA GLY B 61 53.67 -68.00 -39.84
C GLY B 61 53.05 -69.30 -39.36
N ILE B 62 53.24 -69.55 -38.06
CA ILE B 62 52.70 -70.77 -37.46
C ILE B 62 51.18 -70.70 -37.45
N LYS B 63 50.53 -71.70 -38.02
CA LYS B 63 49.07 -71.75 -38.08
C LYS B 63 48.48 -71.85 -36.68
#